data_6JJ9
#
_entry.id   6JJ9
#
_cell.length_a   131.120
_cell.length_b   131.120
_cell.length_c   186.192
_cell.angle_alpha   90.00
_cell.angle_beta   90.00
_cell.angle_gamma   120.00
#
_symmetry.space_group_name_H-M   'P 32 2 1'
#
loop_
_entity.id
_entity.type
_entity.pdbx_description
1 polymer Hexokinase-6
2 non-polymer "ADENOSINE-5'-DIPHOSPHATE"
3 non-polymer 'PHOSPHATE ION'
4 non-polymer 'MAGNESIUM ION'
5 non-polymer beta-D-glucopyranose
#
_entity_poly.entity_id   1
_entity_poly.type   'polypeptide(L)'
_entity_poly.pdbx_seq_one_letter_code
;EERRRRAAAVIEEVEQRFSTPTALLRGIADAMVEEMERGLRADPHAPLKMLISYVDNLPTGDEHGLFYALDLGGTNFRVI
RVQLGGREKRVVSQQYEEVAIPPHLMVGTSMELFDFIAAELESFVKTEGEDFHLPEGRQRELGFTFSFPVHQTSISSGTL
IKWTKGFSINGTVGEDVVAELSRAMERQGLDMKVTALVNDTVGTLAGGRYVDNDVAAAVILGTGTNAAYVEHANAIPKWT
GLLPRSGNMVINMEWGNFKSERLPRSDYDNALDFESLNPGEQIYEKMISGMYLGEIVRRILLKLAHDASLFGDVVPTKLE
QRFILRTPDMSAMHHDTSHDLKHLGAKLKDILGVADTSLEARYITLHVCDLVAERGARLAAAGIYGILKKLGRDRVPSDG
SQKQRTVIALDGGLYEHYKKFRTCLEATLADLLGEEAASSVVVKLANDGSGIGAALLAASHSQYA
;
_entity_poly.pdbx_strand_id   C,A,E
#
loop_
_chem_comp.id
_chem_comp.type
_chem_comp.name
_chem_comp.formula
ADP non-polymer ADENOSINE-5'-DIPHOSPHATE 'C10 H15 N5 O10 P2'
BGC D-saccharide, beta linking beta-D-glucopyranose 'C6 H12 O6'
MG non-polymer 'MAGNESIUM ION' 'Mg 2'
PO4 non-polymer 'PHOSPHATE ION' 'O4 P -3'
#
# COMPACT_ATOMS: atom_id res chain seq x y z
N GLU A 1 -34.76 -1.85 -27.30
CA GLU A 1 -33.95 -0.77 -27.82
C GLU A 1 -32.81 -1.31 -28.65
N GLU A 2 -31.91 -0.42 -28.97
CA GLU A 2 -30.75 -0.82 -29.68
C GLU A 2 -29.94 -1.22 -28.50
N ARG A 3 -30.11 -0.59 -27.36
CA ARG A 3 -29.34 -1.01 -26.22
C ARG A 3 -29.26 -2.52 -26.20
N ARG A 4 -30.22 -3.20 -26.79
CA ARG A 4 -30.25 -4.65 -26.78
C ARG A 4 -29.28 -5.27 -27.74
N ARG A 5 -29.13 -4.68 -28.89
CA ARG A 5 -28.20 -5.23 -29.83
C ARG A 5 -26.81 -4.87 -29.48
N ARG A 6 -26.66 -3.84 -28.67
CA ARG A 6 -25.35 -3.40 -28.22
C ARG A 6 -24.84 -4.39 -27.22
N ALA A 7 -25.71 -4.83 -26.37
CA ALA A 7 -25.34 -5.86 -25.39
C ALA A 7 -25.03 -7.18 -26.08
N ALA A 8 -25.72 -7.49 -27.17
CA ALA A 8 -25.47 -8.75 -27.86
C ALA A 8 -24.08 -8.80 -28.48
N ALA A 9 -23.59 -7.66 -28.96
CA ALA A 9 -22.26 -7.63 -29.55
C ALA A 9 -21.17 -7.89 -28.51
N VAL A 10 -21.36 -7.39 -27.29
CA VAL A 10 -20.39 -7.62 -26.22
C VAL A 10 -20.35 -9.11 -25.87
N ILE A 11 -21.51 -9.69 -25.57
CA ILE A 11 -21.58 -11.12 -25.26
C ILE A 11 -21.07 -11.94 -26.43
N GLU A 12 -21.19 -11.46 -27.64
CA GLU A 12 -20.66 -12.28 -28.66
C GLU A 12 -19.19 -12.33 -28.67
N GLU A 13 -18.51 -11.22 -28.43
CA GLU A 13 -17.05 -11.28 -28.40
C GLU A 13 -16.53 -11.97 -27.20
N VAL A 14 -17.30 -12.01 -26.16
CA VAL A 14 -16.94 -12.82 -24.99
C VAL A 14 -17.03 -14.30 -25.37
N GLU A 15 -18.09 -14.74 -25.98
CA GLU A 15 -18.17 -16.13 -26.29
C GLU A 15 -17.38 -16.46 -27.47
N GLN A 16 -16.57 -15.55 -27.92
CA GLN A 16 -15.77 -15.76 -29.11
C GLN A 16 -14.35 -15.88 -28.71
N ARG A 17 -13.96 -15.17 -27.66
CA ARG A 17 -12.61 -15.19 -27.15
C ARG A 17 -12.52 -16.20 -26.13
N PHE A 18 -13.57 -16.38 -25.37
CA PHE A 18 -13.55 -17.43 -24.37
C PHE A 18 -13.78 -18.82 -24.96
N SER A 19 -14.04 -18.92 -26.26
CA SER A 19 -14.37 -20.19 -26.88
C SER A 19 -13.22 -21.19 -26.72
N THR A 20 -13.54 -22.37 -26.21
CA THR A 20 -12.55 -23.44 -26.00
C THR A 20 -13.06 -24.73 -26.62
N PRO A 21 -13.07 -24.83 -27.94
CA PRO A 21 -13.42 -26.11 -28.58
C PRO A 21 -12.41 -27.18 -28.20
N THR A 22 -12.91 -28.42 -28.05
CA THR A 22 -12.05 -29.53 -27.64
C THR A 22 -10.77 -29.60 -28.45
N ALA A 23 -10.84 -29.28 -29.75
CA ALA A 23 -9.64 -29.25 -30.58
C ALA A 23 -8.60 -28.32 -30.00
N LEU A 24 -9.01 -27.12 -29.58
CA LEU A 24 -8.06 -26.18 -28.98
C LEU A 24 -7.53 -26.71 -27.66
N LEU A 25 -8.35 -27.37 -26.90
CA LEU A 25 -7.93 -27.89 -25.65
C LEU A 25 -6.93 -28.95 -25.79
N ARG A 26 -6.86 -29.57 -26.95
CA ARG A 26 -5.92 -30.64 -27.17
C ARG A 26 -4.60 -30.01 -27.42
N GLY A 27 -4.58 -28.97 -28.20
CA GLY A 27 -3.36 -28.23 -28.47
C GLY A 27 -2.78 -27.58 -27.23
N ILE A 28 -3.64 -27.13 -26.33
CA ILE A 28 -3.18 -26.54 -25.08
C ILE A 28 -2.53 -27.59 -24.18
N ALA A 29 -3.16 -28.77 -24.07
CA ALA A 29 -2.53 -29.87 -23.34
C ALA A 29 -1.19 -30.23 -23.96
N ASP A 30 -1.12 -30.24 -25.30
CA ASP A 30 0.16 -30.47 -25.96
C ASP A 30 1.19 -29.41 -25.57
N ALA A 31 0.76 -28.14 -25.52
CA ALA A 31 1.68 -27.08 -25.13
C ALA A 31 2.07 -27.21 -23.67
N MET A 32 1.15 -27.67 -22.82
CA MET A 32 1.46 -27.91 -21.42
C MET A 32 2.62 -28.90 -21.28
N VAL A 33 2.56 -30.00 -22.04
CA VAL A 33 3.62 -31.01 -21.99
C VAL A 33 4.92 -30.45 -22.55
N GLU A 34 4.89 -29.66 -23.60
CA GLU A 34 6.13 -29.08 -24.10
C GLU A 34 6.71 -28.15 -23.07
N GLU A 35 5.89 -27.44 -22.35
CA GLU A 35 6.47 -26.57 -21.33
C GLU A 35 6.99 -27.37 -20.14
N MET A 36 6.41 -28.52 -19.85
CA MET A 36 6.94 -29.37 -18.79
C MET A 36 8.34 -29.85 -19.13
N GLU A 37 8.59 -30.15 -20.40
CA GLU A 37 9.91 -30.56 -20.83
C GLU A 37 10.91 -29.41 -20.71
N ARG A 38 10.46 -28.24 -21.03
CA ARG A 38 11.24 -27.06 -20.96
C ARG A 38 11.69 -26.79 -19.56
N GLY A 39 10.81 -26.88 -18.57
CA GLY A 39 11.12 -26.62 -17.18
C GLY A 39 12.02 -27.68 -16.56
N LEU A 40 11.95 -28.91 -16.99
CA LEU A 40 12.79 -29.92 -16.41
C LEU A 40 14.18 -29.89 -16.91
N ARG A 41 14.43 -29.21 -18.01
CA ARG A 41 15.77 -29.04 -18.52
C ARG A 41 16.31 -27.69 -18.13
N ALA A 42 15.48 -26.87 -17.55
CA ALA A 42 15.87 -25.60 -17.08
C ALA A 42 16.17 -24.66 -18.21
N ASP A 43 15.29 -24.65 -19.20
CA ASP A 43 15.39 -23.82 -20.37
C ASP A 43 15.24 -22.49 -19.78
N PRO A 44 15.80 -21.47 -20.35
CA PRO A 44 15.63 -20.17 -19.73
C PRO A 44 14.33 -19.61 -20.21
N HIS A 45 13.67 -18.83 -19.36
CA HIS A 45 12.42 -18.24 -19.72
C HIS A 45 11.40 -19.34 -19.85
N ALA A 46 11.41 -20.23 -18.87
CA ALA A 46 10.51 -21.32 -18.83
C ALA A 46 9.41 -20.85 -18.00
N PRO A 47 8.16 -21.05 -18.39
CA PRO A 47 7.06 -20.60 -17.56
C PRO A 47 6.89 -21.54 -16.42
N LEU A 48 7.03 -22.79 -16.77
CA LEU A 48 6.87 -23.83 -15.84
C LEU A 48 8.19 -24.08 -15.18
N LYS A 49 8.30 -23.78 -13.91
CA LYS A 49 9.53 -23.93 -13.18
C LYS A 49 9.88 -25.37 -12.93
N MET A 50 8.87 -26.19 -12.79
CA MET A 50 9.08 -27.63 -12.59
C MET A 50 10.08 -27.88 -11.47
N LEU A 51 9.69 -27.51 -10.29
CA LEU A 51 10.58 -27.63 -9.18
C LEU A 51 10.69 -28.92 -8.44
N ILE A 52 11.92 -29.38 -8.25
CA ILE A 52 12.31 -30.56 -7.50
C ILE A 52 11.93 -30.30 -6.09
N SER A 53 11.15 -31.17 -5.49
CA SER A 53 10.66 -31.01 -4.18
C SER A 53 11.42 -31.71 -3.15
N TYR A 54 12.39 -32.49 -3.60
CA TYR A 54 13.16 -33.36 -2.71
C TYR A 54 12.31 -34.42 -2.03
N VAL A 55 11.05 -34.58 -2.42
CA VAL A 55 10.20 -35.67 -1.95
C VAL A 55 10.42 -36.85 -2.92
N ASP A 56 11.28 -37.78 -2.51
CA ASP A 56 11.56 -38.95 -3.33
C ASP A 56 10.77 -40.18 -2.93
N ASN A 57 10.11 -40.13 -1.80
CA ASN A 57 9.31 -41.23 -1.35
C ASN A 57 8.06 -40.72 -0.74
N LEU A 58 6.92 -41.03 -1.33
CA LEU A 58 5.65 -40.61 -0.81
C LEU A 58 5.32 -41.51 0.34
N PRO A 59 4.31 -41.20 1.12
CA PRO A 59 4.05 -42.03 2.29
C PRO A 59 3.62 -43.44 2.04
N THR A 60 4.17 -44.34 2.84
CA THR A 60 3.92 -45.76 2.75
C THR A 60 2.85 -46.24 3.66
N GLY A 61 2.78 -45.69 4.85
CA GLY A 61 1.75 -46.08 5.77
C GLY A 61 2.34 -46.56 7.06
N ASP A 62 3.64 -46.68 7.08
CA ASP A 62 4.35 -47.14 8.24
C ASP A 62 4.77 -45.98 9.05
N GLU A 63 4.10 -44.87 8.86
CA GLU A 63 4.45 -43.69 9.56
C GLU A 63 4.00 -43.85 10.95
N HIS A 64 4.87 -43.48 11.86
CA HIS A 64 4.66 -43.67 13.28
C HIS A 64 5.23 -42.57 14.15
N GLY A 65 4.43 -42.08 15.05
CA GLY A 65 4.83 -41.08 16.03
C GLY A 65 3.90 -39.89 16.05
N LEU A 66 4.36 -38.84 16.73
CA LEU A 66 3.62 -37.59 16.89
C LEU A 66 4.29 -36.50 16.06
N PHE A 67 3.53 -35.87 15.18
CA PHE A 67 4.07 -34.83 14.32
C PHE A 67 3.03 -33.74 14.09
N TYR A 68 3.50 -32.50 14.06
CA TYR A 68 2.67 -31.34 13.76
C TYR A 68 2.87 -30.94 12.31
N ALA A 69 1.94 -30.12 11.81
CA ALA A 69 2.04 -29.60 10.45
C ALA A 69 1.46 -28.21 10.40
N LEU A 70 2.08 -27.32 9.63
CA LEU A 70 1.61 -25.96 9.41
C LEU A 70 1.33 -25.81 7.95
N ASP A 71 0.15 -25.30 7.64
CA ASP A 71 -0.29 -25.15 6.27
C ASP A 71 -0.68 -23.76 5.87
N LEU A 72 0.04 -23.09 5.01
CA LEU A 72 -0.35 -21.77 4.60
C LEU A 72 -0.35 -21.78 3.10
N GLY A 73 -1.36 -21.33 2.40
CA GLY A 73 -2.57 -20.75 2.85
C GLY A 73 -2.61 -19.58 1.93
N GLY A 74 -3.61 -19.44 1.11
CA GLY A 74 -3.75 -18.29 0.25
C GLY A 74 -4.71 -17.39 0.97
N THR A 75 -5.65 -18.00 1.66
CA THR A 75 -6.67 -17.30 2.42
C THR A 75 -6.78 -17.76 3.83
N ASN A 76 -6.17 -18.88 4.14
CA ASN A 76 -6.27 -19.35 5.47
C ASN A 76 -5.08 -20.09 5.82
N PHE A 77 -4.93 -20.47 7.05
CA PHE A 77 -3.82 -21.28 7.46
C PHE A 77 -4.34 -22.16 8.57
N ARG A 78 -3.83 -23.35 8.70
CA ARG A 78 -4.26 -24.28 9.72
C ARG A 78 -3.05 -24.93 10.38
N VAL A 79 -3.20 -25.25 11.64
CA VAL A 79 -2.21 -25.92 12.41
C VAL A 79 -2.83 -27.26 12.68
N ILE A 80 -2.09 -28.32 12.40
CA ILE A 80 -2.54 -29.68 12.53
C ILE A 80 -1.60 -30.49 13.35
N ARG A 81 -2.12 -31.55 13.94
CA ARG A 81 -1.32 -32.44 14.75
C ARG A 81 -1.91 -33.84 14.67
N VAL A 82 -1.06 -34.84 14.54
CA VAL A 82 -1.52 -36.20 14.46
C VAL A 82 -0.61 -37.22 15.07
N GLN A 83 -1.17 -38.27 15.65
CA GLN A 83 -0.39 -39.33 16.24
C GLN A 83 -0.44 -40.45 15.27
N LEU A 84 0.65 -40.72 14.59
CA LEU A 84 0.67 -41.76 13.60
C LEU A 84 1.08 -43.10 14.19
N GLY A 85 0.23 -44.09 13.99
CA GLY A 85 0.40 -45.41 14.56
C GLY A 85 1.14 -46.52 13.90
N GLY A 86 1.17 -46.54 12.58
CA GLY A 86 1.89 -47.54 11.87
C GLY A 86 1.06 -48.10 10.77
N ARG A 87 1.58 -49.12 10.14
CA ARG A 87 0.93 -49.77 9.04
C ARG A 87 -0.47 -50.19 9.34
N GLU A 88 -0.70 -50.61 10.57
CA GLU A 88 -1.98 -51.13 11.03
C GLU A 88 -2.89 -50.15 11.68
N LYS A 89 -2.36 -49.37 12.63
CA LYS A 89 -3.16 -48.39 13.35
C LYS A 89 -3.36 -47.11 12.56
N ARG A 90 -2.30 -46.68 11.89
CA ARG A 90 -2.34 -45.50 11.07
C ARG A 90 -2.44 -44.26 11.93
N VAL A 91 -3.40 -43.41 11.61
CA VAL A 91 -3.65 -42.18 12.29
C VAL A 91 -4.57 -42.49 13.43
N VAL A 92 -4.04 -42.33 14.63
CA VAL A 92 -4.75 -42.62 15.86
C VAL A 92 -5.55 -41.45 16.31
N SER A 93 -4.91 -40.32 16.45
CA SER A 93 -5.59 -39.13 16.88
C SER A 93 -5.24 -37.96 15.97
N GLN A 94 -6.13 -36.98 15.85
CA GLN A 94 -5.87 -35.86 14.97
C GLN A 94 -6.67 -34.62 15.30
N GLN A 95 -6.00 -33.50 15.48
CA GLN A 95 -6.68 -32.28 15.79
C GLN A 95 -6.26 -31.21 14.87
N TYR A 96 -7.06 -30.18 14.72
CA TYR A 96 -6.66 -29.10 13.86
C TYR A 96 -7.36 -27.78 14.14
N GLU A 97 -6.80 -26.69 13.64
CA GLU A 97 -7.37 -25.37 13.81
C GLU A 97 -7.03 -24.48 12.64
N GLU A 98 -8.04 -24.03 11.92
CA GLU A 98 -7.92 -23.14 10.80
C GLU A 98 -8.27 -21.75 11.23
N VAL A 99 -7.47 -20.82 10.77
CA VAL A 99 -7.57 -19.39 11.04
C VAL A 99 -7.52 -18.64 9.72
N ALA A 100 -8.40 -17.66 9.56
CA ALA A 100 -8.41 -16.84 8.36
C ALA A 100 -7.28 -15.82 8.41
N ILE A 101 -6.56 -15.68 7.31
CA ILE A 101 -5.45 -14.74 7.23
C ILE A 101 -6.01 -13.32 7.11
N PRO A 102 -5.70 -12.43 8.04
CA PRO A 102 -6.11 -11.03 7.90
C PRO A 102 -5.53 -10.42 6.65
N PRO A 103 -6.33 -9.68 5.93
CA PRO A 103 -5.90 -9.13 4.68
C PRO A 103 -4.64 -8.35 4.67
N HIS A 104 -4.27 -7.68 5.74
CA HIS A 104 -3.05 -6.90 5.74
C HIS A 104 -1.82 -7.75 5.80
N LEU A 105 -1.90 -8.85 6.49
CA LEU A 105 -0.76 -9.75 6.61
C LEU A 105 -0.33 -10.34 5.28
N MET A 106 -1.11 -10.15 4.22
CA MET A 106 -0.70 -10.58 2.89
C MET A 106 0.21 -9.57 2.20
N VAL A 107 0.22 -8.32 2.65
CA VAL A 107 0.91 -7.25 1.95
C VAL A 107 1.77 -6.43 2.90
N GLY A 108 2.05 -6.96 4.09
CA GLY A 108 2.82 -6.20 5.04
C GLY A 108 4.27 -6.63 5.18
N THR A 109 4.69 -6.87 6.41
CA THR A 109 6.04 -7.29 6.72
C THR A 109 6.05 -8.80 6.96
N SER A 110 7.09 -9.47 6.45
CA SER A 110 7.16 -10.92 6.62
C SER A 110 7.31 -11.30 8.09
N MET A 111 7.79 -10.40 8.90
CA MET A 111 7.89 -10.65 10.30
C MET A 111 6.49 -10.70 10.82
N GLU A 112 5.62 -9.85 10.34
CA GLU A 112 4.25 -9.85 10.82
C GLU A 112 3.52 -11.13 10.43
N LEU A 113 3.72 -11.60 9.20
CA LEU A 113 3.07 -12.83 8.76
C LEU A 113 3.52 -14.01 9.60
N PHE A 114 4.83 -14.22 9.71
CA PHE A 114 5.32 -15.39 10.41
C PHE A 114 5.18 -15.28 11.91
N ASP A 115 4.99 -14.11 12.44
CA ASP A 115 4.80 -13.95 13.85
C ASP A 115 3.40 -14.36 14.17
N PHE A 116 2.48 -14.13 13.27
CA PHE A 116 1.08 -14.42 13.47
C PHE A 116 0.79 -15.89 13.44
N ILE A 117 1.40 -16.56 12.50
CA ILE A 117 1.22 -17.97 12.32
C ILE A 117 1.98 -18.76 13.35
N ALA A 118 3.08 -18.22 13.84
CA ALA A 118 3.83 -18.88 14.90
C ALA A 118 3.18 -18.69 16.27
N ALA A 119 2.47 -17.57 16.48
CA ALA A 119 1.81 -17.35 17.75
C ALA A 119 0.53 -18.18 17.86
N GLU A 120 -0.03 -18.57 16.74
CA GLU A 120 -1.20 -19.43 16.73
C GLU A 120 -0.74 -20.87 16.91
N LEU A 121 0.43 -21.21 16.41
CA LEU A 121 1.00 -22.52 16.66
C LEU A 121 1.41 -22.65 18.12
N GLU A 122 1.88 -21.59 18.71
CA GLU A 122 2.26 -21.66 20.09
C GLU A 122 1.12 -22.10 20.95
N SER A 123 -0.02 -21.48 20.85
CA SER A 123 -1.15 -21.83 21.69
C SER A 123 -1.81 -23.08 21.31
N PHE A 124 -1.36 -23.66 20.24
CA PHE A 124 -1.97 -24.84 19.76
C PHE A 124 -1.25 -25.99 20.36
N VAL A 125 0.03 -25.86 20.58
CA VAL A 125 0.76 -26.96 21.14
C VAL A 125 0.52 -26.93 22.62
N LYS A 126 0.41 -25.75 23.15
CA LYS A 126 0.20 -25.62 24.55
C LYS A 126 -1.12 -26.24 24.94
N THR A 127 -1.91 -26.68 23.98
CA THR A 127 -3.16 -27.31 24.32
C THR A 127 -3.08 -28.75 24.00
N GLU A 128 -1.87 -29.19 23.78
CA GLU A 128 -1.64 -30.53 23.40
C GLU A 128 -2.25 -31.30 24.48
N GLY A 129 -3.18 -32.16 24.10
CA GLY A 129 -3.88 -32.97 25.05
C GLY A 129 -3.22 -34.25 25.47
N GLU A 130 -4.09 -35.21 25.78
CA GLU A 130 -3.69 -36.48 26.29
C GLU A 130 -3.55 -37.62 25.32
N ASP A 131 -4.09 -37.53 24.11
CA ASP A 131 -3.92 -38.67 23.23
C ASP A 131 -2.82 -38.47 22.25
N PHE A 132 -1.88 -37.61 22.62
CA PHE A 132 -0.77 -37.30 21.79
C PHE A 132 0.42 -37.39 22.66
N HIS A 133 1.46 -38.06 22.21
CA HIS A 133 2.64 -38.21 23.02
C HIS A 133 3.97 -38.11 22.39
N LEU A 134 4.80 -37.35 23.08
CA LEU A 134 6.11 -37.09 22.66
C LEU A 134 7.01 -37.77 23.63
N PRO A 135 7.93 -38.64 23.08
CA PRO A 135 8.83 -39.26 24.04
C PRO A 135 9.64 -38.24 24.81
N GLU A 136 9.99 -38.61 26.02
CA GLU A 136 10.73 -37.73 26.89
C GLU A 136 11.88 -37.11 26.20
N GLY A 137 12.10 -35.85 26.49
CA GLY A 137 13.20 -35.09 25.96
C GLY A 137 13.45 -35.05 24.48
N ARG A 138 12.42 -35.31 23.70
CA ARG A 138 12.51 -35.30 22.26
C ARG A 138 12.00 -33.97 21.83
N GLN A 139 12.24 -33.61 20.58
CA GLN A 139 11.81 -32.36 20.03
C GLN A 139 10.67 -32.59 19.08
N ARG A 140 9.69 -31.74 19.12
CA ARG A 140 8.57 -31.85 18.22
C ARG A 140 9.03 -31.42 16.88
N GLU A 141 8.47 -32.04 15.86
CA GLU A 141 8.87 -31.80 14.49
C GLU A 141 7.66 -31.39 13.65
N LEU A 142 7.92 -30.53 12.66
CA LEU A 142 6.88 -29.83 11.92
C LEU A 142 6.98 -30.17 10.44
N GLY A 143 5.84 -30.26 9.81
CA GLY A 143 5.78 -30.43 8.40
C GLY A 143 5.23 -29.08 8.06
N PHE A 144 5.82 -28.40 7.11
CA PHE A 144 5.40 -27.06 6.75
C PHE A 144 4.97 -26.94 5.32
N THR A 145 3.71 -26.61 5.07
CA THR A 145 3.22 -26.48 3.70
C THR A 145 3.17 -25.03 3.30
N PHE A 146 3.90 -24.70 2.27
CA PHE A 146 4.00 -23.36 1.77
C PHE A 146 3.50 -23.23 0.34
N SER A 147 2.30 -22.73 0.23
CA SER A 147 1.62 -22.58 -1.01
C SER A 147 2.08 -21.57 -2.00
N PHE A 148 3.34 -21.22 -1.98
CA PHE A 148 3.85 -20.24 -2.89
C PHE A 148 5.04 -20.80 -3.56
N PRO A 149 5.50 -20.28 -4.67
CA PRO A 149 6.67 -20.92 -5.27
C PRO A 149 7.93 -20.81 -4.45
N VAL A 150 8.67 -21.89 -4.31
CA VAL A 150 9.90 -21.92 -3.52
C VAL A 150 10.97 -22.72 -4.23
N HIS A 151 12.19 -22.21 -4.27
CA HIS A 151 13.29 -22.93 -4.87
C HIS A 151 13.89 -23.76 -3.78
N GLN A 152 13.76 -25.05 -3.91
CA GLN A 152 14.18 -26.00 -2.95
C GLN A 152 15.61 -26.32 -2.91
N THR A 153 16.15 -26.41 -1.70
CA THR A 153 17.53 -26.71 -1.56
C THR A 153 17.71 -27.97 -0.70
N SER A 154 16.65 -28.46 -0.12
CA SER A 154 16.67 -29.70 0.64
C SER A 154 15.23 -30.04 0.97
N ILE A 155 15.02 -31.15 1.66
CA ILE A 155 13.67 -31.54 2.03
C ILE A 155 13.03 -30.52 2.96
N SER A 156 13.84 -29.71 3.64
CA SER A 156 13.32 -28.79 4.65
C SER A 156 13.92 -27.40 4.52
N SER A 157 14.37 -27.01 3.33
CA SER A 157 14.89 -25.67 3.13
C SER A 157 14.56 -25.21 1.72
N GLY A 158 14.29 -23.92 1.57
CA GLY A 158 13.91 -23.41 0.26
C GLY A 158 13.75 -21.90 0.17
N THR A 159 14.11 -21.35 -0.98
CA THR A 159 14.04 -19.92 -1.24
C THR A 159 12.72 -19.56 -1.91
N LEU A 160 12.06 -18.53 -1.38
CA LEU A 160 10.85 -18.02 -2.01
C LEU A 160 11.19 -17.39 -3.36
N ILE A 161 10.50 -17.84 -4.41
CA ILE A 161 10.76 -17.33 -5.74
C ILE A 161 9.99 -16.03 -5.97
N LYS A 162 8.71 -16.03 -5.68
CA LYS A 162 7.88 -14.88 -5.87
C LYS A 162 6.63 -15.13 -5.12
N TRP A 163 5.76 -14.15 -4.95
CA TRP A 163 4.54 -14.34 -4.22
C TRP A 163 3.43 -14.43 -5.20
N THR A 164 2.32 -15.00 -4.81
CA THR A 164 1.25 -15.10 -5.71
C THR A 164 0.00 -14.97 -4.95
N LYS A 165 -1.05 -15.05 -5.72
CA LYS A 165 -2.41 -14.98 -5.27
C LYS A 165 -2.75 -14.06 -4.15
N GLY A 166 -2.48 -12.80 -4.29
CA GLY A 166 -2.80 -11.92 -3.20
C GLY A 166 -1.72 -11.45 -2.29
N PHE A 167 -0.66 -12.19 -2.12
CA PHE A 167 0.42 -11.75 -1.26
C PHE A 167 1.42 -10.85 -1.97
N SER A 168 2.05 -9.98 -1.19
CA SER A 168 3.00 -9.03 -1.69
C SER A 168 3.85 -8.49 -0.57
N ILE A 169 4.54 -9.37 0.11
CA ILE A 169 5.38 -9.05 1.23
C ILE A 169 6.83 -8.93 0.84
N ASN A 170 7.32 -7.71 0.80
CA ASN A 170 8.69 -7.39 0.49
C ASN A 170 9.67 -7.93 1.47
N GLY A 171 10.82 -8.33 1.00
CA GLY A 171 11.85 -8.81 1.86
C GLY A 171 12.02 -10.28 2.08
N THR A 172 11.14 -11.09 1.50
CA THR A 172 11.19 -12.51 1.68
C THR A 172 11.68 -13.17 0.43
N VAL A 173 11.40 -12.56 -0.67
CA VAL A 173 11.81 -13.09 -1.93
C VAL A 173 13.30 -13.31 -1.91
N GLY A 174 13.74 -14.53 -1.94
CA GLY A 174 15.13 -14.80 -1.94
C GLY A 174 15.66 -15.32 -0.65
N GLU A 175 14.82 -15.30 0.37
CA GLU A 175 15.20 -15.78 1.66
C GLU A 175 14.59 -17.12 1.92
N ASP A 176 15.20 -17.92 2.78
CA ASP A 176 14.71 -19.25 3.14
C ASP A 176 13.41 -19.10 3.86
N VAL A 177 12.39 -19.87 3.52
CA VAL A 177 11.10 -19.74 4.17
C VAL A 177 11.00 -20.47 5.47
N VAL A 178 11.84 -21.47 5.65
CA VAL A 178 11.81 -22.22 6.87
C VAL A 178 12.59 -21.45 7.86
N ALA A 179 13.72 -20.89 7.47
CA ALA A 179 14.47 -20.08 8.42
C ALA A 179 13.63 -18.91 8.93
N GLU A 180 12.78 -18.34 8.10
CA GLU A 180 11.94 -17.24 8.50
C GLU A 180 10.92 -17.72 9.48
N LEU A 181 10.30 -18.85 9.25
CA LEU A 181 9.34 -19.40 10.20
C LEU A 181 10.05 -19.84 11.48
N SER A 182 11.18 -20.47 11.37
CA SER A 182 11.87 -20.93 12.53
C SER A 182 12.14 -19.82 13.49
N ARG A 183 12.62 -18.72 12.98
CA ARG A 183 12.90 -17.57 13.78
C ARG A 183 11.70 -17.14 14.53
N ALA A 184 10.59 -16.96 13.86
CA ALA A 184 9.37 -16.51 14.45
C ALA A 184 8.84 -17.43 15.48
N MET A 185 9.18 -18.68 15.33
CA MET A 185 8.78 -19.72 16.23
C MET A 185 9.61 -19.60 17.46
N GLU A 186 10.82 -19.07 17.34
CA GLU A 186 11.71 -18.89 18.46
C GLU A 186 11.23 -17.68 19.20
N ARG A 187 11.02 -16.59 18.48
CA ARG A 187 10.51 -15.37 19.08
C ARG A 187 9.24 -15.66 19.87
N GLN A 188 8.77 -16.88 19.82
CA GLN A 188 7.58 -17.29 20.55
C GLN A 188 7.90 -18.27 21.66
N GLY A 189 9.18 -18.54 21.92
CA GLY A 189 9.58 -19.50 22.93
C GLY A 189 9.02 -20.88 22.65
N LEU A 190 9.25 -21.36 21.44
CA LEU A 190 8.70 -22.61 20.98
C LEU A 190 9.73 -23.56 20.50
N ASP A 191 9.71 -24.77 21.02
CA ASP A 191 10.68 -25.76 20.62
C ASP A 191 10.15 -26.72 19.57
N MET A 192 10.40 -26.35 18.33
CA MET A 192 9.99 -27.14 17.22
C MET A 192 10.94 -26.99 16.06
N LYS A 193 11.11 -28.06 15.33
CA LYS A 193 11.94 -28.07 14.16
C LYS A 193 11.17 -28.48 12.94
N VAL A 194 11.39 -27.78 11.85
CA VAL A 194 10.73 -28.08 10.63
C VAL A 194 11.62 -29.03 9.93
N THR A 195 11.09 -30.20 9.63
CA THR A 195 11.86 -31.25 8.99
C THR A 195 11.44 -31.50 7.54
N ALA A 196 10.36 -30.89 7.10
CA ALA A 196 9.95 -31.02 5.73
C ALA A 196 9.15 -29.84 5.39
N LEU A 197 9.47 -29.23 4.26
CA LEU A 197 8.78 -28.07 3.74
C LEU A 197 8.33 -28.46 2.39
N VAL A 198 7.07 -28.22 2.08
CA VAL A 198 6.57 -28.61 0.78
C VAL A 198 5.49 -27.74 0.24
N ASN A 199 5.40 -27.67 -1.06
CA ASN A 199 4.42 -26.85 -1.65
C ASN A 199 3.24 -27.46 -1.12
N ASP A 200 2.13 -26.98 -1.59
CA ASP A 200 0.85 -27.42 -1.20
C ASP A 200 0.27 -28.34 -2.21
N THR A 201 0.89 -28.50 -3.36
CA THR A 201 0.42 -29.39 -4.37
C THR A 201 1.16 -30.63 -4.10
N VAL A 202 2.36 -30.47 -3.58
CA VAL A 202 3.16 -31.61 -3.15
C VAL A 202 2.57 -32.22 -1.88
N GLY A 203 2.12 -31.38 -0.96
CA GLY A 203 1.56 -31.89 0.29
C GLY A 203 0.30 -32.72 0.07
N THR A 204 -0.63 -32.21 -0.75
CA THR A 204 -1.84 -32.96 -1.04
C THR A 204 -1.52 -34.30 -1.69
N LEU A 205 -0.55 -34.32 -2.60
CA LEU A 205 -0.16 -35.57 -3.24
C LEU A 205 0.37 -36.58 -2.23
N ALA A 206 1.13 -36.11 -1.23
CA ALA A 206 1.62 -37.00 -0.19
C ALA A 206 0.46 -37.54 0.64
N GLY A 207 -0.36 -36.66 1.20
CA GLY A 207 -1.54 -37.11 1.93
C GLY A 207 -2.50 -37.89 1.06
N GLY A 208 -2.53 -37.59 -0.24
CA GLY A 208 -3.39 -38.35 -1.13
C GLY A 208 -2.97 -39.80 -1.26
N ARG A 209 -1.67 -40.04 -1.50
CA ARG A 209 -1.19 -41.41 -1.60
C ARG A 209 -1.28 -42.16 -0.27
N TYR A 210 -1.38 -41.49 0.85
CA TYR A 210 -1.48 -42.20 2.12
C TYR A 210 -2.75 -42.97 2.21
N VAL A 211 -3.77 -42.52 1.55
CA VAL A 211 -5.06 -43.20 1.61
C VAL A 211 -5.46 -43.82 0.29
N ASP A 212 -4.62 -43.72 -0.75
CA ASP A 212 -4.94 -44.31 -2.05
C ASP A 212 -3.64 -44.52 -2.79
N ASN A 213 -3.29 -45.78 -3.04
CA ASN A 213 -1.98 -46.11 -3.58
C ASN A 213 -1.80 -45.62 -5.02
N ASP A 214 -2.88 -45.40 -5.76
CA ASP A 214 -2.80 -45.08 -7.17
C ASP A 214 -2.73 -43.58 -7.45
N VAL A 215 -2.63 -42.75 -6.43
CA VAL A 215 -2.59 -41.30 -6.64
C VAL A 215 -1.27 -40.94 -7.32
N ALA A 216 -1.37 -40.44 -8.56
CA ALA A 216 -0.19 -40.07 -9.33
C ALA A 216 0.02 -38.57 -9.46
N ALA A 217 -0.99 -37.76 -9.17
CA ALA A 217 -0.87 -36.32 -9.28
C ALA A 217 -1.83 -35.66 -8.31
N ALA A 218 -1.57 -34.38 -8.04
CA ALA A 218 -2.44 -33.58 -7.19
C ALA A 218 -2.64 -32.22 -7.85
N VAL A 219 -3.89 -31.78 -7.95
CA VAL A 219 -4.25 -30.51 -8.55
C VAL A 219 -4.95 -29.67 -7.50
N ILE A 220 -4.55 -28.40 -7.38
CA ILE A 220 -5.17 -27.46 -6.45
C ILE A 220 -5.98 -26.47 -7.26
N LEU A 221 -7.21 -26.22 -6.82
CA LEU A 221 -8.11 -25.23 -7.42
C LEU A 221 -8.78 -24.49 -6.27
N GLY A 222 -8.12 -23.46 -5.77
CA GLY A 222 -8.66 -22.63 -4.70
C GLY A 222 -8.53 -21.16 -5.03
N THR A 223 -7.95 -20.39 -4.11
CA THR A 223 -7.63 -19.01 -4.43
C THR A 223 -6.64 -18.93 -5.58
N GLY A 224 -5.74 -19.91 -5.67
CA GLY A 224 -4.88 -20.10 -6.81
C GLY A 224 -5.04 -21.50 -7.38
N THR A 225 -4.29 -21.77 -8.43
CA THR A 225 -4.28 -23.09 -9.04
C THR A 225 -2.85 -23.52 -9.33
N ASN A 226 -2.59 -24.82 -9.20
CA ASN A 226 -1.28 -25.41 -9.39
C ASN A 226 -1.44 -26.93 -9.37
N ALA A 227 -0.37 -27.63 -9.72
CA ALA A 227 -0.42 -29.09 -9.78
C ALA A 227 0.97 -29.67 -9.55
N ALA A 228 0.99 -30.85 -8.94
CA ALA A 228 2.22 -31.62 -8.73
C ALA A 228 1.97 -33.06 -9.16
N TYR A 229 3.00 -33.73 -9.67
CA TYR A 229 2.93 -35.10 -10.11
C TYR A 229 4.16 -35.82 -9.65
N VAL A 230 4.34 -37.09 -9.95
CA VAL A 230 5.52 -37.85 -9.57
C VAL A 230 6.22 -38.07 -10.86
N GLU A 231 7.51 -37.85 -10.94
CA GLU A 231 8.24 -38.03 -12.17
C GLU A 231 9.39 -38.98 -12.04
N HIS A 232 9.98 -39.30 -13.17
CA HIS A 232 11.09 -40.20 -13.24
C HIS A 232 12.28 -39.38 -13.12
N ALA A 233 13.15 -39.68 -12.19
CA ALA A 233 14.31 -38.88 -12.06
C ALA A 233 15.25 -38.91 -13.26
N ASN A 234 15.09 -39.86 -14.17
CA ASN A 234 15.89 -39.89 -15.35
C ASN A 234 15.29 -39.02 -16.39
N ALA A 235 14.05 -38.62 -16.18
CA ALA A 235 13.37 -37.78 -17.13
C ALA A 235 13.49 -36.31 -16.84
N ILE A 236 14.35 -35.96 -15.92
CA ILE A 236 14.64 -34.63 -15.55
C ILE A 236 16.08 -34.33 -15.90
N PRO A 237 16.30 -33.50 -16.89
CA PRO A 237 17.65 -33.20 -17.29
C PRO A 237 18.43 -32.28 -16.44
N LYS A 238 17.84 -31.63 -15.48
CA LYS A 238 18.56 -30.69 -14.68
C LYS A 238 18.97 -31.26 -13.39
N TRP A 239 18.66 -32.51 -13.18
CA TRP A 239 19.05 -33.17 -11.96
C TRP A 239 20.53 -33.25 -12.07
N THR A 240 21.24 -33.07 -10.99
CA THR A 240 22.66 -33.08 -11.08
C THR A 240 23.29 -34.16 -10.23
N GLY A 241 22.78 -34.28 -9.02
CA GLY A 241 23.29 -35.27 -8.12
C GLY A 241 23.17 -36.69 -8.62
N LEU A 242 23.21 -37.57 -7.65
CA LEU A 242 23.09 -38.97 -7.86
C LEU A 242 21.65 -39.32 -7.56
N LEU A 243 21.00 -39.89 -8.54
CA LEU A 243 19.59 -40.31 -8.53
C LEU A 243 19.03 -40.89 -7.25
N PRO A 244 17.77 -40.67 -6.93
CA PRO A 244 17.22 -41.27 -5.73
C PRO A 244 17.08 -42.76 -5.75
N ARG A 245 16.92 -43.32 -4.59
CA ARG A 245 16.79 -44.74 -4.46
C ARG A 245 15.57 -45.23 -5.12
N SER A 246 14.49 -44.48 -5.10
CA SER A 246 13.26 -44.96 -5.71
C SER A 246 13.13 -44.57 -7.17
N GLY A 247 14.04 -43.78 -7.67
CA GLY A 247 14.01 -43.34 -9.03
C GLY A 247 12.88 -42.43 -9.41
N ASN A 248 12.19 -41.93 -8.41
CA ASN A 248 11.07 -41.03 -8.57
C ASN A 248 11.34 -39.73 -7.89
N MET A 249 10.63 -38.70 -8.33
CA MET A 249 10.70 -37.37 -7.80
C MET A 249 9.43 -36.59 -8.03
N VAL A 250 8.91 -35.94 -7.00
CA VAL A 250 7.73 -35.13 -7.13
C VAL A 250 8.09 -33.76 -7.59
N ILE A 251 7.42 -33.33 -8.63
CA ILE A 251 7.69 -32.05 -9.27
C ILE A 251 6.54 -31.11 -8.97
N ASN A 252 6.86 -29.91 -8.50
CA ASN A 252 5.87 -28.84 -8.34
C ASN A 252 5.89 -28.04 -9.64
N MET A 253 4.88 -28.25 -10.48
CA MET A 253 4.85 -27.63 -11.80
C MET A 253 4.86 -26.11 -11.70
N GLU A 254 4.12 -25.57 -10.73
CA GLU A 254 3.79 -24.14 -10.68
C GLU A 254 3.17 -23.71 -12.01
N TRP A 255 2.05 -24.36 -12.34
CA TRP A 255 1.48 -24.21 -13.68
C TRP A 255 0.60 -22.98 -13.78
N GLY A 256 0.33 -22.30 -12.67
CA GLY A 256 -0.39 -21.03 -12.75
C GLY A 256 0.34 -20.04 -13.63
N ASN A 257 1.66 -20.15 -13.71
CA ASN A 257 2.49 -19.31 -14.56
C ASN A 257 2.50 -19.76 -16.02
N PHE A 258 1.78 -20.77 -16.40
CA PHE A 258 1.77 -21.19 -17.79
C PHE A 258 1.22 -20.12 -18.71
N LYS A 259 1.86 -19.87 -19.85
CA LYS A 259 1.37 -18.93 -20.85
C LYS A 259 1.56 -19.59 -22.16
N SER A 260 0.67 -19.34 -23.08
CA SER A 260 0.70 -19.95 -24.36
C SER A 260 -0.10 -19.05 -25.20
N GLU A 261 0.10 -19.10 -26.49
CA GLU A 261 -0.63 -18.21 -27.36
C GLU A 261 -1.89 -18.87 -27.81
N ARG A 262 -2.04 -20.07 -27.32
CA ARG A 262 -3.18 -20.88 -27.57
C ARG A 262 -4.18 -20.66 -26.51
N LEU A 263 -3.86 -19.91 -25.47
CA LEU A 263 -4.80 -19.64 -24.40
C LEU A 263 -5.79 -18.62 -24.84
N PRO A 264 -7.07 -18.87 -24.69
CA PRO A 264 -8.09 -17.92 -25.09
C PRO A 264 -8.27 -16.77 -24.16
N ARG A 265 -7.51 -15.71 -24.38
CA ARG A 265 -7.57 -14.55 -23.57
C ARG A 265 -8.31 -13.44 -24.24
N SER A 266 -8.70 -12.43 -23.50
CA SER A 266 -9.49 -11.30 -23.96
C SER A 266 -8.97 -10.01 -23.34
N ASP A 267 -9.61 -8.90 -23.69
CA ASP A 267 -9.26 -7.63 -23.08
C ASP A 267 -9.55 -7.63 -21.58
N TYR A 268 -10.61 -8.34 -21.17
CA TYR A 268 -10.92 -8.43 -19.75
C TYR A 268 -9.77 -9.07 -18.98
N ASP A 269 -9.09 -10.04 -19.60
CA ASP A 269 -7.92 -10.64 -18.98
C ASP A 269 -6.73 -9.68 -19.00
N ASN A 270 -6.57 -8.92 -20.07
CA ASN A 270 -5.48 -7.95 -20.15
C ASN A 270 -5.63 -6.88 -19.07
N ALA A 271 -6.82 -6.31 -18.93
CA ALA A 271 -7.05 -5.27 -17.93
C ALA A 271 -6.86 -5.83 -16.52
N LEU A 272 -7.38 -7.03 -16.27
CA LEU A 272 -7.21 -7.66 -14.96
C LEU A 272 -5.72 -7.83 -14.62
N ASP A 273 -4.96 -8.37 -15.57
CA ASP A 273 -3.51 -8.54 -15.35
C ASP A 273 -2.83 -7.20 -15.21
N PHE A 274 -3.20 -6.20 -15.99
CA PHE A 274 -2.58 -4.90 -15.90
C PHE A 274 -2.78 -4.25 -14.54
N GLU A 275 -3.98 -4.36 -13.96
CA GLU A 275 -4.26 -3.80 -12.65
C GLU A 275 -4.05 -4.81 -11.53
N SER A 276 -3.26 -5.86 -11.77
CA SER A 276 -3.09 -6.93 -10.79
C SER A 276 -1.90 -6.65 -9.87
N LEU A 277 -1.82 -7.44 -8.80
CA LEU A 277 -0.72 -7.30 -7.84
C LEU A 277 0.59 -7.84 -8.39
N ASN A 278 0.55 -8.67 -9.42
CA ASN A 278 1.74 -9.25 -10.04
C ASN A 278 1.57 -9.25 -11.55
N PRO A 279 1.61 -8.07 -12.17
CA PRO A 279 1.28 -7.98 -13.60
C PRO A 279 2.24 -8.78 -14.46
N GLY A 280 1.68 -9.50 -15.43
CA GLY A 280 2.45 -10.33 -16.32
C GLY A 280 2.68 -11.74 -15.83
N GLU A 281 2.49 -11.98 -14.55
CA GLU A 281 2.74 -13.25 -13.96
C GLU A 281 1.50 -13.99 -13.74
N GLN A 282 1.62 -15.28 -13.67
CA GLN A 282 0.54 -16.16 -13.46
C GLN A 282 -0.58 -16.04 -14.43
N ILE A 283 -0.29 -15.92 -15.70
CA ILE A 283 -1.29 -15.79 -16.74
C ILE A 283 -2.38 -16.86 -16.82
N TYR A 284 -2.01 -18.12 -16.78
CA TYR A 284 -2.93 -19.25 -16.79
C TYR A 284 -3.84 -19.25 -15.56
N GLU A 285 -3.27 -19.06 -14.40
CA GLU A 285 -4.03 -19.03 -13.18
C GLU A 285 -5.08 -17.96 -13.13
N LYS A 286 -4.84 -16.82 -13.76
CA LYS A 286 -5.80 -15.73 -13.77
C LYS A 286 -6.98 -15.97 -14.69
N MET A 287 -7.08 -17.15 -15.30
CA MET A 287 -8.25 -17.56 -16.03
C MET A 287 -9.00 -18.71 -15.38
N ILE A 288 -8.42 -19.34 -14.35
CA ILE A 288 -8.97 -20.53 -13.73
C ILE A 288 -9.36 -20.28 -12.29
N SER A 289 -8.51 -19.59 -11.53
CA SER A 289 -8.48 -19.64 -10.08
C SER A 289 -9.63 -18.85 -9.46
N GLY A 290 -9.93 -19.18 -8.21
CA GLY A 290 -11.03 -18.54 -7.51
C GLY A 290 -10.82 -17.06 -7.25
N MET A 291 -9.57 -16.64 -7.12
CA MET A 291 -9.31 -15.22 -6.86
C MET A 291 -9.72 -14.35 -8.05
N TYR A 292 -9.71 -14.90 -9.25
CA TYR A 292 -9.85 -14.09 -10.47
C TYR A 292 -11.12 -14.33 -11.24
N LEU A 293 -11.84 -15.43 -10.99
CA LEU A 293 -13.04 -15.75 -11.76
C LEU A 293 -14.11 -14.66 -11.60
N GLY A 294 -14.47 -14.35 -10.36
CA GLY A 294 -15.47 -13.32 -10.13
C GLY A 294 -15.06 -11.97 -10.71
N GLU A 295 -13.78 -11.65 -10.67
CA GLU A 295 -13.30 -10.37 -11.17
C GLU A 295 -13.49 -10.27 -12.69
N ILE A 296 -13.30 -11.38 -13.41
CA ILE A 296 -13.57 -11.38 -14.84
C ILE A 296 -15.05 -11.13 -15.11
N VAL A 297 -15.91 -11.73 -14.30
CA VAL A 297 -17.35 -11.53 -14.45
C VAL A 297 -17.71 -10.07 -14.21
N ARG A 298 -17.15 -9.45 -13.19
CA ARG A 298 -17.40 -8.06 -12.89
C ARG A 298 -16.97 -7.15 -14.00
N ARG A 299 -15.86 -7.45 -14.64
CA ARG A 299 -15.39 -6.62 -15.74
C ARG A 299 -16.23 -6.80 -16.99
N ILE A 300 -16.82 -7.98 -17.18
CA ILE A 300 -17.74 -8.17 -18.28
C ILE A 300 -19.05 -7.46 -17.99
N LEU A 301 -19.57 -7.61 -16.77
CA LEU A 301 -20.78 -6.89 -16.37
C LEU A 301 -20.57 -5.38 -16.45
N LEU A 302 -19.34 -4.91 -16.22
CA LEU A 302 -19.07 -3.47 -16.28
C LEU A 302 -19.15 -2.95 -17.71
N LYS A 303 -18.59 -3.70 -18.66
CA LYS A 303 -18.74 -3.33 -20.07
C LYS A 303 -20.21 -3.29 -20.47
N LEU A 304 -20.99 -4.21 -19.97
CA LEU A 304 -22.38 -4.22 -20.30
C LEU A 304 -23.16 -3.17 -19.61
N ALA A 305 -22.82 -2.83 -18.39
CA ALA A 305 -23.55 -1.83 -17.65
C ALA A 305 -23.32 -0.48 -18.18
N HIS A 306 -22.33 -0.35 -19.00
CA HIS A 306 -21.94 0.93 -19.51
C HIS A 306 -22.20 1.12 -20.98
N ASP A 307 -22.00 0.09 -21.75
CA ASP A 307 -22.24 0.14 -23.16
C ASP A 307 -23.62 -0.34 -23.49
N ALA A 308 -24.41 -0.61 -22.47
CA ALA A 308 -25.72 -1.16 -22.67
C ALA A 308 -26.72 -0.85 -21.58
N SER A 309 -26.32 -0.03 -20.66
CA SER A 309 -27.18 0.40 -19.55
C SER A 309 -27.90 -0.77 -18.90
N LEU A 310 -27.18 -1.90 -18.78
CA LEU A 310 -27.80 -3.15 -18.35
C LEU A 310 -28.42 -3.04 -16.96
N PHE A 311 -27.87 -2.20 -16.09
CA PHE A 311 -28.35 -2.04 -14.73
C PHE A 311 -28.86 -0.63 -14.48
N GLY A 312 -29.32 0.02 -15.52
CA GLY A 312 -29.80 1.36 -15.32
C GLY A 312 -29.18 2.26 -16.31
N ASP A 313 -29.57 3.52 -16.32
CA ASP A 313 -29.01 4.43 -17.27
C ASP A 313 -27.87 5.19 -16.61
N VAL A 314 -27.30 4.58 -15.60
CA VAL A 314 -26.13 5.12 -14.91
C VAL A 314 -25.44 3.98 -14.26
N VAL A 315 -24.22 3.69 -14.66
CA VAL A 315 -23.46 2.59 -14.11
C VAL A 315 -23.46 2.65 -12.62
N PRO A 316 -23.75 1.46 -11.95
CA PRO A 316 -23.71 1.55 -10.50
C PRO A 316 -22.31 1.72 -9.94
N THR A 317 -22.13 2.51 -8.91
CA THR A 317 -20.81 2.80 -8.37
C THR A 317 -20.11 1.53 -7.90
N LYS A 318 -20.82 0.70 -7.13
CA LYS A 318 -20.23 -0.51 -6.59
C LYS A 318 -19.66 -1.42 -7.66
N LEU A 319 -20.26 -1.45 -8.84
CA LEU A 319 -19.76 -2.34 -9.90
C LEU A 319 -18.37 -1.93 -10.39
N GLU A 320 -17.98 -0.68 -10.16
CA GLU A 320 -16.67 -0.19 -10.59
C GLU A 320 -15.58 -0.46 -9.56
N GLN A 321 -15.91 -1.07 -8.44
CA GLN A 321 -14.93 -1.37 -7.46
C GLN A 321 -14.29 -2.69 -7.78
N ARG A 322 -12.98 -2.73 -7.79
CA ARG A 322 -12.32 -3.98 -8.15
C ARG A 322 -12.50 -5.01 -7.04
N PHE A 323 -12.70 -6.27 -7.45
CA PHE A 323 -12.85 -7.41 -6.55
C PHE A 323 -14.07 -7.29 -5.64
N ILE A 324 -15.05 -6.48 -6.02
CA ILE A 324 -16.30 -6.42 -5.26
C ILE A 324 -17.15 -7.67 -5.48
N LEU A 325 -17.00 -8.31 -6.61
CA LEU A 325 -17.76 -9.51 -6.90
C LEU A 325 -16.82 -10.61 -6.66
N ARG A 326 -17.03 -11.44 -5.66
CA ARG A 326 -16.13 -12.51 -5.37
C ARG A 326 -16.60 -13.76 -6.02
N THR A 327 -15.78 -14.75 -6.09
CA THR A 327 -16.13 -15.97 -6.81
C THR A 327 -17.25 -16.75 -6.13
N PRO A 328 -17.28 -16.88 -4.80
CA PRO A 328 -18.46 -17.49 -4.17
C PRO A 328 -19.75 -16.75 -4.47
N ASP A 329 -19.70 -15.43 -4.65
CA ASP A 329 -20.87 -14.70 -5.12
C ASP A 329 -21.22 -15.10 -6.54
N MET A 330 -20.23 -15.21 -7.39
CA MET A 330 -20.43 -15.62 -8.73
C MET A 330 -21.05 -16.98 -8.65
N SER A 331 -20.49 -17.84 -7.85
CA SER A 331 -21.00 -19.16 -7.68
C SER A 331 -22.44 -19.24 -7.30
N ALA A 332 -22.92 -18.39 -6.38
CA ALA A 332 -24.29 -18.39 -5.93
C ALA A 332 -25.22 -17.98 -7.01
N MET A 333 -24.92 -16.90 -7.71
CA MET A 333 -25.76 -16.51 -8.85
C MET A 333 -25.83 -17.62 -9.88
N HIS A 334 -24.71 -18.30 -10.14
CA HIS A 334 -24.66 -19.28 -11.22
C HIS A 334 -25.61 -20.45 -10.96
N HIS A 335 -25.78 -20.85 -9.71
CA HIS A 335 -26.58 -22.02 -9.38
C HIS A 335 -28.05 -21.68 -9.13
N ASP A 336 -28.47 -20.45 -9.40
CA ASP A 336 -29.88 -20.10 -9.26
C ASP A 336 -30.69 -20.78 -10.34
N THR A 337 -31.76 -21.46 -9.93
CA THR A 337 -32.65 -22.15 -10.85
C THR A 337 -34.07 -21.63 -10.82
N SER A 338 -34.38 -20.66 -9.95
CA SER A 338 -35.73 -20.14 -9.87
C SER A 338 -36.15 -19.50 -11.19
N HIS A 339 -37.45 -19.58 -11.49
CA HIS A 339 -37.95 -19.13 -12.78
C HIS A 339 -37.64 -17.66 -13.04
N ASP A 340 -37.63 -16.84 -12.00
CA ASP A 340 -37.36 -15.41 -12.12
C ASP A 340 -35.95 -15.03 -11.66
N LEU A 341 -35.11 -16.00 -11.32
CA LEU A 341 -33.74 -15.76 -10.86
C LEU A 341 -33.71 -14.78 -9.69
N LYS A 342 -34.55 -15.02 -8.70
CA LYS A 342 -34.65 -14.17 -7.52
C LYS A 342 -33.49 -14.20 -6.60
N HIS A 343 -32.74 -15.26 -6.62
CA HIS A 343 -31.55 -15.33 -5.76
C HIS A 343 -30.32 -14.76 -6.44
N LEU A 344 -30.22 -14.92 -7.77
CA LEU A 344 -29.22 -14.18 -8.53
C LEU A 344 -29.46 -12.68 -8.40
N GLY A 345 -30.72 -12.26 -8.53
CA GLY A 345 -31.03 -10.85 -8.43
C GLY A 345 -30.84 -10.30 -7.03
N ALA A 346 -31.16 -11.10 -6.01
CA ALA A 346 -30.93 -10.68 -4.64
C ALA A 346 -29.45 -10.51 -4.36
N LYS A 347 -28.60 -11.29 -5.02
CA LYS A 347 -27.17 -11.17 -4.89
C LYS A 347 -26.73 -9.93 -5.61
N LEU A 348 -27.25 -9.66 -6.80
CA LEU A 348 -26.89 -8.47 -7.55
C LEU A 348 -27.24 -7.18 -6.80
N LYS A 349 -28.25 -7.21 -6.01
CA LYS A 349 -28.61 -6.06 -5.23
C LYS A 349 -27.51 -5.72 -4.26
N ASP A 350 -27.03 -6.70 -3.50
CA ASP A 350 -25.96 -6.49 -2.55
C ASP A 350 -24.69 -5.99 -3.25
N ILE A 351 -24.28 -6.68 -4.32
CA ILE A 351 -22.99 -6.42 -4.93
C ILE A 351 -22.99 -5.15 -5.77
N LEU A 352 -24.11 -4.85 -6.44
CA LEU A 352 -24.15 -3.66 -7.28
C LEU A 352 -24.67 -2.43 -6.54
N GLY A 353 -25.47 -2.61 -5.53
CA GLY A 353 -26.04 -1.46 -4.88
C GLY A 353 -27.15 -0.84 -5.71
N VAL A 354 -27.75 -1.61 -6.59
CA VAL A 354 -28.85 -1.17 -7.42
C VAL A 354 -30.04 -1.64 -6.66
N ALA A 355 -31.22 -1.21 -7.03
CA ALA A 355 -32.39 -1.59 -6.29
C ALA A 355 -33.24 -2.68 -6.88
N ASP A 356 -33.10 -2.95 -8.16
CA ASP A 356 -33.88 -3.97 -8.78
C ASP A 356 -33.16 -4.24 -10.03
N THR A 357 -33.49 -5.34 -10.67
CA THR A 357 -32.85 -5.73 -11.90
C THR A 357 -33.90 -6.34 -12.74
N SER A 358 -33.76 -6.21 -14.04
CA SER A 358 -34.71 -6.77 -14.93
C SER A 358 -34.41 -8.22 -15.14
N LEU A 359 -35.41 -8.99 -15.52
CA LEU A 359 -35.27 -10.42 -15.74
C LEU A 359 -34.30 -10.71 -16.88
N GLU A 360 -34.25 -9.83 -17.88
CA GLU A 360 -33.28 -9.98 -18.96
C GLU A 360 -31.86 -9.73 -18.45
N ALA A 361 -31.69 -8.74 -17.58
CA ALA A 361 -30.37 -8.47 -17.02
C ALA A 361 -29.88 -9.65 -16.18
N ARG A 362 -30.78 -10.33 -15.51
CA ARG A 362 -30.41 -11.47 -14.73
C ARG A 362 -29.94 -12.59 -15.58
N TYR A 363 -30.56 -12.78 -16.72
CA TYR A 363 -30.21 -13.84 -17.62
C TYR A 363 -28.89 -13.59 -18.28
N ILE A 364 -28.62 -12.35 -18.61
CA ILE A 364 -27.31 -11.95 -19.14
C ILE A 364 -26.23 -12.17 -18.08
N THR A 365 -26.52 -11.78 -16.83
CA THR A 365 -25.60 -12.04 -15.74
C THR A 365 -25.32 -13.53 -15.59
N LEU A 366 -26.38 -14.35 -15.62
CA LEU A 366 -26.21 -15.79 -15.51
C LEU A 366 -25.39 -16.34 -16.67
N HIS A 367 -25.51 -15.79 -17.87
CA HIS A 367 -24.77 -16.26 -19.06
C HIS A 367 -23.32 -15.88 -18.93
N VAL A 368 -23.04 -14.74 -18.34
CA VAL A 368 -21.65 -14.33 -18.16
C VAL A 368 -20.95 -15.25 -17.17
N CYS A 369 -21.59 -15.52 -16.04
CA CYS A 369 -21.07 -16.51 -15.10
C CYS A 369 -20.78 -17.83 -15.80
N ASP A 370 -21.69 -18.26 -16.68
CA ASP A 370 -21.53 -19.53 -17.37
C ASP A 370 -20.32 -19.51 -18.28
N LEU A 371 -20.15 -18.45 -19.07
CA LEU A 371 -19.02 -18.37 -20.00
C LEU A 371 -17.70 -18.31 -19.26
N VAL A 372 -17.64 -17.57 -18.15
CA VAL A 372 -16.37 -17.43 -17.43
C VAL A 372 -16.01 -18.73 -16.72
N ALA A 373 -16.96 -19.32 -15.99
CA ALA A 373 -16.69 -20.57 -15.31
C ALA A 373 -16.37 -21.70 -16.29
N GLU A 374 -17.01 -21.69 -17.46
CA GLU A 374 -16.77 -22.76 -18.42
C GLU A 374 -15.34 -22.70 -18.96
N ARG A 375 -14.87 -21.54 -19.38
CA ARG A 375 -13.52 -21.32 -19.86
C ARG A 375 -12.52 -21.73 -18.83
N GLY A 376 -12.70 -21.36 -17.59
CA GLY A 376 -11.80 -21.75 -16.52
C GLY A 376 -11.79 -23.24 -16.28
N ALA A 377 -12.94 -23.86 -16.22
CA ALA A 377 -13.02 -25.27 -15.94
C ALA A 377 -12.62 -26.17 -17.02
N ARG A 378 -12.58 -25.67 -18.22
CA ARG A 378 -12.18 -26.42 -19.36
C ARG A 378 -10.71 -26.34 -19.50
N LEU A 379 -10.17 -25.17 -19.37
CA LEU A 379 -8.72 -25.01 -19.43
C LEU A 379 -8.04 -25.79 -18.31
N ALA A 380 -8.66 -25.83 -17.12
CA ALA A 380 -8.10 -26.63 -16.03
C ALA A 380 -8.10 -28.11 -16.39
N ALA A 381 -9.16 -28.57 -17.06
CA ALA A 381 -9.18 -29.97 -17.49
C ALA A 381 -8.12 -30.23 -18.56
N ALA A 382 -7.89 -29.27 -19.45
CA ALA A 382 -6.84 -29.42 -20.44
C ALA A 382 -5.46 -29.50 -19.78
N GLY A 383 -5.28 -28.85 -18.64
CA GLY A 383 -4.02 -28.97 -17.93
C GLY A 383 -3.85 -30.34 -17.31
N ILE A 384 -4.89 -30.86 -16.65
CA ILE A 384 -4.85 -32.21 -16.11
C ILE A 384 -4.58 -33.22 -17.21
N TYR A 385 -5.14 -33.01 -18.38
CA TYR A 385 -4.93 -33.90 -19.51
C TYR A 385 -3.49 -33.88 -19.89
N GLY A 386 -2.88 -32.73 -19.89
CA GLY A 386 -1.45 -32.65 -20.16
C GLY A 386 -0.62 -33.45 -19.19
N ILE A 387 -0.97 -33.43 -17.91
CA ILE A 387 -0.26 -34.24 -16.92
C ILE A 387 -0.39 -35.72 -17.26
N LEU A 388 -1.62 -36.17 -17.53
CA LEU A 388 -1.84 -37.57 -17.89
C LEU A 388 -1.05 -37.96 -19.13
N LYS A 389 -0.87 -37.06 -20.06
CA LYS A 389 -0.08 -37.38 -21.20
C LYS A 389 1.39 -37.31 -20.93
N LYS A 390 1.80 -36.83 -19.78
CA LYS A 390 3.21 -36.77 -19.47
C LYS A 390 3.49 -38.10 -18.82
N LEU A 391 2.57 -38.57 -18.02
CA LEU A 391 2.71 -39.86 -17.40
C LEU A 391 2.28 -40.94 -18.32
N GLY A 392 1.89 -40.63 -19.52
CA GLY A 392 1.46 -41.67 -20.42
C GLY A 392 0.22 -42.39 -20.02
N ARG A 393 -0.76 -41.68 -19.47
CA ARG A 393 -2.01 -42.26 -19.08
C ARG A 393 -3.12 -41.69 -19.84
N ASP A 394 -2.81 -41.05 -20.93
CA ASP A 394 -3.86 -40.55 -21.74
C ASP A 394 -4.38 -41.65 -22.65
N ARG A 395 -3.75 -42.81 -22.51
CA ARG A 395 -4.06 -43.95 -23.30
C ARG A 395 -4.05 -45.22 -22.54
N VAL A 396 -4.84 -46.16 -23.04
CA VAL A 396 -4.99 -47.46 -22.45
C VAL A 396 -4.09 -48.39 -23.16
N PRO A 397 -3.70 -49.49 -22.43
CA PRO A 397 -2.73 -50.36 -23.09
C PRO A 397 -3.22 -51.12 -24.28
N SER A 398 -2.38 -51.22 -25.32
CA SER A 398 -2.77 -51.97 -26.51
C SER A 398 -2.06 -53.33 -26.45
N ASP A 399 -2.65 -54.20 -25.66
CA ASP A 399 -2.14 -55.52 -25.47
C ASP A 399 -3.10 -56.69 -25.65
N GLY A 400 -4.41 -56.46 -25.72
CA GLY A 400 -5.01 -55.17 -25.53
C GLY A 400 -4.53 -54.94 -24.14
N SER A 401 -4.88 -55.86 -23.25
CA SER A 401 -4.41 -55.85 -21.87
C SER A 401 -5.21 -55.21 -20.76
N GLN A 402 -4.53 -55.10 -19.63
CA GLN A 402 -5.06 -54.55 -18.41
C GLN A 402 -5.17 -53.05 -18.54
N LYS A 403 -5.92 -52.48 -17.61
CA LYS A 403 -6.25 -51.09 -17.52
C LYS A 403 -5.57 -50.54 -16.31
N GLN A 404 -4.96 -49.36 -16.41
CA GLN A 404 -4.31 -48.78 -15.26
C GLN A 404 -5.32 -48.02 -14.48
N ARG A 405 -5.11 -47.83 -13.19
CA ARG A 405 -6.00 -47.02 -12.38
C ARG A 405 -5.23 -45.82 -11.95
N THR A 406 -5.54 -44.71 -12.53
CA THR A 406 -4.80 -43.48 -12.25
C THR A 406 -5.68 -42.53 -11.45
N VAL A 407 -5.22 -42.15 -10.26
CA VAL A 407 -5.96 -41.28 -9.36
C VAL A 407 -5.27 -39.92 -9.31
N ILE A 408 -6.07 -38.86 -9.38
CA ILE A 408 -5.58 -37.49 -9.27
C ILE A 408 -6.28 -36.85 -8.10
N ALA A 409 -5.52 -36.48 -7.07
CA ALA A 409 -6.08 -35.88 -5.87
C ALA A 409 -6.35 -34.40 -6.11
N LEU A 410 -7.53 -33.94 -5.75
CA LEU A 410 -7.92 -32.54 -5.96
C LEU A 410 -8.27 -31.88 -4.63
N ASP A 411 -7.87 -30.61 -4.51
CA ASP A 411 -8.00 -29.86 -3.27
C ASP A 411 -8.24 -28.40 -3.63
N GLY A 412 -8.99 -27.70 -2.78
CA GLY A 412 -9.27 -26.29 -3.01
C GLY A 412 -10.75 -25.96 -2.97
N GLY A 413 -11.10 -24.78 -2.54
CA GLY A 413 -12.50 -24.40 -2.44
C GLY A 413 -13.29 -24.19 -3.71
N LEU A 414 -12.62 -23.87 -4.79
CA LEU A 414 -13.27 -23.68 -6.03
C LEU A 414 -13.74 -25.02 -6.49
N TYR A 415 -12.90 -26.03 -6.50
CA TYR A 415 -13.37 -27.30 -6.90
C TYR A 415 -14.33 -27.92 -5.93
N GLU A 416 -14.12 -27.79 -4.65
CA GLU A 416 -15.00 -28.41 -3.67
C GLU A 416 -16.37 -27.74 -3.62
N HIS A 417 -16.43 -26.42 -3.82
CA HIS A 417 -17.64 -25.67 -3.51
C HIS A 417 -18.30 -25.02 -4.72
N TYR A 418 -17.69 -25.06 -5.91
CA TYR A 418 -18.30 -24.51 -7.12
C TYR A 418 -18.77 -25.70 -7.93
N LYS A 419 -19.98 -26.14 -7.67
CA LYS A 419 -20.52 -27.30 -8.31
C LYS A 419 -20.40 -27.31 -9.79
N LYS A 420 -20.96 -26.36 -10.48
CA LYS A 420 -20.86 -26.41 -11.91
C LYS A 420 -19.47 -26.46 -12.38
N PHE A 421 -18.58 -25.74 -11.74
CA PHE A 421 -17.19 -25.77 -12.14
C PHE A 421 -16.62 -27.18 -12.05
N ARG A 422 -16.96 -27.87 -10.99
CA ARG A 422 -16.49 -29.20 -10.80
C ARG A 422 -16.97 -30.16 -11.83
N THR A 423 -18.25 -30.22 -12.14
CA THR A 423 -18.78 -31.14 -13.14
C THR A 423 -18.33 -30.78 -14.56
N CYS A 424 -18.14 -29.49 -14.84
CA CYS A 424 -17.61 -29.10 -16.14
C CYS A 424 -16.14 -29.49 -16.27
N LEU A 425 -15.40 -29.40 -15.16
CA LEU A 425 -14.02 -29.87 -15.14
C LEU A 425 -13.95 -31.36 -15.49
N GLU A 426 -14.78 -32.16 -14.84
CA GLU A 426 -14.72 -33.60 -14.99
C GLU A 426 -15.27 -34.05 -16.34
N ALA A 427 -16.35 -33.41 -16.80
CA ALA A 427 -16.92 -33.76 -18.10
C ALA A 427 -15.90 -33.55 -19.22
N THR A 428 -15.23 -32.40 -19.21
CA THR A 428 -14.24 -32.09 -20.24
C THR A 428 -13.06 -33.06 -20.16
N LEU A 429 -12.60 -33.38 -18.96
CA LEU A 429 -11.50 -34.34 -18.80
C LEU A 429 -11.88 -35.68 -19.40
N ALA A 430 -13.06 -36.19 -19.06
CA ALA A 430 -13.56 -37.43 -19.67
C ALA A 430 -13.71 -37.26 -21.18
N ASP A 431 -14.14 -36.09 -21.63
CA ASP A 431 -14.24 -35.83 -23.06
C ASP A 431 -12.86 -35.81 -23.72
N LEU A 432 -11.88 -35.21 -23.04
CA LEU A 432 -10.53 -35.14 -23.60
C LEU A 432 -9.92 -36.53 -23.72
N LEU A 433 -9.97 -37.29 -22.63
CA LEU A 433 -9.69 -38.72 -22.70
C LEU A 433 -10.75 -39.40 -23.58
N GLY A 434 -10.44 -40.61 -24.03
CA GLY A 434 -11.47 -41.40 -24.67
C GLY A 434 -12.47 -41.92 -23.65
N GLU A 435 -13.47 -42.60 -24.15
CA GLU A 435 -14.41 -43.24 -23.30
C GLU A 435 -13.64 -44.41 -22.73
N GLU A 436 -12.73 -44.93 -23.51
CA GLU A 436 -11.89 -46.03 -23.14
C GLU A 436 -10.93 -45.67 -22.02
N ALA A 437 -10.25 -44.56 -22.21
CA ALA A 437 -9.25 -44.11 -21.24
C ALA A 437 -9.88 -43.48 -20.00
N ALA A 438 -11.01 -42.78 -20.15
CA ALA A 438 -11.62 -42.09 -19.01
C ALA A 438 -12.01 -43.07 -17.91
N SER A 439 -12.38 -44.30 -18.27
CA SER A 439 -12.74 -45.31 -17.28
C SER A 439 -11.56 -45.73 -16.41
N SER A 440 -10.39 -45.14 -16.62
CA SER A 440 -9.20 -45.47 -15.85
C SER A 440 -8.69 -44.33 -14.97
N VAL A 441 -9.29 -43.14 -15.09
CA VAL A 441 -8.83 -41.96 -14.37
C VAL A 441 -9.83 -41.62 -13.28
N VAL A 442 -9.33 -41.37 -12.08
CA VAL A 442 -10.14 -41.07 -10.90
C VAL A 442 -9.76 -39.68 -10.40
N VAL A 443 -10.76 -38.83 -10.18
CA VAL A 443 -10.56 -37.49 -9.65
C VAL A 443 -11.01 -37.54 -8.18
N LYS A 444 -10.10 -37.69 -7.27
CA LYS A 444 -10.49 -37.75 -5.89
C LYS A 444 -10.41 -36.44 -5.22
N LEU A 445 -11.24 -36.21 -4.25
CA LEU A 445 -11.24 -35.00 -3.49
C LEU A 445 -10.48 -35.20 -2.23
N ALA A 446 -9.40 -34.47 -2.09
CA ALA A 446 -8.50 -34.57 -0.94
C ALA A 446 -8.34 -33.18 -0.32
N ASN A 447 -9.45 -32.63 0.12
CA ASN A 447 -9.48 -31.34 0.69
C ASN A 447 -8.38 -31.30 1.67
N ASP A 448 -7.77 -30.14 1.80
CA ASP A 448 -6.70 -29.87 2.74
C ASP A 448 -5.84 -31.06 3.03
N GLY A 449 -5.47 -31.77 2.00
CA GLY A 449 -4.63 -32.94 2.16
C GLY A 449 -3.16 -32.63 2.32
N SER A 450 -2.79 -31.36 2.17
CA SER A 450 -1.42 -30.95 2.41
C SER A 450 -1.11 -30.81 3.89
N GLY A 451 -2.11 -30.75 4.72
CA GLY A 451 -1.91 -30.63 6.14
C GLY A 451 -1.29 -31.84 6.74
N ILE A 452 -1.88 -32.98 6.49
CA ILE A 452 -1.38 -34.23 6.96
C ILE A 452 -0.31 -34.68 6.03
N GLY A 453 -0.45 -34.41 4.77
CA GLY A 453 0.62 -34.82 3.88
C GLY A 453 1.97 -34.27 4.30
N ALA A 454 2.00 -33.02 4.79
CA ALA A 454 3.27 -32.46 5.24
C ALA A 454 3.73 -33.09 6.54
N ALA A 455 2.78 -33.44 7.42
CA ALA A 455 3.14 -34.13 8.65
C ALA A 455 3.70 -35.52 8.37
N LEU A 456 3.13 -36.20 7.37
CA LEU A 456 3.62 -37.53 7.00
C LEU A 456 5.05 -37.45 6.47
N LEU A 457 5.33 -36.46 5.63
CA LEU A 457 6.69 -36.32 5.11
C LEU A 457 7.64 -35.82 6.19
N ALA A 458 7.12 -35.10 7.19
CA ALA A 458 7.94 -34.76 8.35
C ALA A 458 8.27 -36.02 9.16
N ALA A 459 7.34 -36.97 9.22
CA ALA A 459 7.60 -38.23 9.91
C ALA A 459 8.74 -38.99 9.24
N SER A 460 8.68 -39.24 7.95
CA SER A 460 9.75 -39.95 7.32
C SER A 460 11.04 -39.26 7.29
N HIS A 461 11.07 -38.04 7.76
CA HIS A 461 12.28 -37.28 7.75
C HIS A 461 12.61 -36.79 9.12
N SER A 462 12.24 -37.57 10.13
CA SER A 462 12.45 -37.20 11.52
C SER A 462 13.95 -37.17 11.81
N GLN A 463 14.30 -36.89 13.05
CA GLN A 463 15.71 -36.75 13.43
C GLN A 463 16.47 -37.94 13.93
N TYR A 464 15.89 -38.84 14.71
CA TYR A 464 14.50 -38.93 15.14
C TYR A 464 13.88 -38.11 16.24
N ALA A 465 14.63 -37.55 17.17
CA ALA A 465 13.98 -36.79 18.24
C ALA A 465 14.74 -35.56 18.65
N GLU B 1 -31.01 32.71 -6.91
CA GLU B 1 -30.96 31.82 -5.77
C GLU B 1 -29.73 32.01 -4.93
N GLU B 2 -29.78 31.45 -3.74
CA GLU B 2 -28.68 31.56 -2.86
C GLU B 2 -27.57 30.71 -3.43
N ARG B 3 -27.91 29.49 -3.80
CA ARG B 3 -26.93 28.57 -4.33
C ARG B 3 -26.07 29.30 -5.32
N ARG B 4 -26.71 29.96 -6.24
CA ARG B 4 -25.99 30.67 -7.27
C ARG B 4 -25.01 31.65 -6.75
N ARG B 5 -25.37 32.46 -5.79
CA ARG B 5 -24.35 33.37 -5.29
C ARG B 5 -23.30 32.64 -4.48
N ARG B 6 -23.67 31.52 -3.87
CA ARG B 6 -22.74 30.70 -3.09
C ARG B 6 -21.70 30.12 -4.01
N ALA B 7 -22.10 29.62 -5.17
CA ALA B 7 -21.15 29.09 -6.15
C ALA B 7 -20.26 30.19 -6.71
N ALA B 8 -20.82 31.39 -6.89
CA ALA B 8 -20.02 32.49 -7.43
C ALA B 8 -18.92 32.89 -6.47
N ALA B 9 -19.17 32.78 -5.16
CA ALA B 9 -18.14 33.12 -4.19
C ALA B 9 -16.97 32.14 -4.27
N VAL B 10 -17.26 30.86 -4.53
CA VAL B 10 -16.20 29.88 -4.69
C VAL B 10 -15.37 30.18 -5.94
N ILE B 11 -16.02 30.36 -7.05
CA ILE B 11 -15.34 30.69 -8.26
C ILE B 11 -14.57 31.98 -8.13
N GLU B 12 -15.07 32.91 -7.38
CA GLU B 12 -14.33 34.13 -7.26
C GLU B 12 -12.99 33.89 -6.64
N GLU B 13 -12.92 33.22 -5.52
CA GLU B 13 -11.66 32.95 -4.87
C GLU B 13 -10.76 32.11 -5.74
N VAL B 14 -11.31 31.22 -6.48
CA VAL B 14 -10.48 30.44 -7.40
C VAL B 14 -9.82 31.36 -8.41
N GLU B 15 -10.59 32.28 -9.00
CA GLU B 15 -10.02 33.25 -9.92
C GLU B 15 -8.99 34.12 -9.23
N GLN B 16 -9.23 34.44 -7.98
CA GLN B 16 -8.35 35.26 -7.23
C GLN B 16 -7.07 34.65 -6.89
N ARG B 17 -7.11 33.42 -6.42
CA ARG B 17 -5.91 32.71 -6.05
C ARG B 17 -5.12 32.22 -7.21
N PHE B 18 -5.75 31.80 -8.28
CA PHE B 18 -5.10 31.32 -9.49
C PHE B 18 -4.66 32.43 -10.42
N SER B 19 -4.97 33.69 -10.12
CA SER B 19 -4.66 34.79 -11.02
C SER B 19 -3.15 34.93 -11.21
N THR B 20 -2.72 34.95 -12.47
CA THR B 20 -1.34 35.07 -12.85
C THR B 20 -1.08 36.24 -13.81
N PRO B 21 -1.21 37.48 -13.35
CA PRO B 21 -0.90 38.61 -14.23
C PRO B 21 0.55 38.59 -14.68
N THR B 22 0.77 39.07 -15.90
CA THR B 22 2.12 39.09 -16.50
C THR B 22 3.16 39.66 -15.54
N ALA B 23 2.78 40.67 -14.74
CA ALA B 23 3.70 41.20 -13.74
C ALA B 23 4.16 40.12 -12.77
N LEU B 24 3.23 39.28 -12.31
CA LEU B 24 3.62 38.21 -11.39
C LEU B 24 4.49 37.17 -12.08
N LEU B 25 4.21 36.87 -13.35
CA LEU B 25 5.00 35.89 -14.06
C LEU B 25 6.46 36.32 -14.19
N ARG B 26 6.69 37.62 -14.33
CA ARG B 26 8.02 38.18 -14.43
C ARG B 26 8.76 38.03 -13.12
N GLY B 27 8.09 38.21 -12.01
CA GLY B 27 8.70 37.99 -10.72
C GLY B 27 8.99 36.53 -10.45
N ILE B 28 8.13 35.64 -10.93
CA ILE B 28 8.37 34.21 -10.77
C ILE B 28 9.54 33.77 -11.63
N ALA B 29 9.61 34.24 -12.87
CA ALA B 29 10.78 33.98 -13.71
C ALA B 29 12.05 34.49 -13.03
N ASP B 30 11.99 35.67 -12.43
CA ASP B 30 13.13 36.17 -11.67
C ASP B 30 13.49 35.22 -10.53
N ALA B 31 12.48 34.70 -9.83
CA ALA B 31 12.73 33.76 -8.74
C ALA B 31 13.27 32.44 -9.26
N MET B 32 12.82 32.00 -10.41
CA MET B 32 13.32 30.79 -10.98
C MET B 32 14.79 30.96 -11.20
N VAL B 33 15.22 31.99 -11.90
CA VAL B 33 16.63 32.19 -12.19
C VAL B 33 17.43 32.33 -10.96
N GLU B 34 16.80 32.73 -9.90
CA GLU B 34 17.44 32.98 -8.66
C GLU B 34 17.67 31.69 -7.94
N GLU B 35 16.75 30.77 -8.07
CA GLU B 35 16.90 29.42 -7.56
C GLU B 35 17.86 28.60 -8.42
N MET B 36 17.96 28.91 -9.71
CA MET B 36 18.94 28.23 -10.55
C MET B 36 20.35 28.55 -10.08
N GLU B 37 20.60 29.78 -9.61
CA GLU B 37 21.91 30.13 -9.09
C GLU B 37 22.21 29.39 -7.79
N ARG B 38 21.24 29.20 -6.92
CA ARG B 38 21.47 28.49 -5.69
C ARG B 38 21.79 27.06 -5.95
N GLY B 39 21.08 26.40 -6.84
CA GLY B 39 21.37 25.00 -7.10
C GLY B 39 22.72 24.78 -7.76
N LEU B 40 23.18 25.73 -8.57
CA LEU B 40 24.45 25.59 -9.26
C LEU B 40 25.64 25.81 -8.34
N ARG B 41 25.43 26.47 -7.25
CA ARG B 41 26.47 26.72 -6.32
C ARG B 41 26.40 25.74 -5.19
N ALA B 42 25.47 24.83 -5.26
CA ALA B 42 25.30 23.80 -4.29
C ALA B 42 24.75 24.26 -2.99
N ASP B 43 23.99 25.35 -2.97
CA ASP B 43 23.41 25.88 -1.72
C ASP B 43 22.66 24.76 -1.15
N PRO B 44 22.53 24.75 0.22
CA PRO B 44 21.82 23.59 0.74
C PRO B 44 20.40 23.98 0.88
N HIS B 45 19.50 23.01 0.79
CA HIS B 45 18.09 23.30 0.89
C HIS B 45 17.63 23.99 -0.35
N ALA B 46 18.29 23.75 -1.47
CA ALA B 46 17.92 24.39 -2.69
C ALA B 46 16.84 23.64 -3.34
N PRO B 47 15.75 24.29 -3.68
CA PRO B 47 14.66 23.55 -4.34
C PRO B 47 15.08 22.97 -5.68
N LEU B 48 15.78 23.72 -6.50
CA LEU B 48 16.24 23.24 -7.75
C LEU B 48 17.57 22.56 -7.51
N LYS B 49 17.72 21.32 -7.89
CA LYS B 49 18.98 20.65 -7.63
C LYS B 49 20.01 20.96 -8.66
N MET B 50 19.57 21.29 -9.83
CA MET B 50 20.49 21.67 -10.91
C MET B 50 21.58 20.61 -11.07
N LEU B 51 21.15 19.44 -11.50
CA LEU B 51 21.99 18.25 -11.48
C LEU B 51 22.91 18.24 -12.68
N ILE B 52 24.23 18.18 -12.42
CA ILE B 52 25.19 17.90 -13.48
C ILE B 52 24.85 16.58 -14.13
N SER B 53 24.80 16.57 -15.44
CA SER B 53 24.42 15.39 -16.16
C SER B 53 25.48 14.57 -16.75
N TYR B 54 26.63 15.14 -16.84
CA TYR B 54 27.77 14.52 -17.43
C TYR B 54 27.69 14.48 -18.97
N VAL B 55 26.73 15.15 -19.55
CA VAL B 55 26.68 15.24 -20.97
C VAL B 55 27.27 16.58 -21.31
N ASP B 56 28.46 16.64 -21.89
CA ASP B 56 29.03 17.92 -22.27
C ASP B 56 29.12 17.99 -23.76
N ASN B 57 28.95 16.86 -24.43
CA ASN B 57 28.99 16.96 -25.89
C ASN B 57 27.68 16.39 -26.43
N LEU B 58 26.80 17.28 -26.87
CA LEU B 58 25.52 16.89 -27.43
C LEU B 58 25.73 16.26 -28.81
N PRO B 59 24.72 15.56 -29.31
CA PRO B 59 24.81 14.90 -30.61
C PRO B 59 25.22 15.80 -31.75
N THR B 60 26.00 15.26 -32.66
CA THR B 60 26.52 16.06 -33.76
C THR B 60 26.11 15.65 -35.12
N GLY B 61 25.65 14.45 -35.24
CA GLY B 61 25.28 13.88 -36.51
C GLY B 61 26.21 12.77 -36.98
N ASP B 62 27.44 12.76 -36.54
CA ASP B 62 28.36 11.77 -36.98
C ASP B 62 28.23 10.46 -36.29
N GLU B 63 27.16 10.25 -35.56
CA GLU B 63 26.99 9.03 -34.83
C GLU B 63 26.86 7.85 -35.75
N HIS B 64 27.40 6.72 -35.35
CA HIS B 64 27.37 5.57 -36.19
C HIS B 64 27.30 4.31 -35.42
N GLY B 65 26.51 3.37 -35.91
CA GLY B 65 26.44 2.04 -35.36
C GLY B 65 25.04 1.65 -34.95
N LEU B 66 24.93 0.58 -34.18
CA LEU B 66 23.66 0.06 -33.70
C LEU B 66 23.63 0.19 -32.23
N PHE B 67 22.61 0.85 -31.73
CA PHE B 67 22.47 1.08 -30.32
C PHE B 67 21.02 1.04 -29.88
N TYR B 68 20.80 0.50 -28.70
CA TYR B 68 19.47 0.41 -28.11
C TYR B 68 19.25 1.54 -27.11
N ALA B 69 17.98 1.75 -26.77
CA ALA B 69 17.61 2.73 -25.78
C ALA B 69 16.41 2.23 -25.00
N LEU B 70 16.44 2.45 -23.69
CA LEU B 70 15.31 2.18 -22.81
C LEU B 70 14.83 3.51 -22.23
N ASP B 71 13.54 3.77 -22.34
CA ASP B 71 12.95 5.00 -21.83
C ASP B 71 11.91 4.70 -20.77
N LEU B 72 12.24 4.99 -19.52
CA LEU B 72 11.33 4.73 -18.40
C LEU B 72 10.62 6.01 -17.94
N GLY B 73 9.32 6.10 -18.23
CA GLY B 73 8.55 7.23 -17.84
C GLY B 73 7.75 7.11 -16.63
N GLY B 74 6.60 7.72 -16.64
CA GLY B 74 5.73 7.63 -15.51
C GLY B 74 4.51 6.84 -15.80
N THR B 75 4.14 6.76 -17.06
CA THR B 75 2.95 6.12 -17.49
C THR B 75 3.23 5.03 -18.50
N ASN B 76 4.38 5.11 -19.12
CA ASN B 76 4.83 4.16 -20.12
C ASN B 76 6.28 3.96 -20.12
N PHE B 77 6.73 3.09 -20.99
CA PHE B 77 8.13 2.84 -21.18
C PHE B 77 8.26 2.31 -22.55
N ARG B 78 9.30 2.64 -23.23
CA ARG B 78 9.51 2.18 -24.58
C ARG B 78 10.93 1.69 -24.75
N VAL B 79 11.08 0.67 -25.59
CA VAL B 79 12.37 0.13 -25.98
C VAL B 79 12.63 0.55 -27.42
N ILE B 80 13.78 1.16 -27.66
CA ILE B 80 14.11 1.73 -28.96
C ILE B 80 15.36 1.04 -29.48
N ARG B 81 15.51 1.01 -30.78
CA ARG B 81 16.65 0.37 -31.42
C ARG B 81 16.86 1.12 -32.72
N VAL B 82 18.05 1.65 -32.99
CA VAL B 82 18.35 2.45 -34.16
C VAL B 82 19.69 2.03 -34.75
N GLN B 83 19.82 2.19 -36.08
CA GLN B 83 21.05 1.92 -36.84
C GLN B 83 21.50 3.25 -37.33
N LEU B 84 22.51 3.81 -36.70
CA LEU B 84 23.04 5.12 -37.06
C LEU B 84 24.10 4.97 -38.15
N GLY B 85 23.98 5.80 -39.19
CA GLY B 85 24.82 5.65 -40.37
C GLY B 85 25.97 6.63 -40.49
N GLY B 86 25.84 7.81 -39.91
CA GLY B 86 26.88 8.82 -39.92
C GLY B 86 26.34 10.16 -40.36
N ARG B 87 27.22 11.07 -40.65
CA ARG B 87 26.81 12.37 -41.02
C ARG B 87 25.90 12.46 -42.18
N GLU B 88 26.05 11.61 -43.17
CA GLU B 88 25.21 11.72 -44.33
C GLU B 88 24.02 10.84 -44.32
N LYS B 89 24.19 9.66 -43.77
CA LYS B 89 23.09 8.70 -43.76
C LYS B 89 22.17 8.86 -42.56
N ARG B 90 22.72 9.23 -41.43
CA ARG B 90 21.94 9.40 -40.22
C ARG B 90 21.20 8.20 -39.70
N VAL B 91 19.91 8.31 -39.48
CA VAL B 91 19.16 7.19 -38.93
C VAL B 91 18.73 6.31 -40.10
N VAL B 92 19.35 5.16 -40.27
CA VAL B 92 18.93 4.36 -41.39
C VAL B 92 17.77 3.49 -41.03
N SER B 93 17.80 2.87 -39.86
CA SER B 93 16.68 2.08 -39.44
C SER B 93 16.31 2.37 -38.00
N GLN B 94 15.04 2.21 -37.68
CA GLN B 94 14.57 2.49 -36.37
C GLN B 94 13.36 1.66 -36.05
N GLN B 95 13.28 1.19 -34.83
CA GLN B 95 12.15 0.44 -34.38
C GLN B 95 11.89 0.76 -32.92
N TYR B 96 10.68 0.56 -32.47
CA TYR B 96 10.40 0.75 -31.09
C TYR B 96 9.15 0.01 -30.67
N GLU B 97 8.88 0.03 -29.40
CA GLU B 97 7.74 -0.65 -28.82
C GLU B 97 7.43 0.05 -27.54
N GLU B 98 6.24 0.59 -27.38
CA GLU B 98 5.83 1.28 -26.17
C GLU B 98 4.90 0.39 -25.36
N VAL B 99 5.12 0.36 -24.04
CA VAL B 99 4.38 -0.49 -23.12
C VAL B 99 3.88 0.36 -21.96
N ALA B 100 2.63 0.16 -21.57
CA ALA B 100 2.06 0.86 -20.43
C ALA B 100 2.54 0.24 -19.13
N ILE B 101 2.96 1.08 -18.19
CA ILE B 101 3.42 0.63 -16.88
C ILE B 101 2.20 0.22 -16.05
N PRO B 102 2.12 -1.03 -15.60
CA PRO B 102 1.05 -1.42 -14.68
C PRO B 102 1.14 -0.62 -13.40
N PRO B 103 -0.01 -0.19 -12.86
CA PRO B 103 0.02 0.71 -11.70
C PRO B 103 0.77 0.16 -10.49
N HIS B 104 0.66 -1.14 -10.23
CA HIS B 104 1.31 -1.71 -9.05
C HIS B 104 2.83 -1.56 -9.10
N LEU B 105 3.42 -1.68 -10.29
CA LEU B 105 4.87 -1.60 -10.42
C LEU B 105 5.42 -0.22 -10.08
N MET B 106 4.56 0.78 -9.90
CA MET B 106 5.01 2.10 -9.46
C MET B 106 5.21 2.19 -7.95
N VAL B 107 4.60 1.27 -7.19
CA VAL B 107 4.58 1.38 -5.74
C VAL B 107 4.94 0.05 -5.12
N GLY B 108 5.56 -0.84 -5.90
CA GLY B 108 5.90 -2.15 -5.38
C GLY B 108 7.36 -2.33 -5.05
N THR B 109 7.96 -3.39 -5.57
CA THR B 109 9.35 -3.70 -5.35
C THR B 109 10.17 -3.28 -6.56
N SER B 110 11.35 -2.71 -6.32
CA SER B 110 12.19 -2.26 -7.42
C SER B 110 12.66 -3.42 -8.27
N MET B 111 12.72 -4.61 -7.73
CA MET B 111 13.07 -5.77 -8.49
C MET B 111 11.94 -6.04 -9.45
N GLU B 112 10.70 -5.84 -9.04
CA GLU B 112 9.57 -6.10 -9.93
C GLU B 112 9.55 -5.12 -11.09
N LEU B 113 9.83 -3.83 -10.81
CA LEU B 113 9.85 -2.84 -11.86
C LEU B 113 10.92 -3.15 -12.90
N PHE B 114 12.16 -3.35 -12.45
CA PHE B 114 13.27 -3.56 -13.38
C PHE B 114 13.22 -4.94 -14.01
N ASP B 115 12.55 -5.90 -13.39
CA ASP B 115 12.35 -7.19 -14.05
C ASP B 115 11.34 -7.05 -15.20
N PHE B 116 10.34 -6.23 -15.01
CA PHE B 116 9.31 -6.02 -15.99
C PHE B 116 9.82 -5.39 -17.24
N ILE B 117 10.64 -4.37 -17.12
CA ILE B 117 11.14 -3.66 -18.28
C ILE B 117 12.30 -4.42 -18.92
N ALA B 118 13.12 -5.10 -18.12
CA ALA B 118 14.19 -5.92 -18.69
C ALA B 118 13.64 -7.13 -19.42
N ALA B 119 12.48 -7.63 -18.99
CA ALA B 119 11.87 -8.75 -19.69
C ALA B 119 11.21 -8.32 -21.00
N GLU B 120 10.88 -7.06 -21.14
CA GLU B 120 10.32 -6.50 -22.37
C GLU B 120 11.46 -6.19 -23.29
N LEU B 121 12.59 -5.77 -22.77
CA LEU B 121 13.73 -5.54 -23.64
C LEU B 121 14.18 -6.87 -24.17
N GLU B 122 14.31 -7.84 -23.33
CA GLU B 122 14.77 -9.08 -23.87
C GLU B 122 13.93 -9.52 -25.06
N SER B 123 12.65 -9.71 -24.91
CA SER B 123 11.87 -10.14 -26.08
C SER B 123 12.00 -9.19 -27.25
N PHE B 124 12.53 -7.99 -27.02
CA PHE B 124 12.68 -7.00 -28.07
C PHE B 124 13.98 -7.19 -28.85
N VAL B 125 15.09 -7.48 -28.16
CA VAL B 125 16.33 -7.72 -28.89
C VAL B 125 16.29 -9.08 -29.57
N LYS B 126 15.48 -9.95 -29.03
CA LYS B 126 15.31 -11.26 -29.56
C LYS B 126 14.57 -11.19 -30.83
N THR B 127 14.08 -10.03 -31.20
CA THR B 127 13.35 -9.91 -32.44
C THR B 127 14.10 -9.03 -33.37
N GLU B 128 15.40 -8.85 -33.16
CA GLU B 128 16.22 -7.95 -33.94
C GLU B 128 16.31 -8.41 -35.39
N GLY B 129 15.83 -7.60 -36.30
CA GLY B 129 15.83 -7.97 -37.69
C GLY B 129 17.12 -7.82 -38.46
N GLU B 130 17.02 -7.90 -39.77
CA GLU B 130 18.21 -7.83 -40.59
C GLU B 130 18.62 -6.45 -40.96
N ASP B 131 17.85 -5.45 -40.53
CA ASP B 131 18.25 -4.09 -40.79
C ASP B 131 19.18 -3.56 -39.76
N PHE B 132 19.41 -4.30 -38.69
CA PHE B 132 20.31 -3.87 -37.63
C PHE B 132 21.36 -4.93 -37.45
N HIS B 133 22.60 -4.51 -37.63
CA HIS B 133 23.75 -5.36 -37.51
C HIS B 133 24.79 -4.94 -36.51
N LEU B 134 25.17 -5.90 -35.70
CA LEU B 134 26.17 -5.72 -34.70
C LEU B 134 27.30 -6.63 -35.04
N PRO B 135 28.48 -6.08 -35.15
CA PRO B 135 29.68 -6.87 -35.50
C PRO B 135 29.94 -7.99 -34.51
N GLU B 136 30.58 -9.03 -34.98
CA GLU B 136 30.89 -10.19 -34.18
C GLU B 136 31.61 -9.90 -32.90
N GLY B 137 31.29 -10.67 -31.88
CA GLY B 137 31.90 -10.59 -30.56
C GLY B 137 31.55 -9.47 -29.64
N ARG B 138 30.94 -8.42 -30.19
CA ARG B 138 30.53 -7.23 -29.48
C ARG B 138 29.29 -7.46 -28.69
N GLN B 139 29.12 -6.62 -27.68
CA GLN B 139 27.98 -6.63 -26.83
C GLN B 139 27.34 -5.30 -26.97
N ARG B 140 26.08 -5.37 -27.28
CA ARG B 140 25.06 -4.36 -27.51
C ARG B 140 25.06 -3.36 -26.35
N GLU B 141 24.95 -2.08 -26.69
CA GLU B 141 25.04 -1.00 -25.71
C GLU B 141 23.73 -0.23 -25.64
N LEU B 142 23.42 0.25 -24.44
CA LEU B 142 22.11 0.79 -24.11
C LEU B 142 22.23 2.24 -23.68
N GLY B 143 21.27 3.05 -24.13
CA GLY B 143 21.01 4.34 -23.53
C GLY B 143 19.81 4.23 -22.62
N PHE B 144 19.97 4.70 -21.39
CA PHE B 144 18.95 4.55 -20.35
C PHE B 144 18.38 5.93 -20.04
N THR B 145 17.14 6.17 -20.43
CA THR B 145 16.42 7.37 -20.05
C THR B 145 15.61 7.07 -18.79
N PHE B 146 15.95 7.74 -17.70
CA PHE B 146 15.33 7.51 -16.39
C PHE B 146 14.69 8.83 -15.96
N SER B 147 13.37 8.90 -16.08
CA SER B 147 12.64 10.15 -15.90
C SER B 147 12.40 10.47 -14.44
N PHE B 148 13.44 10.41 -13.61
CA PHE B 148 13.33 10.69 -12.19
C PHE B 148 14.63 11.33 -11.73
N PRO B 149 14.60 12.11 -10.65
CA PRO B 149 15.81 12.82 -10.22
C PRO B 149 16.89 11.85 -9.78
N VAL B 150 18.08 11.99 -10.37
CA VAL B 150 19.21 11.12 -10.12
C VAL B 150 20.44 11.96 -9.85
N HIS B 151 21.14 11.66 -8.75
CA HIS B 151 22.43 12.27 -8.47
C HIS B 151 23.48 11.58 -9.33
N GLN B 152 23.93 12.28 -10.37
CA GLN B 152 24.83 11.71 -11.35
C GLN B 152 26.24 11.59 -10.80
N THR B 153 26.89 10.46 -11.05
CA THR B 153 28.28 10.26 -10.71
C THR B 153 29.16 10.00 -11.92
N SER B 154 28.58 9.73 -13.08
CA SER B 154 29.29 9.56 -14.35
C SER B 154 28.23 9.58 -15.45
N ILE B 155 28.68 9.43 -16.70
CA ILE B 155 27.74 9.40 -17.82
C ILE B 155 26.79 8.21 -17.74
N SER B 156 27.16 7.16 -17.01
CA SER B 156 26.34 5.95 -16.98
C SER B 156 26.18 5.40 -15.57
N SER B 157 26.25 6.25 -14.56
CA SER B 157 26.02 5.82 -13.19
C SER B 157 25.35 6.96 -12.42
N GLY B 158 24.45 6.59 -11.50
CA GLY B 158 23.73 7.60 -10.76
C GLY B 158 22.82 7.07 -9.66
N THR B 159 22.71 7.83 -8.58
CA THR B 159 21.91 7.47 -7.43
C THR B 159 20.52 8.11 -7.53
N LEU B 160 19.49 7.31 -7.30
CA LEU B 160 18.14 7.85 -7.24
C LEU B 160 17.98 8.77 -6.03
N ILE B 161 17.53 9.99 -6.28
CA ILE B 161 17.32 10.94 -5.19
C ILE B 161 15.96 10.73 -4.54
N LYS B 162 14.91 10.63 -5.35
CA LYS B 162 13.57 10.44 -4.84
C LYS B 162 12.66 10.06 -6.00
N TRP B 163 11.54 9.43 -5.67
CA TRP B 163 10.52 9.14 -6.67
C TRP B 163 9.58 10.33 -6.80
N THR B 164 9.00 10.48 -7.99
CA THR B 164 8.05 11.54 -8.28
C THR B 164 6.92 10.95 -9.13
N LYS B 165 5.98 11.82 -9.51
CA LYS B 165 4.82 11.53 -10.35
C LYS B 165 4.26 10.12 -10.19
N GLY B 166 3.78 9.80 -8.99
CA GLY B 166 3.04 8.56 -8.78
C GLY B 166 3.87 7.36 -8.36
N PHE B 167 5.20 7.44 -8.46
CA PHE B 167 6.05 6.33 -8.07
C PHE B 167 6.38 6.41 -6.59
N SER B 168 6.50 5.24 -5.96
CA SER B 168 6.83 5.15 -4.55
C SER B 168 7.36 3.76 -4.22
N ILE B 169 8.61 3.49 -4.59
CA ILE B 169 9.23 2.18 -4.43
C ILE B 169 10.28 2.28 -3.33
N ASN B 170 10.09 1.52 -2.26
CA ASN B 170 11.07 1.51 -1.19
C ASN B 170 12.36 0.84 -1.65
N GLY B 171 13.47 1.28 -1.08
CA GLY B 171 14.74 0.59 -1.23
C GLY B 171 15.59 1.00 -2.42
N THR B 172 15.12 1.90 -3.27
CA THR B 172 15.94 2.40 -4.36
C THR B 172 16.57 3.75 -4.08
N VAL B 173 15.98 4.55 -3.20
CA VAL B 173 16.60 5.83 -2.84
C VAL B 173 17.99 5.57 -2.31
N GLY B 174 19.00 6.16 -2.95
CA GLY B 174 20.38 5.96 -2.61
C GLY B 174 21.08 4.91 -3.44
N GLU B 175 20.36 4.10 -4.19
CA GLU B 175 20.96 3.02 -4.97
C GLU B 175 21.18 3.45 -6.41
N ASP B 176 22.22 2.90 -7.02
CA ASP B 176 22.54 3.19 -8.41
C ASP B 176 21.48 2.59 -9.32
N VAL B 177 20.83 3.43 -10.13
CA VAL B 177 19.72 2.95 -10.94
C VAL B 177 20.20 2.10 -12.11
N VAL B 178 21.41 2.36 -12.62
CA VAL B 178 21.94 1.55 -13.71
C VAL B 178 22.34 0.17 -13.21
N ALA B 179 22.96 0.11 -12.01
CA ALA B 179 23.28 -1.18 -11.43
C ALA B 179 22.02 -2.01 -11.21
N GLU B 180 20.91 -1.35 -10.86
CA GLU B 180 19.66 -2.06 -10.62
C GLU B 180 19.09 -2.61 -11.93
N LEU B 181 19.19 -1.85 -13.01
CA LEU B 181 18.74 -2.34 -14.31
C LEU B 181 19.67 -3.42 -14.83
N SER B 182 20.98 -3.27 -14.61
CA SER B 182 21.93 -4.26 -15.10
C SER B 182 21.68 -5.62 -14.47
N ARG B 183 21.43 -5.65 -13.16
CA ARG B 183 21.10 -6.91 -12.50
C ARG B 183 19.87 -7.56 -13.11
N ALA B 184 18.83 -6.76 -13.39
CA ALA B 184 17.60 -7.29 -13.96
C ALA B 184 17.82 -7.83 -15.37
N MET B 185 18.70 -7.20 -16.11
CA MET B 185 19.02 -7.65 -17.42
C MET B 185 19.77 -8.95 -17.34
N GLU B 186 20.69 -9.09 -16.40
CA GLU B 186 21.41 -10.34 -16.19
C GLU B 186 20.47 -11.45 -15.73
N ARG B 187 19.47 -11.13 -14.94
CA ARG B 187 18.48 -12.08 -14.50
C ARG B 187 17.64 -12.54 -15.66
N GLN B 188 17.81 -11.94 -16.82
CA GLN B 188 17.05 -12.37 -17.99
C GLN B 188 17.95 -12.92 -19.03
N GLY B 189 19.20 -13.12 -18.71
CA GLY B 189 20.14 -13.69 -19.67
C GLY B 189 20.35 -12.79 -20.86
N LEU B 190 20.68 -11.53 -20.61
CA LEU B 190 20.84 -10.49 -21.61
C LEU B 190 22.19 -9.87 -21.62
N ASP B 191 22.78 -9.78 -22.77
CA ASP B 191 24.07 -9.20 -22.87
C ASP B 191 24.04 -7.80 -23.42
N MET B 192 23.79 -6.85 -22.55
CA MET B 192 23.75 -5.48 -22.89
C MET B 192 24.39 -4.69 -21.78
N LYS B 193 25.08 -3.62 -22.14
CA LYS B 193 25.70 -2.76 -21.19
C LYS B 193 25.18 -1.36 -21.34
N VAL B 194 24.82 -0.71 -20.24
CA VAL B 194 24.36 0.67 -20.26
C VAL B 194 25.58 1.57 -20.32
N THR B 195 25.68 2.38 -21.38
CA THR B 195 26.79 3.30 -21.54
C THR B 195 26.39 4.75 -21.33
N ALA B 196 25.10 5.04 -21.21
CA ALA B 196 24.64 6.40 -20.97
C ALA B 196 23.38 6.37 -20.11
N LEU B 197 23.40 7.15 -19.03
CA LEU B 197 22.23 7.34 -18.16
C LEU B 197 21.86 8.81 -18.19
N VAL B 198 20.64 9.11 -18.67
CA VAL B 198 20.19 10.49 -18.82
C VAL B 198 18.78 10.63 -18.27
N ASN B 199 18.49 11.80 -17.73
CA ASN B 199 17.12 12.19 -17.45
C ASN B 199 16.38 12.43 -18.77
N ASP B 200 15.05 12.33 -18.72
CA ASP B 200 14.28 12.50 -19.95
C ASP B 200 14.34 13.93 -20.47
N THR B 201 14.54 14.92 -19.59
CA THR B 201 14.79 16.27 -20.07
C THR B 201 16.12 16.37 -20.78
N VAL B 202 17.16 15.72 -20.24
CA VAL B 202 18.46 15.71 -20.90
C VAL B 202 18.40 14.91 -22.19
N GLY B 203 17.70 13.77 -22.17
CA GLY B 203 17.62 12.95 -23.37
C GLY B 203 16.93 13.66 -24.52
N THR B 204 15.81 14.33 -24.23
CA THR B 204 15.11 15.08 -25.26
C THR B 204 15.99 16.18 -25.83
N LEU B 205 16.74 16.87 -24.98
CA LEU B 205 17.65 17.91 -25.45
C LEU B 205 18.74 17.33 -26.36
N ALA B 206 19.25 16.15 -26.02
CA ALA B 206 20.23 15.49 -26.88
C ALA B 206 19.61 15.12 -28.22
N GLY B 207 18.50 14.37 -28.20
CA GLY B 207 17.80 14.07 -29.43
C GLY B 207 17.29 15.29 -30.16
N GLY B 208 16.99 16.36 -29.42
CA GLY B 208 16.55 17.60 -30.05
C GLY B 208 17.63 18.23 -30.91
N ARG B 209 18.83 18.28 -30.37
CA ARG B 209 20.00 18.83 -31.03
C ARG B 209 20.50 17.99 -32.16
N TYR B 210 20.04 16.76 -32.26
CA TYR B 210 20.44 15.88 -33.36
C TYR B 210 19.80 16.30 -34.67
N VAL B 211 18.69 17.00 -34.61
CA VAL B 211 18.01 17.42 -35.81
C VAL B 211 17.85 18.90 -35.93
N ASP B 212 18.42 19.64 -35.01
CA ASP B 212 18.40 21.08 -35.02
C ASP B 212 19.47 21.54 -34.09
N ASN B 213 20.36 22.35 -34.58
CA ASN B 213 21.49 22.80 -33.83
C ASN B 213 21.30 23.81 -32.78
N ASP B 214 20.27 24.61 -32.91
CA ASP B 214 20.07 25.67 -31.97
C ASP B 214 19.34 25.26 -30.75
N VAL B 215 19.01 23.99 -30.63
CA VAL B 215 18.29 23.55 -29.46
C VAL B 215 19.16 23.81 -28.23
N ALA B 216 18.71 24.72 -27.37
CA ALA B 216 19.43 25.09 -26.16
C ALA B 216 18.80 24.58 -24.89
N ALA B 217 17.53 24.16 -24.93
CA ALA B 217 16.86 23.65 -23.74
C ALA B 217 15.78 22.67 -24.16
N ALA B 218 15.34 21.87 -23.19
CA ALA B 218 14.27 20.91 -23.40
C ALA B 218 13.31 20.97 -22.22
N VAL B 219 12.02 21.05 -22.48
CA VAL B 219 11.01 21.11 -21.42
C VAL B 219 10.09 19.94 -21.53
N ILE B 220 9.67 19.34 -20.43
CA ILE B 220 8.77 18.23 -20.50
C ILE B 220 7.48 18.59 -19.86
N LEU B 221 6.38 18.21 -20.47
CA LEU B 221 5.05 18.46 -19.92
C LEU B 221 4.22 17.19 -20.14
N GLY B 222 4.23 16.30 -19.18
CA GLY B 222 3.50 15.07 -19.31
C GLY B 222 2.87 14.84 -18.00
N THR B 223 3.05 13.67 -17.43
CA THR B 223 2.51 13.40 -16.11
C THR B 223 3.23 14.28 -15.08
N GLY B 224 4.51 14.47 -15.27
CA GLY B 224 5.28 15.44 -14.53
C GLY B 224 5.82 16.52 -15.46
N THR B 225 6.51 17.49 -14.87
CA THR B 225 7.14 18.54 -15.65
C THR B 225 8.55 18.78 -15.12
N ASN B 226 9.44 19.12 -16.05
CA ASN B 226 10.85 19.34 -15.75
C ASN B 226 11.49 19.94 -16.99
N ALA B 227 12.73 20.39 -16.84
CA ALA B 227 13.42 21.05 -17.94
C ALA B 227 14.92 20.91 -17.77
N ALA B 228 15.61 20.86 -18.91
CA ALA B 228 17.06 20.85 -18.95
C ALA B 228 17.52 21.92 -19.93
N TYR B 229 18.70 22.49 -19.72
CA TYR B 229 19.28 23.50 -20.59
C TYR B 229 20.77 23.34 -20.61
N VAL B 230 21.44 23.99 -21.54
CA VAL B 230 22.89 23.96 -21.67
C VAL B 230 23.46 25.16 -20.92
N GLU B 231 24.30 24.93 -19.95
CA GLU B 231 24.89 25.96 -19.14
C GLU B 231 26.38 25.99 -19.33
N HIS B 232 27.02 27.10 -19.03
CA HIS B 232 28.43 27.25 -19.18
C HIS B 232 29.12 26.76 -17.98
N ALA B 233 30.05 25.84 -18.16
CA ALA B 233 30.77 25.23 -17.08
C ALA B 233 31.40 26.13 -16.08
N ASN B 234 31.73 27.31 -16.52
CA ASN B 234 32.32 28.33 -15.68
C ASN B 234 31.28 29.12 -14.91
N ALA B 235 29.99 28.90 -15.18
CA ALA B 235 28.91 29.46 -14.39
C ALA B 235 28.36 28.47 -13.39
N ILE B 236 29.06 27.35 -13.17
CA ILE B 236 28.63 26.34 -12.22
C ILE B 236 29.63 26.31 -11.07
N PRO B 237 29.39 27.05 -9.99
CA PRO B 237 30.36 27.07 -8.88
C PRO B 237 30.62 25.71 -8.26
N LYS B 238 29.66 24.82 -8.31
CA LYS B 238 29.78 23.53 -7.69
C LYS B 238 30.52 22.48 -8.45
N TRP B 239 31.07 22.85 -9.59
CA TRP B 239 31.90 22.03 -10.48
C TRP B 239 33.25 21.87 -9.84
N THR B 240 33.74 20.68 -9.76
CA THR B 240 34.99 20.43 -9.18
C THR B 240 35.41 19.76 -10.40
N GLY B 241 36.68 19.61 -10.68
CA GLY B 241 37.04 19.04 -11.96
C GLY B 241 37.30 19.97 -13.13
N LEU B 242 37.79 19.42 -14.23
CA LEU B 242 38.18 20.04 -15.49
C LEU B 242 37.17 20.50 -16.54
N LEU B 243 37.33 21.70 -17.05
CA LEU B 243 36.45 22.25 -18.06
C LEU B 243 35.94 21.42 -19.22
N PRO B 244 34.65 21.23 -19.31
CA PRO B 244 34.18 20.51 -20.49
C PRO B 244 34.89 20.82 -21.75
N ARG B 245 35.38 19.88 -22.49
CA ARG B 245 36.06 20.28 -23.71
C ARG B 245 35.29 21.38 -24.43
N SER B 246 34.00 21.30 -24.35
CA SER B 246 33.20 22.29 -25.05
C SER B 246 32.83 23.49 -24.17
N GLY B 247 33.17 23.53 -22.92
CA GLY B 247 32.78 24.65 -22.11
C GLY B 247 31.35 24.75 -21.68
N ASN B 248 30.56 23.71 -21.92
CA ASN B 248 29.17 23.71 -21.55
C ASN B 248 28.81 22.45 -20.88
N MET B 249 27.66 22.42 -20.23
CA MET B 249 27.17 21.26 -19.53
C MET B 249 25.67 21.20 -19.39
N VAL B 250 25.01 20.14 -19.81
CA VAL B 250 23.57 20.02 -19.68
C VAL B 250 23.19 19.82 -18.23
N ILE B 251 22.34 20.70 -17.75
CA ILE B 251 21.88 20.71 -16.37
C ILE B 251 20.45 20.20 -16.34
N ASN B 252 20.19 19.25 -15.44
CA ASN B 252 18.83 18.79 -15.16
C ASN B 252 18.28 19.66 -14.03
N MET B 253 17.41 20.61 -14.37
CA MET B 253 16.94 21.57 -13.37
C MET B 253 16.19 20.88 -12.24
N GLU B 254 15.38 19.88 -12.59
CA GLU B 254 14.39 19.31 -11.66
C GLU B 254 13.50 20.42 -11.11
N TRP B 255 12.86 21.14 -12.02
CA TRP B 255 12.17 22.36 -11.63
C TRP B 255 10.77 22.07 -11.09
N GLY B 256 10.30 20.83 -11.20
CA GLY B 256 9.04 20.48 -10.57
C GLY B 256 9.06 20.72 -9.07
N ASN B 257 10.25 20.65 -8.47
CA ASN B 257 10.44 20.92 -7.05
C ASN B 257 10.55 22.40 -6.74
N PHE B 258 10.46 23.27 -7.75
CA PHE B 258 10.48 24.71 -7.51
C PHE B 258 9.36 25.10 -6.55
N LYS B 259 9.68 25.99 -5.62
CA LYS B 259 8.66 26.57 -4.77
C LYS B 259 9.05 28.00 -4.46
N SER B 260 8.09 28.89 -4.43
CA SER B 260 8.35 30.27 -4.17
C SER B 260 7.14 30.71 -3.49
N GLU B 261 7.09 31.92 -2.99
CA GLU B 261 5.92 32.39 -2.32
C GLU B 261 5.16 33.19 -3.30
N ARG B 262 5.76 33.42 -4.45
CA ARG B 262 5.15 34.12 -5.55
C ARG B 262 4.33 33.20 -6.34
N LEU B 263 4.32 31.94 -5.99
CA LEU B 263 3.52 30.97 -6.70
C LEU B 263 2.06 31.09 -6.28
N PRO B 264 1.14 31.33 -7.20
CA PRO B 264 -0.27 31.51 -6.82
C PRO B 264 -0.93 30.21 -6.41
N ARG B 265 -0.81 29.81 -5.16
CA ARG B 265 -1.41 28.60 -4.68
C ARG B 265 -2.70 28.86 -3.95
N SER B 266 -3.48 27.83 -3.65
CA SER B 266 -4.74 27.93 -2.94
C SER B 266 -4.91 26.78 -2.00
N ASP B 267 -6.05 26.71 -1.34
CA ASP B 267 -6.33 25.59 -0.44
C ASP B 267 -6.44 24.27 -1.18
N TYR B 268 -6.94 24.30 -2.42
CA TYR B 268 -7.00 23.08 -3.22
C TYR B 268 -5.61 22.52 -3.47
N ASP B 269 -4.62 23.40 -3.63
CA ASP B 269 -3.24 22.95 -3.80
C ASP B 269 -2.69 22.40 -2.50
N ASN B 270 -3.02 23.03 -1.36
CA ASN B 270 -2.60 22.50 -0.07
C ASN B 270 -3.20 21.12 0.18
N ALA B 271 -4.50 20.97 -0.07
CA ALA B 271 -5.15 19.68 0.16
C ALA B 271 -4.59 18.61 -0.75
N LEU B 272 -4.34 18.93 -1.98
CA LEU B 272 -3.78 17.98 -2.90
C LEU B 272 -2.46 17.57 -2.43
N ASP B 273 -1.58 18.48 -2.08
CA ASP B 273 -0.26 18.18 -1.58
C ASP B 273 -0.33 17.38 -0.28
N PHE B 274 -1.24 17.70 0.61
CA PHE B 274 -1.37 16.98 1.88
C PHE B 274 -1.72 15.52 1.67
N GLU B 275 -2.58 15.23 0.74
CA GLU B 275 -2.93 13.88 0.52
C GLU B 275 -2.21 13.28 -0.65
N SER B 276 -1.03 13.79 -0.95
CA SER B 276 -0.25 13.31 -2.09
C SER B 276 0.72 12.22 -1.65
N LEU B 277 1.34 11.56 -2.60
CA LEU B 277 2.28 10.52 -2.32
C LEU B 277 3.61 11.00 -1.94
N ASN B 278 3.87 12.26 -2.15
CA ASN B 278 5.14 12.88 -1.74
C ASN B 278 4.84 14.25 -1.17
N PRO B 279 4.24 14.30 0.02
CA PRO B 279 3.76 15.59 0.54
C PRO B 279 4.92 16.56 0.78
N GLY B 280 4.74 17.77 0.33
CA GLY B 280 5.72 18.80 0.44
C GLY B 280 6.63 18.94 -0.74
N GLU B 281 6.71 17.94 -1.58
CA GLU B 281 7.61 17.92 -2.68
C GLU B 281 6.98 18.14 -3.96
N GLN B 282 7.72 18.70 -4.89
CA GLN B 282 7.28 18.99 -6.20
C GLN B 282 6.11 19.90 -6.23
N ILE B 283 6.22 21.00 -5.54
CA ILE B 283 5.20 22.00 -5.45
C ILE B 283 4.85 22.58 -6.76
N TYR B 284 5.84 23.09 -7.46
CA TYR B 284 5.65 23.71 -8.77
C TYR B 284 5.00 22.74 -9.74
N GLU B 285 5.47 21.50 -9.75
CA GLU B 285 4.95 20.49 -10.67
C GLU B 285 3.46 20.24 -10.44
N LYS B 286 3.03 20.29 -9.18
CA LYS B 286 1.65 20.00 -8.83
C LYS B 286 0.67 21.11 -9.20
N MET B 287 1.14 22.17 -9.88
CA MET B 287 0.27 23.17 -10.46
C MET B 287 0.29 23.16 -11.98
N ILE B 288 1.20 22.41 -12.59
CA ILE B 288 1.40 22.40 -14.03
C ILE B 288 1.05 21.04 -14.63
N SER B 289 1.48 19.98 -13.96
CA SER B 289 1.69 18.68 -14.55
C SER B 289 0.38 17.94 -14.85
N GLY B 290 0.47 16.99 -15.78
CA GLY B 290 -0.70 16.24 -16.19
C GLY B 290 -1.27 15.35 -15.11
N MET B 291 -0.43 14.85 -14.21
CA MET B 291 -0.95 14.00 -13.13
C MET B 291 -1.88 14.76 -12.21
N TYR B 292 -1.70 16.08 -12.10
CA TYR B 292 -2.36 16.86 -11.06
C TYR B 292 -3.40 17.85 -11.59
N LEU B 293 -3.38 18.17 -12.88
CA LEU B 293 -4.32 19.17 -13.41
C LEU B 293 -5.76 18.71 -13.20
N GLY B 294 -6.10 17.51 -13.68
CA GLY B 294 -7.45 17.00 -13.50
C GLY B 294 -7.87 16.93 -12.05
N GLU B 295 -6.93 16.60 -11.16
CA GLU B 295 -7.25 16.49 -9.74
C GLU B 295 -7.60 17.85 -9.14
N ILE B 296 -7.03 18.93 -9.64
CA ILE B 296 -7.35 20.27 -9.16
C ILE B 296 -8.72 20.63 -9.62
N VAL B 297 -9.10 20.21 -10.78
CA VAL B 297 -10.42 20.46 -11.27
C VAL B 297 -11.42 19.69 -10.41
N ARG B 298 -11.13 18.45 -10.07
CA ARG B 298 -12.00 17.65 -9.24
C ARG B 298 -12.24 18.21 -7.87
N ARG B 299 -11.23 18.79 -7.27
CA ARG B 299 -11.37 19.33 -5.96
C ARG B 299 -12.11 20.64 -5.95
N ILE B 300 -12.16 21.34 -7.05
CA ILE B 300 -12.86 22.60 -7.12
C ILE B 300 -14.31 22.24 -7.34
N LEU B 301 -14.60 21.37 -8.30
CA LEU B 301 -15.97 20.91 -8.52
C LEU B 301 -16.58 20.31 -7.26
N LEU B 302 -15.75 19.70 -6.41
CA LEU B 302 -16.26 19.12 -5.18
C LEU B 302 -16.71 20.19 -4.21
N LYS B 303 -16.03 21.31 -4.12
CA LYS B 303 -16.46 22.39 -3.27
C LYS B 303 -17.72 22.96 -3.81
N LEU B 304 -17.80 23.11 -5.11
CA LEU B 304 -19.05 23.58 -5.70
C LEU B 304 -20.19 22.61 -5.45
N ALA B 305 -19.96 21.36 -5.74
CA ALA B 305 -20.98 20.35 -5.58
C ALA B 305 -21.51 20.14 -4.19
N HIS B 306 -20.83 20.71 -3.23
CA HIS B 306 -21.17 20.55 -1.85
C HIS B 306 -21.63 21.85 -1.24
N ASP B 307 -20.98 22.95 -1.55
CA ASP B 307 -21.40 24.25 -1.06
C ASP B 307 -22.47 24.91 -1.91
N ALA B 308 -22.79 24.35 -3.09
CA ALA B 308 -23.76 24.97 -3.97
C ALA B 308 -24.64 23.96 -4.70
N SER B 309 -24.59 22.68 -4.31
CA SER B 309 -25.44 21.65 -4.90
C SER B 309 -25.36 21.65 -6.42
N LEU B 310 -24.15 21.86 -6.95
CA LEU B 310 -23.96 22.06 -8.38
C LEU B 310 -24.44 20.88 -9.22
N PHE B 311 -24.34 19.66 -8.68
CA PHE B 311 -24.74 18.46 -9.41
C PHE B 311 -25.90 17.75 -8.71
N GLY B 312 -26.66 18.43 -7.91
CA GLY B 312 -27.72 17.73 -7.22
C GLY B 312 -27.74 18.14 -5.80
N ASP B 313 -28.61 17.56 -5.00
CA ASP B 313 -28.67 17.94 -3.61
C ASP B 313 -27.88 16.96 -2.77
N VAL B 314 -27.38 15.92 -3.41
CA VAL B 314 -26.53 14.95 -2.75
C VAL B 314 -25.32 14.85 -3.63
N VAL B 315 -24.15 15.09 -3.07
CA VAL B 315 -22.94 15.05 -3.83
C VAL B 315 -22.75 13.72 -4.45
N PRO B 316 -22.32 13.64 -5.70
CA PRO B 316 -22.16 12.32 -6.29
C PRO B 316 -20.99 11.63 -5.70
N THR B 317 -21.12 10.36 -5.42
CA THR B 317 -20.10 9.59 -4.78
C THR B 317 -18.83 9.58 -5.53
N LYS B 318 -18.92 9.31 -6.80
CA LYS B 318 -17.73 9.21 -7.65
C LYS B 318 -16.87 10.45 -7.59
N LEU B 319 -17.47 11.63 -7.41
CA LEU B 319 -16.70 12.87 -7.40
C LEU B 319 -15.75 12.95 -6.21
N GLU B 320 -16.02 12.22 -5.13
CA GLU B 320 -15.18 12.28 -3.94
C GLU B 320 -14.01 11.31 -4.01
N GLN B 321 -13.92 10.50 -5.06
CA GLN B 321 -12.82 9.58 -5.25
C GLN B 321 -11.65 10.33 -5.87
N ARG B 322 -10.50 10.32 -5.23
CA ARG B 322 -9.35 11.03 -5.72
C ARG B 322 -8.83 10.52 -7.01
N PHE B 323 -8.45 11.41 -7.90
CA PHE B 323 -7.90 11.12 -9.23
C PHE B 323 -8.92 10.44 -10.13
N ILE B 324 -10.21 10.56 -9.84
CA ILE B 324 -11.22 10.01 -10.73
C ILE B 324 -11.34 10.84 -12.00
N LEU B 325 -10.94 12.12 -11.94
CA LEU B 325 -11.03 13.03 -13.07
C LEU B 325 -9.62 13.21 -13.63
N ARG B 326 -9.30 12.51 -14.67
CA ARG B 326 -8.00 12.60 -15.20
C ARG B 326 -7.84 13.79 -16.06
N THR B 327 -6.63 14.15 -16.40
CA THR B 327 -6.34 15.33 -17.21
C THR B 327 -6.83 15.20 -18.64
N PRO B 328 -6.67 14.04 -19.31
CA PRO B 328 -7.31 13.90 -20.63
C PRO B 328 -8.82 14.09 -20.61
N ASP B 329 -9.48 13.70 -19.51
CA ASP B 329 -10.91 13.99 -19.36
C ASP B 329 -11.14 15.49 -19.24
N MET B 330 -10.32 16.17 -18.48
CA MET B 330 -10.42 17.60 -18.35
C MET B 330 -10.18 18.27 -19.64
N SER B 331 -9.36 17.68 -20.45
CA SER B 331 -9.01 18.20 -21.72
C SER B 331 -10.08 17.94 -22.74
N ALA B 332 -10.91 16.94 -22.51
CA ALA B 332 -11.98 16.59 -23.42
C ALA B 332 -13.08 17.55 -23.20
N MET B 333 -13.43 17.74 -21.95
CA MET B 333 -14.45 18.72 -21.60
C MET B 333 -14.07 20.13 -22.04
N HIS B 334 -12.81 20.49 -21.87
CA HIS B 334 -12.38 21.87 -22.11
C HIS B 334 -12.56 22.27 -23.57
N HIS B 335 -12.40 21.34 -24.49
CA HIS B 335 -12.45 21.63 -25.92
C HIS B 335 -13.84 21.46 -26.52
N ASP B 336 -14.86 21.26 -25.70
CA ASP B 336 -16.23 21.20 -26.20
C ASP B 336 -16.67 22.58 -26.66
N THR B 337 -17.19 22.66 -27.88
CA THR B 337 -17.68 23.93 -28.43
C THR B 337 -19.17 23.90 -28.75
N SER B 338 -19.85 22.77 -28.56
CA SER B 338 -21.27 22.68 -28.86
C SER B 338 -22.07 23.62 -27.97
N HIS B 339 -23.18 24.13 -28.51
CA HIS B 339 -23.97 25.14 -27.83
C HIS B 339 -24.46 24.68 -26.46
N ASP B 340 -24.74 23.40 -26.32
CA ASP B 340 -25.24 22.84 -25.07
C ASP B 340 -24.18 22.08 -24.30
N LEU B 341 -22.93 22.11 -24.75
CA LEU B 341 -21.82 21.41 -24.11
C LEU B 341 -22.17 19.94 -23.89
N LYS B 342 -22.67 19.33 -24.95
CA LYS B 342 -23.11 17.97 -24.92
C LYS B 342 -22.05 16.95 -24.74
N HIS B 343 -20.83 17.25 -25.10
CA HIS B 343 -19.71 16.32 -24.93
C HIS B 343 -19.04 16.50 -23.57
N LEU B 344 -18.98 17.74 -23.07
CA LEU B 344 -18.61 17.94 -21.67
C LEU B 344 -19.60 17.24 -20.75
N GLY B 345 -20.89 17.40 -21.03
CA GLY B 345 -21.90 16.79 -20.17
C GLY B 345 -21.89 15.27 -20.25
N ALA B 346 -21.65 14.73 -21.45
CA ALA B 346 -21.55 13.28 -21.58
C ALA B 346 -20.35 12.74 -20.82
N LYS B 347 -19.31 13.53 -20.69
CA LYS B 347 -18.15 13.10 -19.94
C LYS B 347 -18.47 13.21 -18.48
N LEU B 348 -19.07 14.28 -18.06
CA LEU B 348 -19.42 14.43 -16.65
C LEU B 348 -20.31 13.29 -16.16
N LYS B 349 -21.13 12.71 -17.05
CA LYS B 349 -21.96 11.59 -16.66
C LYS B 349 -21.13 10.37 -16.30
N ASP B 350 -20.10 10.08 -17.09
CA ASP B 350 -19.20 8.97 -16.77
C ASP B 350 -18.46 9.21 -15.46
N ILE B 351 -17.76 10.29 -15.40
CA ILE B 351 -16.93 10.56 -14.28
C ILE B 351 -17.63 10.72 -12.98
N LEU B 352 -18.76 11.37 -12.99
CA LEU B 352 -19.50 11.62 -11.78
C LEU B 352 -20.56 10.61 -11.46
N GLY B 353 -20.98 9.81 -12.42
CA GLY B 353 -22.03 8.84 -12.21
C GLY B 353 -23.40 9.46 -12.01
N VAL B 354 -23.61 10.67 -12.53
CA VAL B 354 -24.91 11.33 -12.45
C VAL B 354 -25.70 11.01 -13.72
N ALA B 355 -27.01 11.26 -13.66
CA ALA B 355 -27.84 11.03 -14.83
C ALA B 355 -27.84 12.23 -15.77
N ASP B 356 -27.67 13.44 -15.25
CA ASP B 356 -27.79 14.64 -16.07
C ASP B 356 -27.07 15.79 -15.35
N THR B 357 -26.93 16.90 -16.08
CA THR B 357 -26.23 18.07 -15.57
C THR B 357 -26.87 19.32 -16.14
N SER B 358 -26.97 20.35 -15.31
CA SER B 358 -27.49 21.64 -15.77
C SER B 358 -26.58 22.21 -16.86
N LEU B 359 -27.18 22.97 -17.77
CA LEU B 359 -26.38 23.76 -18.70
C LEU B 359 -25.51 24.76 -17.95
N GLU B 360 -25.97 25.15 -16.80
CA GLU B 360 -25.26 26.07 -15.94
C GLU B 360 -24.09 25.40 -15.35
N ALA B 361 -24.28 24.19 -14.89
CA ALA B 361 -23.19 23.41 -14.31
C ALA B 361 -22.12 23.10 -15.34
N ARG B 362 -22.49 22.85 -16.57
CA ARG B 362 -21.53 22.59 -17.60
C ARG B 362 -20.67 23.79 -17.87
N TYR B 363 -21.25 24.95 -17.76
CA TYR B 363 -20.55 26.17 -18.01
C TYR B 363 -19.62 26.50 -16.90
N ILE B 364 -20.01 26.25 -15.69
CA ILE B 364 -19.14 26.38 -14.52
C ILE B 364 -18.00 25.37 -14.59
N THR B 365 -18.32 24.12 -14.95
CA THR B 365 -17.29 23.11 -15.14
C THR B 365 -16.30 23.56 -16.21
N LEU B 366 -16.80 24.07 -17.33
CA LEU B 366 -15.92 24.57 -18.38
C LEU B 366 -15.06 25.72 -17.88
N HIS B 367 -15.61 26.56 -17.01
CA HIS B 367 -14.85 27.69 -16.48
C HIS B 367 -13.76 27.22 -15.53
N VAL B 368 -14.03 26.17 -14.74
CA VAL B 368 -13.03 25.65 -13.81
C VAL B 368 -11.86 25.05 -14.57
N CYS B 369 -12.14 24.21 -15.57
CA CYS B 369 -11.09 23.71 -16.45
C CYS B 369 -10.27 24.85 -17.03
N ASP B 370 -10.94 25.94 -17.42
CA ASP B 370 -10.24 27.08 -18.01
C ASP B 370 -9.29 27.72 -17.01
N LEU B 371 -9.75 27.94 -15.82
CA LEU B 371 -8.89 28.55 -14.85
C LEU B 371 -7.73 27.69 -14.47
N VAL B 372 -7.94 26.40 -14.27
CA VAL B 372 -6.86 25.50 -13.87
C VAL B 372 -5.85 25.33 -15.00
N ALA B 373 -6.34 25.07 -16.22
CA ALA B 373 -5.43 24.91 -17.35
C ALA B 373 -4.67 26.20 -17.64
N GLU B 374 -5.26 27.35 -17.40
CA GLU B 374 -4.58 28.60 -17.65
C GLU B 374 -3.48 28.83 -16.70
N ARG B 375 -3.72 28.68 -15.43
CA ARG B 375 -2.65 28.92 -14.46
C ARG B 375 -1.47 27.98 -14.71
N GLY B 376 -1.75 26.71 -14.98
CA GLY B 376 -0.67 25.78 -15.24
C GLY B 376 0.16 26.18 -16.46
N ALA B 377 -0.52 26.57 -17.53
CA ALA B 377 0.21 26.91 -18.76
C ALA B 377 0.97 28.22 -18.61
N ARG B 378 0.45 29.17 -17.88
CA ARG B 378 1.11 30.41 -17.70
C ARG B 378 2.28 30.28 -16.79
N LEU B 379 2.17 29.55 -15.72
CA LEU B 379 3.32 29.31 -14.83
C LEU B 379 4.41 28.53 -15.55
N ALA B 380 4.03 27.58 -16.42
CA ALA B 380 5.03 26.86 -17.19
C ALA B 380 5.78 27.78 -18.14
N ALA B 381 5.06 28.74 -18.74
CA ALA B 381 5.72 29.71 -19.61
C ALA B 381 6.66 30.60 -18.83
N ALA B 382 6.30 30.95 -17.59
CA ALA B 382 7.19 31.75 -16.76
C ALA B 382 8.48 31.00 -16.45
N GLY B 383 8.42 29.67 -16.38
CA GLY B 383 9.64 28.90 -16.19
C GLY B 383 10.52 28.88 -17.42
N ILE B 384 9.92 28.64 -18.59
CA ILE B 384 10.68 28.70 -19.84
C ILE B 384 11.33 30.06 -20.00
N TYR B 385 10.63 31.09 -19.63
CA TYR B 385 11.17 32.43 -19.67
C TYR B 385 12.33 32.53 -18.71
N GLY B 386 12.22 31.94 -17.56
CA GLY B 386 13.33 31.91 -16.62
C GLY B 386 14.57 31.27 -17.20
N ILE B 387 14.39 30.17 -17.94
CA ILE B 387 15.52 29.55 -18.63
C ILE B 387 16.12 30.51 -19.64
N LEU B 388 15.28 31.11 -20.47
CA LEU B 388 15.76 32.06 -21.49
C LEU B 388 16.52 33.22 -20.86
N LYS B 389 16.07 33.70 -19.69
CA LYS B 389 16.81 34.73 -19.00
C LYS B 389 18.16 34.21 -18.52
N LYS B 390 18.23 32.94 -18.14
CA LYS B 390 19.50 32.37 -17.70
C LYS B 390 20.50 32.28 -18.84
N LEU B 391 20.05 31.94 -20.03
CA LEU B 391 20.89 31.87 -21.18
C LEU B 391 21.06 33.23 -21.83
N GLY B 392 20.53 34.26 -21.21
CA GLY B 392 20.63 35.61 -21.76
C GLY B 392 19.97 35.75 -23.12
N ARG B 393 18.88 35.04 -23.31
CA ARG B 393 18.16 35.08 -24.55
C ARG B 393 16.84 35.76 -24.47
N ASP B 394 16.58 36.41 -23.36
CA ASP B 394 15.36 37.10 -23.21
C ASP B 394 15.43 38.45 -23.84
N ARG B 395 16.58 38.76 -24.38
CA ARG B 395 16.82 40.02 -25.00
C ARG B 395 17.83 39.93 -26.09
N VAL B 396 17.50 40.43 -27.26
CA VAL B 396 18.45 40.47 -28.37
C VAL B 396 19.53 41.54 -28.11
N PRO B 397 20.85 41.16 -28.29
CA PRO B 397 21.84 42.21 -27.99
C PRO B 397 22.13 43.11 -29.17
N SER B 398 23.41 43.37 -29.44
CA SER B 398 23.81 44.16 -30.62
C SER B 398 25.28 43.99 -30.93
N ASP B 399 26.04 43.62 -29.92
CA ASP B 399 27.44 43.39 -30.11
C ASP B 399 27.56 41.94 -30.60
N GLY B 400 26.47 41.21 -30.57
CA GLY B 400 26.49 39.85 -31.06
C GLY B 400 27.04 39.92 -32.48
N SER B 401 26.46 40.77 -33.31
CA SER B 401 25.28 41.57 -33.00
C SER B 401 24.17 40.59 -33.06
N GLN B 402 24.22 39.77 -34.09
CA GLN B 402 23.24 38.78 -34.37
C GLN B 402 22.79 38.09 -33.12
N LYS B 403 21.48 37.99 -33.05
CA LYS B 403 20.73 37.31 -32.05
C LYS B 403 21.00 35.89 -32.37
N GLN B 404 20.55 35.01 -31.50
CA GLN B 404 20.75 33.65 -31.76
C GLN B 404 19.35 33.16 -31.93
N ARG B 405 19.16 32.08 -32.67
CA ARG B 405 17.87 31.53 -32.83
C ARG B 405 17.94 30.57 -31.69
N THR B 406 16.95 30.56 -30.81
CA THR B 406 16.97 29.64 -29.69
C THR B 406 15.84 28.70 -29.80
N VAL B 407 16.12 27.43 -29.77
CA VAL B 407 15.11 26.43 -29.90
C VAL B 407 14.96 25.70 -28.63
N ILE B 408 13.73 25.56 -28.23
CA ILE B 408 13.43 24.85 -26.99
C ILE B 408 12.60 23.62 -27.37
N ALA B 409 13.15 22.44 -27.12
CA ALA B 409 12.46 21.20 -27.47
C ALA B 409 11.44 20.86 -26.40
N LEU B 410 10.24 20.52 -26.84
CA LEU B 410 9.14 20.21 -25.96
C LEU B 410 8.57 18.81 -26.13
N ASP B 411 8.35 18.10 -25.05
CA ASP B 411 7.95 16.71 -25.11
C ASP B 411 6.97 16.45 -23.97
N GLY B 412 6.04 15.53 -24.20
CA GLY B 412 5.08 15.17 -23.18
C GLY B 412 3.65 15.23 -23.67
N GLY B 413 2.80 14.37 -23.10
CA GLY B 413 1.42 14.28 -23.54
C GLY B 413 0.60 15.51 -23.23
N LEU B 414 0.86 16.15 -22.10
CA LEU B 414 0.21 17.42 -21.79
C LEU B 414 0.37 18.40 -22.93
N TYR B 415 1.60 18.72 -23.27
CA TYR B 415 1.87 19.65 -24.32
C TYR B 415 1.37 19.19 -25.65
N GLU B 416 1.61 17.94 -25.97
CA GLU B 416 1.28 17.44 -27.30
C GLU B 416 -0.22 17.33 -27.52
N HIS B 417 -0.98 16.99 -26.48
CA HIS B 417 -2.37 16.59 -26.65
C HIS B 417 -3.40 17.51 -25.98
N TYR B 418 -2.98 18.48 -25.21
CA TYR B 418 -3.89 19.37 -24.60
C TYR B 418 -3.68 20.68 -25.26
N LYS B 419 -4.32 20.91 -26.37
CA LYS B 419 -4.18 22.13 -27.12
C LYS B 419 -4.40 23.41 -26.43
N LYS B 420 -5.52 23.64 -25.80
CA LYS B 420 -5.67 24.91 -25.12
C LYS B 420 -4.50 25.16 -24.22
N PHE B 421 -3.95 24.13 -23.64
CA PHE B 421 -2.78 24.29 -22.79
C PHE B 421 -1.57 24.73 -23.62
N ARG B 422 -1.38 24.12 -24.80
CA ARG B 422 -0.24 24.45 -25.64
C ARG B 422 -0.29 25.91 -26.10
N THR B 423 -1.40 26.32 -26.71
CA THR B 423 -1.46 27.68 -27.27
C THR B 423 -1.40 28.75 -26.18
N CYS B 424 -1.95 28.47 -25.01
CA CYS B 424 -1.80 29.41 -23.90
C CYS B 424 -0.36 29.43 -23.40
N LEU B 425 0.35 28.34 -23.49
CA LEU B 425 1.71 28.28 -23.07
C LEU B 425 2.54 29.09 -24.00
N GLU B 426 2.31 28.97 -25.28
CA GLU B 426 3.13 29.69 -26.26
C GLU B 426 2.76 31.18 -26.31
N ALA B 427 1.47 31.51 -26.21
CA ALA B 427 1.06 32.91 -26.21
C ALA B 427 1.69 33.65 -25.04
N THR B 428 1.64 33.05 -23.85
CA THR B 428 2.22 33.69 -22.67
C THR B 428 3.73 33.87 -22.82
N LEU B 429 4.42 32.85 -23.35
CA LEU B 429 5.85 32.96 -23.55
C LEU B 429 6.19 34.10 -24.49
N ALA B 430 5.52 34.16 -25.64
CA ALA B 430 5.70 35.28 -26.56
C ALA B 430 5.32 36.60 -25.89
N ASP B 431 4.38 36.60 -24.99
CA ASP B 431 4.03 37.83 -24.37
C ASP B 431 5.03 38.18 -23.29
N LEU B 432 5.61 37.19 -22.62
CA LEU B 432 6.66 37.49 -21.64
C LEU B 432 7.89 38.07 -22.32
N LEU B 433 8.31 37.48 -23.42
CA LEU B 433 9.41 38.05 -24.17
C LEU B 433 8.77 39.19 -24.96
N GLY B 434 9.54 40.10 -25.49
CA GLY B 434 9.02 41.16 -26.32
C GLY B 434 8.53 40.61 -27.64
N GLU B 435 7.96 41.51 -28.40
CA GLU B 435 7.61 41.24 -29.75
C GLU B 435 8.92 40.95 -30.44
N GLU B 436 9.94 41.70 -30.06
CA GLU B 436 11.23 41.66 -30.66
C GLU B 436 11.97 40.42 -30.38
N ALA B 437 11.94 40.06 -29.13
CA ALA B 437 12.69 38.89 -28.71
C ALA B 437 11.96 37.59 -29.06
N ALA B 438 10.63 37.58 -29.02
CA ALA B 438 9.89 36.35 -29.29
C ALA B 438 10.14 35.84 -30.70
N SER B 439 10.38 36.75 -31.64
CA SER B 439 10.65 36.36 -33.03
C SER B 439 11.94 35.60 -33.19
N SER B 440 12.67 35.35 -32.09
CA SER B 440 13.93 34.61 -32.14
C SER B 440 13.87 33.28 -31.40
N VAL B 441 12.76 32.97 -30.73
CA VAL B 441 12.64 31.76 -29.94
C VAL B 441 11.70 30.79 -30.66
N VAL B 442 12.11 29.54 -30.77
CA VAL B 442 11.36 28.49 -31.45
C VAL B 442 11.01 27.41 -30.43
N VAL B 443 9.73 27.04 -30.40
CA VAL B 443 9.24 25.97 -29.53
C VAL B 443 8.95 24.77 -30.42
N LYS B 444 9.82 23.81 -30.45
CA LYS B 444 9.61 22.70 -31.29
C LYS B 444 9.07 21.56 -30.53
N LEU B 445 8.28 20.75 -31.17
CA LEU B 445 7.76 19.50 -30.62
C LEU B 445 8.76 18.38 -30.94
N ALA B 446 9.28 17.74 -29.91
CA ALA B 446 10.21 16.62 -30.05
C ALA B 446 9.72 15.46 -29.19
N ASN B 447 8.53 14.96 -29.53
CA ASN B 447 7.86 13.95 -28.71
C ASN B 447 8.72 12.69 -28.59
N ASP B 448 8.84 12.20 -27.35
CA ASP B 448 9.64 11.03 -27.03
C ASP B 448 11.04 11.11 -27.64
N GLY B 449 11.63 12.32 -27.58
CA GLY B 449 12.97 12.50 -28.09
C GLY B 449 14.06 12.02 -27.18
N SER B 450 13.72 11.59 -25.96
CA SER B 450 14.70 10.99 -25.07
C SER B 450 15.01 9.56 -25.44
N GLY B 451 14.13 8.92 -26.23
CA GLY B 451 14.42 7.58 -26.72
C GLY B 451 15.62 7.57 -27.65
N ILE B 452 15.51 8.28 -28.77
CA ILE B 452 16.65 8.41 -29.68
C ILE B 452 17.79 9.16 -29.01
N GLY B 453 17.45 10.15 -28.18
CA GLY B 453 18.48 10.96 -27.54
C GLY B 453 19.39 10.14 -26.64
N ALA B 454 18.83 9.17 -25.92
CA ALA B 454 19.65 8.31 -25.09
C ALA B 454 20.48 7.34 -25.91
N ALA B 455 19.94 6.89 -27.05
CA ALA B 455 20.71 6.03 -27.93
C ALA B 455 21.88 6.78 -28.57
N LEU B 456 21.67 8.05 -28.91
CA LEU B 456 22.73 8.86 -29.50
C LEU B 456 23.86 9.09 -28.50
N LEU B 457 23.52 9.37 -27.24
CA LEU B 457 24.56 9.59 -26.24
C LEU B 457 25.23 8.27 -25.86
N ALA B 458 24.50 7.16 -25.98
CA ALA B 458 25.14 5.86 -25.82
C ALA B 458 26.15 5.60 -26.93
N ALA B 459 25.85 6.08 -28.14
CA ALA B 459 26.78 5.97 -29.25
C ALA B 459 28.07 6.71 -28.97
N SER B 460 27.97 8.00 -28.66
CA SER B 460 29.16 8.83 -28.41
C SER B 460 29.89 8.44 -27.13
N HIS B 461 29.49 7.37 -26.46
CA HIS B 461 30.17 6.87 -25.26
C HIS B 461 30.33 5.36 -25.33
N SER B 462 30.55 4.83 -26.54
CA SER B 462 30.67 3.40 -26.75
C SER B 462 31.96 2.89 -26.12
N GLN B 463 32.28 1.63 -26.36
CA GLN B 463 33.45 0.99 -25.75
C GLN B 463 34.73 0.74 -26.56
N TYR B 464 34.65 0.51 -27.86
CA TYR B 464 33.42 0.48 -28.54
C TYR B 464 33.22 -0.85 -29.15
N ALA B 465 32.87 -1.78 -28.29
CA ALA B 465 32.63 -3.14 -28.63
C ALA B 465 31.52 -3.64 -27.74
N GLU C 1 -42.88 -1.82 10.56
CA GLU C 1 -42.92 -2.93 9.63
C GLU C 1 -42.23 -4.09 10.29
N GLU C 2 -41.93 -5.12 9.54
CA GLU C 2 -41.23 -6.26 10.09
C GLU C 2 -39.87 -5.69 10.32
N ARG C 3 -39.30 -5.10 9.29
CA ARG C 3 -38.01 -4.51 9.44
C ARG C 3 -37.83 -3.91 10.82
N ARG C 4 -38.88 -3.42 11.48
CA ARG C 4 -38.72 -2.79 12.78
C ARG C 4 -38.25 -3.78 13.83
N ARG C 5 -38.74 -4.99 13.73
CA ARG C 5 -38.36 -6.04 14.65
C ARG C 5 -36.98 -6.46 14.40
N ARG C 6 -36.64 -6.55 13.14
CA ARG C 6 -35.32 -7.02 12.72
C ARG C 6 -34.24 -6.06 13.20
N ALA C 7 -34.52 -4.75 13.15
CA ALA C 7 -33.57 -3.77 13.69
C ALA C 7 -33.44 -3.89 15.19
N ALA C 8 -34.53 -4.24 15.88
CA ALA C 8 -34.47 -4.38 17.33
C ALA C 8 -33.57 -5.54 17.75
N ALA C 9 -33.52 -6.60 16.95
CA ALA C 9 -32.66 -7.74 17.26
C ALA C 9 -31.19 -7.36 17.16
N VAL C 10 -30.87 -6.49 16.22
CA VAL C 10 -29.51 -6.02 16.02
C VAL C 10 -29.09 -5.23 17.23
N ILE C 11 -29.84 -4.21 17.59
CA ILE C 11 -29.55 -3.36 18.75
C ILE C 11 -29.54 -4.18 20.03
N GLU C 12 -30.37 -5.23 20.11
CA GLU C 12 -30.39 -6.06 21.30
C GLU C 12 -29.04 -6.72 21.54
N GLU C 13 -28.51 -7.35 20.50
CA GLU C 13 -27.23 -8.03 20.52
C GLU C 13 -26.05 -7.13 20.75
N VAL C 14 -26.18 -5.90 20.35
CA VAL C 14 -25.17 -4.88 20.64
C VAL C 14 -25.20 -4.52 22.12
N GLU C 15 -26.38 -4.36 22.69
CA GLU C 15 -26.50 -4.07 24.09
C GLU C 15 -26.01 -5.23 24.90
N GLN C 16 -26.26 -6.44 24.44
CA GLN C 16 -25.85 -7.61 25.15
C GLN C 16 -24.37 -7.88 25.15
N ARG C 17 -23.68 -7.55 24.08
CA ARG C 17 -22.26 -7.76 24.05
C ARG C 17 -21.53 -6.57 24.60
N PHE C 18 -21.97 -5.38 24.28
CA PHE C 18 -21.31 -4.18 24.78
C PHE C 18 -21.60 -3.92 26.25
N SER C 19 -22.44 -4.74 26.89
CA SER C 19 -22.83 -4.51 28.27
C SER C 19 -21.61 -4.56 29.18
N THR C 20 -21.46 -3.54 30.02
CA THR C 20 -20.34 -3.43 30.96
C THR C 20 -20.88 -3.12 32.35
N PRO C 21 -21.50 -4.10 33.01
CA PRO C 21 -21.92 -3.89 34.40
C PRO C 21 -20.71 -3.67 35.30
N THR C 22 -20.91 -2.82 36.32
CA THR C 22 -19.83 -2.49 37.25
C THR C 22 -19.12 -3.73 37.78
N ALA C 23 -19.86 -4.82 38.00
CA ALA C 23 -19.24 -6.06 38.44
C ALA C 23 -18.17 -6.53 37.47
N LEU C 24 -18.47 -6.48 36.17
CA LEU C 24 -17.50 -6.90 35.17
C LEU C 24 -16.32 -5.94 35.10
N LEU C 25 -16.58 -4.63 35.27
CA LEU C 25 -15.51 -3.65 35.23
C LEU C 25 -14.50 -3.89 36.36
N ARG C 26 -14.97 -4.36 37.52
CA ARG C 26 -14.05 -4.65 38.61
C ARG C 26 -13.22 -5.89 38.31
N GLY C 27 -13.81 -6.88 37.63
CA GLY C 27 -13.05 -8.04 37.21
C GLY C 27 -12.01 -7.69 36.15
N ILE C 28 -12.35 -6.76 35.27
CA ILE C 28 -11.41 -6.32 34.24
C ILE C 28 -10.26 -5.54 34.88
N ALA C 29 -10.58 -4.63 35.81
CA ALA C 29 -9.55 -3.93 36.56
C ALA C 29 -8.65 -4.91 37.29
N ASP C 30 -9.20 -6.00 37.73
CA ASP C 30 -8.43 -7.02 38.39
C ASP C 30 -7.53 -7.67 37.40
N ALA C 31 -8.04 -7.90 36.23
CA ALA C 31 -7.23 -8.50 35.16
C ALA C 31 -6.14 -7.54 34.70
N MET C 32 -6.44 -6.24 34.69
CA MET C 32 -5.43 -5.25 34.34
C MET C 32 -4.24 -5.35 35.27
N VAL C 33 -4.49 -5.43 36.57
CA VAL C 33 -3.39 -5.53 37.54
C VAL C 33 -2.65 -6.85 37.38
N GLU C 34 -3.33 -7.94 37.13
CA GLU C 34 -2.62 -9.20 36.91
C GLU C 34 -1.73 -9.11 35.71
N GLU C 35 -2.16 -8.43 34.68
CA GLU C 35 -1.28 -8.30 33.51
C GLU C 35 -0.14 -7.33 33.77
N MET C 36 -0.35 -6.33 34.64
CA MET C 36 0.75 -5.44 35.01
C MET C 36 1.85 -6.19 35.74
N GLU C 37 1.48 -7.16 36.53
CA GLU C 37 2.49 -7.92 37.20
C GLU C 37 3.24 -8.78 36.24
N ARG C 38 2.60 -9.36 35.24
CA ARG C 38 3.27 -10.18 34.22
C ARG C 38 4.25 -9.40 33.39
N GLY C 39 3.90 -8.19 33.02
CA GLY C 39 4.82 -7.39 32.23
C GLY C 39 6.03 -6.92 33.02
N LEU C 40 5.85 -6.69 34.32
CA LEU C 40 6.94 -6.20 35.14
C LEU C 40 7.96 -7.28 35.48
N ARG C 41 7.61 -8.56 35.34
CA ARG C 41 8.55 -9.66 35.54
C ARG C 41 9.02 -10.27 34.23
N ALA C 42 8.81 -9.63 33.11
CA ALA C 42 9.31 -10.19 31.90
C ALA C 42 8.66 -11.48 31.46
N ASP C 43 7.39 -11.68 31.77
CA ASP C 43 6.73 -12.90 31.37
C ASP C 43 6.69 -12.81 29.92
N PRO C 44 6.45 -14.00 29.27
CA PRO C 44 6.47 -13.91 27.83
C PRO C 44 5.08 -13.98 27.30
N HIS C 45 4.87 -13.45 26.12
CA HIS C 45 3.55 -13.44 25.57
C HIS C 45 2.71 -12.47 26.33
N ALA C 46 3.34 -11.63 27.15
CA ALA C 46 2.65 -10.68 27.97
C ALA C 46 2.07 -9.61 27.13
N PRO C 47 0.79 -9.33 27.29
CA PRO C 47 0.18 -8.25 26.50
C PRO C 47 0.68 -6.88 26.91
N LEU C 48 0.75 -6.61 28.21
CA LEU C 48 1.30 -5.34 28.69
C LEU C 48 2.82 -5.43 28.71
N LYS C 49 3.48 -4.59 27.92
CA LYS C 49 4.94 -4.64 27.86
C LYS C 49 5.56 -4.07 29.13
N MET C 50 4.90 -3.10 29.78
CA MET C 50 5.38 -2.45 30.99
C MET C 50 6.84 -2.00 30.82
N LEU C 51 7.00 -1.00 29.96
CA LEU C 51 8.31 -0.61 29.48
C LEU C 51 8.99 0.32 30.48
N ILE C 52 10.18 -0.09 30.93
CA ILE C 52 11.05 0.81 31.69
C ILE C 52 11.33 2.05 30.84
N SER C 53 11.10 3.22 31.42
CA SER C 53 11.24 4.46 30.68
C SER C 53 12.56 5.18 30.95
N TYR C 54 13.33 4.73 31.93
CA TYR C 54 14.56 5.34 32.40
C TYR C 54 14.35 6.74 32.99
N VAL C 55 13.10 7.18 33.13
CA VAL C 55 12.78 8.42 33.82
C VAL C 55 12.60 8.07 35.29
N ASP C 56 13.59 8.27 36.13
CA ASP C 56 13.38 7.90 37.52
C ASP C 56 13.12 9.09 38.38
N ASN C 57 13.41 10.25 37.84
CA ASN C 57 13.23 11.49 38.54
C ASN C 57 12.39 12.46 37.75
N LEU C 58 11.13 12.67 38.12
CA LEU C 58 10.22 13.56 37.44
C LEU C 58 10.58 15.02 37.72
N PRO C 59 10.11 15.96 36.91
CA PRO C 59 10.49 17.36 37.10
C PRO C 59 10.19 17.86 38.51
N THR C 60 11.03 18.77 38.97
CA THR C 60 10.94 19.35 40.29
C THR C 60 10.53 20.79 40.33
N GLY C 61 10.77 21.49 39.25
CA GLY C 61 10.60 22.93 39.19
C GLY C 61 11.89 23.69 39.03
N ASP C 62 13.01 23.11 39.47
CA ASP C 62 14.32 23.75 39.42
C ASP C 62 14.94 23.75 38.02
N GLU C 63 14.21 23.35 37.00
CA GLU C 63 14.78 23.30 35.65
C GLU C 63 15.15 24.66 35.17
N HIS C 64 16.27 24.70 34.47
CA HIS C 64 16.79 25.93 33.99
C HIS C 64 17.46 25.88 32.65
N GLY C 65 17.13 26.82 31.80
CA GLY C 65 17.81 26.94 30.52
C GLY C 65 16.83 26.94 29.37
N LEU C 66 17.38 26.77 28.15
CA LEU C 66 16.64 26.74 26.89
C LEU C 66 16.62 25.39 26.30
N PHE C 67 15.44 24.85 26.07
CA PHE C 67 15.34 23.50 25.55
C PHE C 67 14.17 23.41 24.59
N TYR C 68 14.37 22.63 23.51
CA TYR C 68 13.34 22.35 22.52
C TYR C 68 12.71 20.98 22.78
N ALA C 69 11.56 20.75 22.15
CA ALA C 69 10.88 19.48 22.25
C ALA C 69 10.18 19.16 20.94
N LEU C 70 10.25 17.90 20.54
CA LEU C 70 9.52 17.39 19.38
C LEU C 70 8.48 16.38 19.84
N ASP C 71 7.24 16.61 19.44
CA ASP C 71 6.14 15.76 19.83
C ASP C 71 5.46 15.04 18.72
N LEU C 72 5.51 13.72 18.76
CA LEU C 72 4.89 12.87 17.76
C LEU C 72 4.24 11.67 18.45
N GLY C 73 2.95 11.45 18.25
CA GLY C 73 2.12 12.21 17.35
C GLY C 73 1.39 11.27 16.41
N GLY C 74 0.10 11.06 16.63
CA GLY C 74 -0.66 10.13 15.81
C GLY C 74 -1.27 10.79 14.59
N THR C 75 -1.84 11.97 14.79
CA THR C 75 -2.43 12.75 13.71
C THR C 75 -1.69 14.06 13.46
N ASN C 76 -0.92 14.54 14.43
CA ASN C 76 -0.20 15.80 14.30
C ASN C 76 1.18 15.62 14.91
N PHE C 77 2.02 16.63 14.73
CA PHE C 77 3.26 16.73 15.48
C PHE C 77 3.51 18.21 15.75
N ARG C 78 4.12 18.49 16.88
CA ARG C 78 4.41 19.86 17.27
C ARG C 78 5.86 20.00 17.70
N VAL C 79 6.41 21.19 17.44
CA VAL C 79 7.74 21.58 17.89
C VAL C 79 7.57 22.61 18.99
N ILE C 80 8.23 22.37 20.13
CA ILE C 80 8.07 23.21 21.31
C ILE C 80 9.43 23.81 21.65
N ARG C 81 9.41 24.96 22.29
CA ARG C 81 10.61 25.71 22.65
C ARG C 81 10.28 26.46 23.91
N VAL C 82 11.01 26.29 24.99
CA VAL C 82 10.75 26.93 26.26
C VAL C 82 12.05 27.44 26.87
N GLN C 83 11.96 28.56 27.56
CA GLN C 83 13.08 29.13 28.33
C GLN C 83 12.75 28.94 29.81
N LEU C 84 13.36 27.94 30.43
CA LEU C 84 13.08 27.61 31.82
C LEU C 84 13.93 28.47 32.75
N GLY C 85 13.28 29.04 33.78
CA GLY C 85 13.94 30.00 34.62
C GLY C 85 14.43 29.49 35.96
N GLY C 86 13.76 28.48 36.51
CA GLY C 86 14.17 27.90 37.77
C GLY C 86 12.99 27.79 38.72
N ARG C 87 13.34 27.65 39.98
CA ARG C 87 12.38 27.55 41.04
C ARG C 87 11.45 28.73 41.09
N GLU C 88 11.95 29.90 40.75
CA GLU C 88 11.11 31.08 40.85
C GLU C 88 10.53 31.62 39.56
N LYS C 89 11.28 31.53 38.49
CA LYS C 89 10.78 32.04 37.22
C LYS C 89 10.03 30.98 36.43
N ARG C 90 10.36 29.71 36.64
CA ARG C 90 9.67 28.61 35.95
C ARG C 90 9.68 28.89 34.45
N VAL C 91 8.54 28.86 33.77
CA VAL C 91 8.49 28.99 32.31
C VAL C 91 8.47 30.48 31.97
N VAL C 92 9.61 30.99 31.48
CA VAL C 92 9.71 32.40 31.16
C VAL C 92 9.04 32.69 29.82
N SER C 93 9.39 31.93 28.78
CA SER C 93 8.81 32.09 27.46
C SER C 93 8.56 30.73 26.85
N GLN C 94 7.51 30.61 26.05
CA GLN C 94 7.12 29.38 25.40
C GLN C 94 6.53 29.62 24.06
N GLN C 95 6.97 28.88 23.07
CA GLN C 95 6.48 28.96 21.70
C GLN C 95 6.25 27.57 21.15
N TYR C 96 5.36 27.43 20.19
CA TYR C 96 5.14 26.16 19.56
C TYR C 96 4.45 26.26 18.25
N GLU C 97 4.47 25.17 17.50
CA GLU C 97 3.84 25.06 16.21
C GLU C 97 3.35 23.67 16.04
N GLU C 98 2.11 23.49 15.62
CA GLU C 98 1.56 22.18 15.40
C GLU C 98 1.31 21.98 13.95
N VAL C 99 1.72 20.85 13.41
CA VAL C 99 1.58 20.52 12.01
C VAL C 99 0.87 19.17 11.89
N ALA C 100 -0.10 19.10 10.98
CA ALA C 100 -0.84 17.86 10.75
C ALA C 100 -0.01 16.92 9.89
N ILE C 101 0.04 15.66 10.29
CA ILE C 101 0.80 14.63 9.59
C ILE C 101 0.09 14.27 8.29
N PRO C 102 0.72 14.43 7.13
CA PRO C 102 0.13 13.96 5.88
C PRO C 102 -0.11 12.46 5.93
N PRO C 103 -1.24 11.99 5.41
CA PRO C 103 -1.59 10.56 5.58
C PRO C 103 -0.55 9.60 5.04
N HIS C 104 0.09 9.92 3.92
CA HIS C 104 1.05 9.00 3.32
C HIS C 104 2.25 8.76 4.24
N LEU C 105 2.69 9.80 4.95
CA LEU C 105 3.86 9.69 5.80
C LEU C 105 3.69 8.71 6.96
N MET C 106 2.47 8.22 7.17
CA MET C 106 2.23 7.18 8.16
C MET C 106 2.51 5.78 7.63
N VAL C 107 2.55 5.59 6.32
CA VAL C 107 2.64 4.26 5.74
C VAL C 107 3.72 4.24 4.67
N GLY C 108 4.61 5.23 4.68
CA GLY C 108 5.64 5.29 3.67
C GLY C 108 7.01 4.85 4.15
N THR C 109 8.01 5.68 3.88
CA THR C 109 9.38 5.40 4.26
C THR C 109 9.71 6.20 5.52
N SER C 110 10.44 5.57 6.45
CA SER C 110 10.78 6.27 7.68
C SER C 110 11.70 7.45 7.41
N MET C 111 12.49 7.38 6.34
CA MET C 111 13.29 8.52 5.94
C MET C 111 12.40 9.67 5.48
N GLU C 112 11.22 9.36 4.91
CA GLU C 112 10.28 10.41 4.55
C GLU C 112 9.63 11.03 5.78
N LEU C 113 9.27 10.20 6.76
CA LEU C 113 8.65 10.69 7.98
C LEU C 113 9.59 11.63 8.74
N PHE C 114 10.80 11.14 9.05
CA PHE C 114 11.72 11.93 9.86
C PHE C 114 12.31 13.10 9.07
N ASP C 115 12.30 13.03 7.73
CA ASP C 115 12.71 14.19 6.95
C ASP C 115 11.67 15.30 7.04
N PHE C 116 10.39 14.92 7.07
CA PHE C 116 9.33 15.92 7.12
C PHE C 116 9.33 16.67 8.44
N ILE C 117 9.52 15.95 9.56
CA ILE C 117 9.49 16.62 10.86
C ILE C 117 10.79 17.34 11.15
N ALA C 118 11.92 16.81 10.67
CA ALA C 118 13.18 17.52 10.85
C ALA C 118 13.21 18.81 10.04
N ALA C 119 12.52 18.83 8.91
CA ALA C 119 12.46 20.05 8.09
C ALA C 119 11.53 21.10 8.69
N GLU C 120 10.55 20.68 9.49
CA GLU C 120 9.72 21.65 10.20
C GLU C 120 10.42 22.14 11.47
N LEU C 121 11.24 21.30 12.09
CA LEU C 121 12.04 21.75 13.22
C LEU C 121 13.13 22.71 12.76
N GLU C 122 13.63 22.49 11.59
CA GLU C 122 14.60 23.35 11.05
C GLU C 122 14.04 24.75 10.92
N SER C 123 13.01 24.92 10.14
CA SER C 123 12.41 26.23 9.95
C SER C 123 11.91 26.83 11.26
N PHE C 124 11.81 26.04 12.33
CA PHE C 124 11.33 26.53 13.61
C PHE C 124 12.46 27.13 14.46
N VAL C 125 13.64 26.50 14.48
CA VAL C 125 14.74 27.06 15.25
C VAL C 125 15.32 28.28 14.55
N LYS C 126 15.10 28.35 13.25
CA LYS C 126 15.57 29.45 12.41
C LYS C 126 14.80 30.72 12.66
N THR C 127 13.70 30.60 13.37
CA THR C 127 12.89 31.74 13.77
C THR C 127 12.97 31.99 15.27
N GLU C 128 14.03 31.48 15.91
CA GLU C 128 14.20 31.64 17.35
C GLU C 128 14.34 33.12 17.69
N GLY C 129 13.39 33.64 18.45
CA GLY C 129 13.32 35.05 18.75
C GLY C 129 14.34 35.49 19.77
N GLU C 130 14.13 36.65 20.35
CA GLU C 130 15.07 37.15 21.33
C GLU C 130 14.78 36.72 22.75
N ASP C 131 13.63 36.14 22.98
CA ASP C 131 13.30 35.76 24.34
C ASP C 131 13.90 34.47 24.70
N PHE C 132 14.60 33.85 23.76
CA PHE C 132 15.27 32.56 23.97
C PHE C 132 16.72 32.74 23.70
N HIS C 133 17.55 32.57 24.71
CA HIS C 133 18.99 32.79 24.55
C HIS C 133 19.74 31.51 24.89
N LEU C 134 20.64 31.10 24.03
CA LEU C 134 21.47 29.93 24.24
C LEU C 134 22.89 30.42 24.33
N PRO C 135 23.59 30.09 25.39
CA PRO C 135 24.97 30.58 25.56
C PRO C 135 25.88 30.14 24.41
N GLU C 136 26.87 30.95 24.12
CA GLU C 136 27.74 30.67 23.02
C GLU C 136 28.44 29.34 23.12
N GLY C 137 28.70 28.77 21.96
CA GLY C 137 29.33 27.46 21.87
C GLY C 137 28.43 26.29 22.22
N ARG C 138 27.36 26.51 22.98
CA ARG C 138 26.50 25.43 23.41
C ARG C 138 25.76 24.80 22.23
N GLN C 139 25.22 23.61 22.48
CA GLN C 139 24.42 22.86 21.52
C GLN C 139 22.97 22.83 22.02
N ARG C 140 22.03 23.17 21.14
CA ARG C 140 20.62 23.06 21.51
C ARG C 140 20.26 21.60 21.72
N GLU C 141 19.54 21.33 22.80
CA GLU C 141 19.16 19.98 23.19
C GLU C 141 17.68 19.75 23.01
N LEU C 142 17.30 18.53 22.69
CA LEU C 142 15.93 18.21 22.29
C LEU C 142 15.34 17.14 23.21
N GLY C 143 14.08 17.33 23.58
CA GLY C 143 13.28 16.27 24.15
C GLY C 143 12.38 15.70 23.07
N PHE C 144 12.40 14.38 22.92
CA PHE C 144 11.69 13.68 21.86
C PHE C 144 10.54 12.88 22.47
N THR C 145 9.31 13.32 22.23
CA THR C 145 8.14 12.55 22.60
C THR C 145 7.69 11.70 21.40
N PHE C 146 7.74 10.39 21.56
CA PHE C 146 7.46 9.42 20.50
C PHE C 146 6.28 8.57 20.97
N SER C 147 5.10 8.83 20.41
CA SER C 147 3.86 8.22 20.89
C SER C 147 3.66 6.81 20.34
N PHE C 148 4.68 5.97 20.44
CA PHE C 148 4.62 4.60 19.95
C PHE C 148 5.48 3.74 20.85
N PRO C 149 5.19 2.44 20.94
CA PRO C 149 5.94 1.58 21.87
C PRO C 149 7.41 1.46 21.48
N VAL C 150 8.28 1.74 22.44
CA VAL C 150 9.72 1.74 22.23
C VAL C 150 10.38 0.96 23.37
N HIS C 151 11.24 0.00 23.02
CA HIS C 151 12.05 -0.69 24.00
C HIS C 151 13.20 0.23 24.41
N GLN C 152 13.14 0.83 25.56
CA GLN C 152 14.15 1.75 25.95
C GLN C 152 15.43 1.12 26.34
N THR C 153 16.51 1.75 25.93
CA THR C 153 17.84 1.31 26.28
C THR C 153 18.62 2.35 27.07
N SER C 154 18.08 3.54 27.11
CA SER C 154 18.66 4.61 27.83
C SER C 154 17.61 5.68 27.78
N ILE C 155 17.86 6.79 28.44
CA ILE C 155 16.89 7.85 28.47
C ILE C 155 16.88 8.60 27.19
N SER C 156 17.85 8.39 26.36
CA SER C 156 17.83 9.03 25.05
C SER C 156 18.07 8.05 23.92
N SER C 157 17.76 6.77 24.14
CA SER C 157 17.90 5.78 23.08
C SER C 157 16.82 4.72 23.26
N GLY C 158 16.33 4.20 22.14
CA GLY C 158 15.28 3.20 22.19
C GLY C 158 14.89 2.59 20.86
N THR C 159 14.54 1.31 20.90
CA THR C 159 14.17 0.56 19.72
C THR C 159 12.66 0.55 19.54
N LEU C 160 12.21 0.86 18.32
CA LEU C 160 10.78 0.77 18.02
C LEU C 160 10.32 -0.68 18.07
N ILE C 161 9.29 -0.95 18.87
CA ILE C 161 8.76 -2.30 18.98
C ILE C 161 7.80 -2.60 17.85
N LYS C 162 6.85 -1.70 17.61
CA LYS C 162 5.85 -1.86 16.57
C LYS C 162 5.14 -0.53 16.37
N TRP C 163 4.55 -0.37 15.19
CA TRP C 163 3.72 0.79 14.93
C TRP C 163 2.29 0.53 15.41
N THR C 164 1.60 1.61 15.77
CA THR C 164 0.22 1.53 16.21
C THR C 164 -0.56 2.67 15.57
N LYS C 165 -1.85 2.75 15.92
CA LYS C 165 -2.78 3.79 15.49
C LYS C 165 -2.52 4.34 14.09
N GLY C 166 -2.65 3.49 13.06
CA GLY C 166 -2.64 3.95 11.69
C GLY C 166 -1.30 3.98 11.01
N PHE C 167 -0.21 3.85 11.76
CA PHE C 167 1.14 3.85 11.19
C PHE C 167 1.55 2.46 10.77
N SER C 168 2.32 2.39 9.68
CA SER C 168 2.86 1.13 9.17
C SER C 168 4.05 1.39 8.27
N ILE C 169 5.20 1.71 8.86
CA ILE C 169 6.40 2.05 8.11
C ILE C 169 7.39 0.90 8.25
N ASN C 170 7.73 0.28 7.13
CA ASN C 170 8.68 -0.81 7.14
C ASN C 170 10.08 -0.32 7.49
N GLY C 171 10.86 -1.18 8.12
CA GLY C 171 12.27 -0.94 8.31
C GLY C 171 12.67 -0.17 9.54
N THR C 172 11.73 0.29 10.36
CA THR C 172 12.08 0.93 11.62
C THR C 172 11.94 0.01 12.82
N VAL C 173 11.14 -1.00 12.72
CA VAL C 173 11.01 -1.88 13.81
C VAL C 173 12.39 -2.43 14.07
N GLY C 174 12.86 -2.41 15.31
CA GLY C 174 14.19 -2.84 15.68
C GLY C 174 15.25 -1.76 15.62
N GLU C 175 14.97 -0.64 15.00
CA GLU C 175 15.96 0.39 14.91
C GLU C 175 15.77 1.46 15.94
N ASP C 176 16.85 2.15 16.29
CA ASP C 176 16.82 3.20 17.29
C ASP C 176 16.10 4.44 16.73
N VAL C 177 15.03 4.85 17.40
CA VAL C 177 14.22 5.95 16.86
C VAL C 177 14.93 7.29 17.03
N VAL C 178 15.77 7.44 18.05
CA VAL C 178 16.50 8.69 18.23
C VAL C 178 17.58 8.81 17.17
N ALA C 179 18.27 7.72 16.86
CA ALA C 179 19.26 7.74 15.79
C ALA C 179 18.62 8.08 14.45
N GLU C 180 17.41 7.62 14.24
CA GLU C 180 16.69 7.87 12.99
C GLU C 180 16.33 9.34 12.86
N LEU C 181 15.92 9.99 13.93
CA LEU C 181 15.62 11.41 13.85
C LEU C 181 16.88 12.25 13.87
N SER C 182 17.94 11.77 14.50
CA SER C 182 19.20 12.52 14.47
C SER C 182 19.77 12.60 13.06
N ARG C 183 19.70 11.52 12.33
CA ARG C 183 20.18 11.52 10.99
C ARG C 183 19.42 12.50 10.14
N ALA C 184 18.12 12.54 10.29
CA ALA C 184 17.29 13.45 9.51
C ALA C 184 17.60 14.90 9.84
N MET C 185 17.95 15.17 11.08
CA MET C 185 18.33 16.50 11.52
C MET C 185 19.66 16.88 10.93
N GLU C 186 20.56 15.96 10.74
CA GLU C 186 21.81 16.31 10.13
C GLU C 186 21.54 16.57 8.69
N ARG C 187 20.79 15.72 8.04
CA ARG C 187 20.45 15.93 6.66
C ARG C 187 19.85 17.28 6.44
N GLN C 188 19.62 17.98 7.51
CA GLN C 188 18.99 19.27 7.42
C GLN C 188 19.89 20.35 7.91
N GLY C 189 21.14 20.04 8.13
CA GLY C 189 22.11 21.01 8.60
C GLY C 189 21.69 21.62 9.91
N LEU C 190 21.31 20.78 10.86
CA LEU C 190 20.79 21.19 12.15
C LEU C 190 21.58 20.64 13.27
N ASP C 191 22.10 21.49 14.14
CA ASP C 191 22.86 21.00 15.26
C ASP C 191 22.05 21.05 16.50
N MET C 192 21.48 19.88 16.79
CA MET C 192 20.66 19.64 17.93
C MET C 192 20.90 18.21 18.37
N LYS C 193 20.88 17.98 19.66
CA LYS C 193 21.07 16.66 20.18
C LYS C 193 19.88 16.26 20.98
N VAL C 194 19.41 15.02 20.81
CA VAL C 194 18.31 14.51 21.62
C VAL C 194 18.89 13.96 22.92
N THR C 195 18.44 14.54 24.01
CA THR C 195 18.88 14.16 25.33
C THR C 195 17.86 13.40 26.15
N ALA C 196 16.64 13.30 25.67
CA ALA C 196 15.60 12.56 26.35
C ALA C 196 14.62 12.01 25.30
N LEU C 197 14.36 10.70 25.38
CA LEU C 197 13.36 10.04 24.55
C LEU C 197 12.29 9.48 25.46
N VAL C 198 11.06 9.95 25.31
CA VAL C 198 9.96 9.54 26.19
C VAL C 198 8.73 9.23 25.35
N ASN C 199 7.95 8.26 25.81
CA ASN C 199 6.61 8.06 25.30
C ASN C 199 5.72 9.23 25.72
N ASP C 200 4.63 9.44 24.97
CA ASP C 200 3.76 10.57 25.27
C ASP C 200 3.01 10.39 26.58
N THR C 201 2.78 9.14 27.00
CA THR C 201 2.23 8.92 28.33
C THR C 201 3.24 9.30 29.40
N VAL C 202 4.51 8.98 29.19
CA VAL C 202 5.56 9.37 30.12
C VAL C 202 5.76 10.88 30.09
N GLY C 203 5.73 11.47 28.89
CA GLY C 203 5.92 12.91 28.78
C GLY C 203 4.83 13.70 29.47
N THR C 204 3.58 13.31 29.25
CA THR C 204 2.46 13.99 29.92
C THR C 204 2.59 13.88 31.43
N LEU C 205 2.98 12.72 31.94
CA LEU C 205 3.18 12.54 33.37
C LEU C 205 4.28 13.46 33.89
N ALA C 206 5.36 13.61 33.13
CA ALA C 206 6.44 14.50 33.53
C ALA C 206 5.97 15.96 33.54
N GLY C 207 5.41 16.43 32.43
CA GLY C 207 4.85 17.76 32.41
C GLY C 207 3.72 17.95 33.39
N GLY C 208 2.99 16.87 33.71
CA GLY C 208 1.92 16.97 34.68
C GLY C 208 2.42 17.28 36.08
N ARG C 209 3.44 16.55 36.53
CA ARG C 209 3.99 16.79 37.86
C ARG C 209 4.68 18.15 37.96
N TYR C 210 5.15 18.68 36.88
CA TYR C 210 5.82 19.94 36.95
C TYR C 210 4.91 20.95 37.54
N VAL C 211 3.63 20.78 37.33
CA VAL C 211 2.67 21.74 37.73
C VAL C 211 1.71 21.31 38.84
N ASP C 212 1.87 20.09 39.31
CA ASP C 212 1.08 19.49 40.38
C ASP C 212 1.88 18.35 40.97
N ASN C 213 2.31 18.41 42.21
CA ASN C 213 3.16 17.37 42.76
C ASN C 213 2.51 16.05 43.01
N ASP C 214 1.21 16.00 42.98
CA ASP C 214 0.61 14.72 43.24
C ASP C 214 0.35 13.78 42.07
N VAL C 215 0.79 14.15 40.87
CA VAL C 215 0.58 13.35 39.68
C VAL C 215 1.28 12.03 39.76
N ALA C 216 0.49 10.98 39.83
CA ALA C 216 1.01 9.65 39.95
C ALA C 216 0.87 8.90 38.68
N ALA C 217 -0.02 9.34 37.82
CA ALA C 217 -0.20 8.60 36.57
C ALA C 217 -0.68 9.56 35.50
N ALA C 218 -0.52 9.14 34.25
CA ALA C 218 -1.00 9.91 33.10
C ALA C 218 -1.67 8.98 32.12
N VAL C 219 -2.85 9.37 31.65
CA VAL C 219 -3.64 8.59 30.70
C VAL C 219 -3.85 9.41 29.45
N ILE C 220 -3.64 8.79 28.28
CA ILE C 220 -3.86 9.43 27.00
C ILE C 220 -5.12 8.83 26.37
N LEU C 221 -5.99 9.69 25.86
CA LEU C 221 -7.20 9.26 25.14
C LEU C 221 -7.33 10.17 23.93
N GLY C 222 -6.66 9.79 22.85
CA GLY C 222 -6.72 10.51 21.59
C GLY C 222 -6.97 9.58 20.43
N THR C 223 -6.12 9.67 19.40
CA THR C 223 -6.19 8.69 18.31
C THR C 223 -5.93 7.29 18.82
N GLY C 224 -5.05 7.16 19.83
CA GLY C 224 -4.85 5.93 20.55
C GLY C 224 -5.06 6.15 22.04
N THR C 225 -4.89 5.08 22.80
CA THR C 225 -4.98 5.15 24.25
C THR C 225 -3.84 4.38 24.88
N ASN C 226 -3.35 4.89 26.01
CA ASN C 226 -2.24 4.33 26.76
C ASN C 226 -2.15 5.09 28.07
N ALA C 227 -1.31 4.59 28.97
CA ALA C 227 -1.18 5.19 30.29
C ALA C 227 0.20 4.89 30.86
N ALA C 228 0.71 5.83 31.65
CA ALA C 228 1.96 5.66 32.37
C ALA C 228 1.75 6.01 33.84
N TYR C 229 2.54 5.43 34.71
CA TYR C 229 2.45 5.69 36.12
C TYR C 229 3.81 5.47 36.74
N VAL C 230 4.00 5.91 37.96
CA VAL C 230 5.25 5.75 38.67
C VAL C 230 5.18 4.49 39.47
N GLU C 231 6.22 3.69 39.46
CA GLU C 231 6.24 2.44 40.15
C GLU C 231 7.46 2.34 41.00
N HIS C 232 7.43 1.39 41.91
CA HIS C 232 8.51 1.15 42.82
C HIS C 232 9.46 0.18 42.24
N ALA C 233 10.66 0.62 41.98
CA ALA C 233 11.66 -0.22 41.39
C ALA C 233 11.93 -1.46 42.13
N ASN C 234 11.29 -1.66 43.26
CA ASN C 234 11.53 -2.86 44.03
C ASN C 234 10.45 -3.80 43.68
N ALA C 235 9.50 -3.25 42.97
CA ALA C 235 8.37 -4.06 42.51
C ALA C 235 8.48 -4.43 41.04
N ILE C 236 9.65 -4.22 40.42
CA ILE C 236 9.86 -4.56 39.02
C ILE C 236 10.86 -5.71 38.94
N PRO C 237 10.39 -6.96 38.91
CA PRO C 237 11.32 -8.10 38.92
C PRO C 237 12.29 -8.10 37.74
N LYS C 238 11.91 -7.54 36.61
CA LYS C 238 12.77 -7.63 35.42
C LYS C 238 13.87 -6.60 35.41
N TRP C 239 13.95 -5.72 36.41
CA TRP C 239 15.01 -4.69 36.53
C TRP C 239 16.30 -5.38 36.93
N THR C 240 17.40 -5.07 36.29
CA THR C 240 18.65 -5.77 36.51
C THR C 240 19.82 -4.86 36.80
N GLY C 241 19.68 -3.55 36.64
CA GLY C 241 20.74 -2.61 36.93
C GLY C 241 20.90 -2.42 38.42
N LEU C 242 21.18 -1.17 38.84
CA LEU C 242 21.27 -0.80 40.25
C LEU C 242 19.93 -0.27 40.69
N LEU C 243 19.80 0.38 41.84
CA LEU C 243 18.51 0.85 42.33
C LEU C 243 18.36 2.32 42.18
N PRO C 244 17.15 2.75 41.65
CA PRO C 244 17.06 4.19 41.43
C PRO C 244 17.35 4.96 42.66
N ARG C 245 17.83 6.17 42.51
CA ARG C 245 18.14 6.99 43.66
C ARG C 245 16.85 7.22 44.35
N SER C 246 15.86 7.60 43.59
CA SER C 246 14.55 7.87 44.17
C SER C 246 13.74 6.62 44.46
N GLY C 247 14.26 5.44 44.15
CA GLY C 247 13.52 4.20 44.34
C GLY C 247 12.26 4.09 43.48
N ASN C 248 12.14 4.96 42.48
CA ASN C 248 10.96 5.00 41.61
C ASN C 248 11.37 4.74 40.17
N MET C 249 10.40 4.38 39.35
CA MET C 249 10.58 4.12 37.94
C MET C 249 9.28 4.34 37.22
N VAL C 250 9.22 5.24 36.28
CA VAL C 250 8.02 5.46 35.48
C VAL C 250 7.90 4.34 34.45
N ILE C 251 6.74 3.71 34.40
CA ILE C 251 6.49 2.58 33.51
C ILE C 251 5.51 3.01 32.43
N ASN C 252 5.86 2.72 31.17
CA ASN C 252 4.94 2.90 30.05
C ASN C 252 4.18 1.60 29.87
N MET C 253 2.97 1.56 30.33
CA MET C 253 2.19 0.37 30.29
C MET C 253 1.87 -0.18 28.94
N GLU C 254 1.70 0.67 27.96
CA GLU C 254 1.24 0.28 26.63
C GLU C 254 -0.01 -0.59 26.73
N TRP C 255 -1.04 -0.04 27.37
CA TRP C 255 -2.20 -0.84 27.72
C TRP C 255 -3.18 -0.99 26.57
N GLY C 256 -2.97 -0.28 25.46
CA GLY C 256 -3.79 -0.51 24.29
C GLY C 256 -3.72 -1.95 23.83
N ASN C 257 -2.59 -2.62 24.09
CA ASN C 257 -2.39 -4.02 23.75
C ASN C 257 -3.02 -4.96 24.77
N PHE C 258 -3.72 -4.43 25.73
CA PHE C 258 -4.36 -5.24 26.71
C PHE C 258 -5.49 -6.02 26.10
N LYS C 259 -5.66 -7.24 26.54
CA LYS C 259 -6.74 -8.07 26.11
C LYS C 259 -7.02 -9.14 27.11
N SER C 260 -8.28 -9.40 27.36
CA SER C 260 -8.65 -10.39 28.32
C SER C 260 -9.80 -11.03 27.70
N GLU C 261 -10.26 -12.11 28.31
CA GLU C 261 -11.41 -12.77 27.78
C GLU C 261 -12.62 -12.22 28.51
N ARG C 262 -12.45 -11.20 29.33
CA ARG C 262 -13.54 -10.60 30.04
C ARG C 262 -13.92 -9.35 29.35
N LEU C 263 -13.15 -8.97 28.38
CA LEU C 263 -13.44 -7.77 27.60
C LEU C 263 -14.69 -7.99 26.76
N PRO C 264 -15.72 -7.17 26.91
CA PRO C 264 -16.96 -7.39 26.16
C PRO C 264 -16.82 -7.06 24.68
N ARG C 265 -16.42 -8.04 23.88
CA ARG C 265 -16.19 -7.86 22.46
C ARG C 265 -17.34 -8.47 21.65
N SER C 266 -17.45 -8.02 20.40
CA SER C 266 -18.52 -8.43 19.50
C SER C 266 -17.93 -8.76 18.14
N ASP C 267 -18.80 -9.12 17.22
CA ASP C 267 -18.42 -9.43 15.86
C ASP C 267 -17.94 -8.18 15.15
N TYR C 268 -18.41 -7.03 15.55
CA TYR C 268 -17.98 -5.79 14.97
C TYR C 268 -16.56 -5.47 15.35
N ASP C 269 -16.15 -5.88 16.53
CA ASP C 269 -14.76 -5.74 16.95
C ASP C 269 -13.87 -6.74 16.25
N ASN C 270 -14.36 -7.95 16.03
CA ASN C 270 -13.59 -8.96 15.31
C ASN C 270 -13.33 -8.52 13.87
N ALA C 271 -14.38 -8.04 13.18
CA ALA C 271 -14.23 -7.62 11.79
C ALA C 271 -13.29 -6.42 11.69
N LEU C 272 -13.42 -5.46 12.60
CA LEU C 272 -12.53 -4.30 12.61
C LEU C 272 -11.08 -4.73 12.76
N ASP C 273 -10.80 -5.60 13.73
CA ASP C 273 -9.45 -6.09 13.92
C ASP C 273 -8.97 -6.90 12.73
N PHE C 274 -9.86 -7.68 12.12
CA PHE C 274 -9.49 -8.52 10.99
C PHE C 274 -9.05 -7.67 9.80
N GLU C 275 -9.75 -6.57 9.53
CA GLU C 275 -9.41 -5.69 8.42
C GLU C 275 -8.52 -4.53 8.85
N SER C 276 -7.84 -4.64 9.99
CA SER C 276 -7.08 -3.52 10.52
C SER C 276 -5.65 -3.55 10.01
N LEU C 277 -4.96 -2.44 10.24
CA LEU C 277 -3.57 -2.30 9.82
C LEU C 277 -2.62 -3.11 10.69
N ASN C 278 -3.07 -3.53 11.88
CA ASN C 278 -2.26 -4.31 12.81
C ASN C 278 -3.13 -5.40 13.41
N PRO C 279 -3.51 -6.40 12.63
CA PRO C 279 -4.48 -7.39 13.10
C PRO C 279 -3.96 -8.18 14.29
N GLY C 280 -4.81 -8.35 15.29
CA GLY C 280 -4.47 -9.06 16.50
C GLY C 280 -3.85 -8.21 17.58
N GLU C 281 -3.39 -7.01 17.26
CA GLU C 281 -2.72 -6.12 18.19
C GLU C 281 -3.69 -5.04 18.68
N GLN C 282 -3.39 -4.51 19.86
CA GLN C 282 -4.10 -3.34 20.38
C GLN C 282 -5.59 -3.60 20.53
N ILE C 283 -5.94 -4.77 21.06
CA ILE C 283 -7.34 -5.18 21.18
C ILE C 283 -8.10 -4.21 22.07
N TYR C 284 -7.56 -3.94 23.27
CA TYR C 284 -8.20 -3.02 24.20
C TYR C 284 -8.35 -1.63 23.59
N GLU C 285 -7.37 -1.12 22.91
CA GLU C 285 -7.42 0.18 22.27
C GLU C 285 -8.46 0.30 21.22
N LYS C 286 -8.67 -0.74 20.46
CA LYS C 286 -9.63 -0.70 19.40
C LYS C 286 -11.06 -0.63 19.87
N MET C 287 -11.27 -0.48 21.17
CA MET C 287 -12.61 -0.35 21.68
C MET C 287 -12.76 0.95 22.41
N ILE C 288 -11.67 1.62 22.70
CA ILE C 288 -11.66 2.87 23.45
C ILE C 288 -11.31 4.06 22.56
N SER C 289 -10.32 3.89 21.70
CA SER C 289 -9.58 4.99 21.13
C SER C 289 -10.39 5.74 20.07
N GLY C 290 -9.98 6.98 19.83
CA GLY C 290 -10.67 7.82 18.86
C GLY C 290 -10.56 7.31 17.44
N MET C 291 -9.47 6.61 17.12
CA MET C 291 -9.31 6.10 15.77
C MET C 291 -10.38 5.07 15.42
N TYR C 292 -10.91 4.37 16.41
CA TYR C 292 -11.76 3.22 16.17
C TYR C 292 -13.21 3.39 16.62
N LEU C 293 -13.51 4.37 17.47
CA LEU C 293 -14.87 4.51 17.97
C LEU C 293 -15.87 4.76 16.85
N GLY C 294 -15.60 5.75 16.00
CA GLY C 294 -16.47 6.02 14.87
C GLY C 294 -16.62 4.82 13.94
N GLU C 295 -15.55 4.04 13.78
CA GLU C 295 -15.61 2.88 12.90
C GLU C 295 -16.54 1.80 13.44
N ILE C 296 -16.56 1.62 14.76
CA ILE C 296 -17.49 0.66 15.37
C ILE C 296 -18.93 1.09 15.13
N VAL C 297 -19.20 2.39 15.21
CA VAL C 297 -20.54 2.90 14.93
C VAL C 297 -20.91 2.63 13.47
N ARG C 298 -19.97 2.89 12.56
CA ARG C 298 -20.25 2.66 11.15
C ARG C 298 -20.59 1.21 10.86
N ARG C 299 -19.88 0.30 11.49
CA ARG C 299 -20.10 -1.09 11.30
C ARG C 299 -21.42 -1.57 11.81
N ILE C 300 -21.96 -0.90 12.80
CA ILE C 300 -23.26 -1.28 13.35
C ILE C 300 -24.29 -0.65 12.47
N LEU C 301 -24.12 0.60 12.15
CA LEU C 301 -25.06 1.23 11.22
C LEU C 301 -25.15 0.45 9.92
N LEU C 302 -24.07 -0.13 9.48
CA LEU C 302 -24.08 -0.87 8.25
C LEU C 302 -24.93 -2.08 8.40
N LYS C 303 -24.87 -2.73 9.54
CA LYS C 303 -25.65 -3.93 9.75
C LYS C 303 -27.07 -3.55 9.71
N LEU C 304 -27.39 -2.53 10.44
CA LEU C 304 -28.76 -2.03 10.46
C LEU C 304 -29.23 -1.68 9.05
N ALA C 305 -28.41 -0.94 8.31
CA ALA C 305 -28.82 -0.48 6.98
C ALA C 305 -29.08 -1.65 6.04
N HIS C 306 -28.45 -2.80 6.28
CA HIS C 306 -28.58 -3.95 5.39
C HIS C 306 -29.68 -4.89 5.84
N ASP C 307 -29.77 -5.17 7.13
CA ASP C 307 -30.75 -6.11 7.66
C ASP C 307 -32.09 -5.48 7.98
N ALA C 308 -32.19 -4.14 7.94
CA ALA C 308 -33.43 -3.48 8.29
C ALA C 308 -33.72 -2.24 7.46
N SER C 309 -32.98 -2.03 6.36
CA SER C 309 -33.22 -0.91 5.45
C SER C 309 -33.30 0.42 6.17
N LEU C 310 -32.50 0.59 7.18
CA LEU C 310 -32.51 1.77 8.00
C LEU C 310 -32.36 3.07 7.30
N PHE C 311 -31.63 3.09 6.21
CA PHE C 311 -31.39 4.30 5.44
C PHE C 311 -31.92 4.17 4.02
N GLY C 312 -32.97 3.39 3.84
CA GLY C 312 -33.52 3.12 2.52
C GLY C 312 -33.36 1.66 2.14
N ASP C 313 -33.83 1.45 0.92
CA ASP C 313 -33.87 0.19 0.21
C ASP C 313 -32.54 -0.28 -0.27
N VAL C 314 -31.64 0.63 -0.59
CA VAL C 314 -30.33 0.25 -1.03
C VAL C 314 -29.36 0.83 -0.06
N VAL C 315 -28.48 0.00 0.45
CA VAL C 315 -27.47 0.44 1.42
C VAL C 315 -26.65 1.56 0.79
N PRO C 316 -26.53 2.71 1.45
CA PRO C 316 -25.73 3.81 0.88
C PRO C 316 -24.28 3.40 0.67
N THR C 317 -23.78 3.65 -0.54
CA THR C 317 -22.41 3.26 -0.90
C THR C 317 -21.39 3.82 0.09
N LYS C 318 -21.50 5.10 0.41
CA LYS C 318 -20.54 5.74 1.31
C LYS C 318 -20.45 5.02 2.65
N LEU C 319 -21.55 4.44 3.14
CA LEU C 319 -21.54 3.76 4.42
C LEU C 319 -20.66 2.52 4.42
N GLU C 320 -20.41 1.93 3.26
CA GLU C 320 -19.59 0.73 3.16
C GLU C 320 -18.11 1.05 3.05
N GLN C 321 -17.75 2.29 3.13
CA GLN C 321 -16.40 2.68 3.07
C GLN C 321 -15.82 2.68 4.42
N ARG C 322 -14.70 2.06 4.62
CA ARG C 322 -14.12 2.04 5.92
C ARG C 322 -13.58 3.35 6.41
N PHE C 323 -13.83 3.65 7.67
CA PHE C 323 -13.38 4.88 8.30
C PHE C 323 -14.00 6.13 7.70
N ILE C 324 -15.13 5.99 7.01
CA ILE C 324 -15.82 7.16 6.48
C ILE C 324 -16.47 7.98 7.59
N LEU C 325 -16.77 7.35 8.72
CA LEU C 325 -17.42 7.98 9.86
C LEU C 325 -16.38 8.21 10.95
N ARG C 326 -15.85 9.40 11.05
CA ARG C 326 -14.86 9.72 12.03
C ARG C 326 -15.42 9.86 13.40
N THR C 327 -14.59 9.74 14.39
CA THR C 327 -15.07 9.88 15.76
C THR C 327 -15.55 11.30 16.07
N PRO C 328 -14.89 12.38 15.62
CA PRO C 328 -15.49 13.71 15.81
C PRO C 328 -16.87 13.84 15.17
N ASP C 329 -17.13 13.14 14.07
CA ASP C 329 -18.47 13.09 13.52
C ASP C 329 -19.43 12.38 14.46
N MET C 330 -18.98 11.29 15.01
CA MET C 330 -19.75 10.53 15.95
C MET C 330 -20.20 11.41 17.05
N SER C 331 -19.30 12.05 17.75
CA SER C 331 -19.68 12.92 18.83
C SER C 331 -20.48 14.12 18.40
N ALA C 332 -20.35 14.57 17.17
CA ALA C 332 -21.12 15.68 16.70
C ALA C 332 -22.55 15.27 16.79
N MET C 333 -22.86 14.09 16.30
CA MET C 333 -24.16 13.60 16.34
C MET C 333 -24.57 13.28 17.77
N HIS C 334 -23.73 12.61 18.51
CA HIS C 334 -24.10 12.24 19.86
C HIS C 334 -24.57 13.38 20.74
N HIS C 335 -24.05 14.56 20.53
CA HIS C 335 -24.39 15.71 21.35
C HIS C 335 -25.59 16.49 20.82
N ASP C 336 -26.33 15.94 19.90
CA ASP C 336 -27.50 16.62 19.42
C ASP C 336 -28.58 16.55 20.45
N THR C 337 -29.34 17.63 20.57
CA THR C 337 -30.41 17.69 21.54
C THR C 337 -31.69 18.09 20.88
N SER C 338 -31.60 18.59 19.66
CA SER C 338 -32.81 19.11 19.02
C SER C 338 -33.88 18.04 18.97
N HIS C 339 -35.13 18.40 19.09
CA HIS C 339 -36.15 17.40 19.14
C HIS C 339 -36.20 16.52 17.94
N ASP C 340 -35.93 17.06 16.76
CA ASP C 340 -35.96 16.25 15.56
C ASP C 340 -34.57 15.75 15.16
N LEU C 341 -33.56 15.98 15.98
CA LEU C 341 -32.18 15.56 15.70
C LEU C 341 -31.73 16.05 14.34
N LYS C 342 -31.97 17.33 14.17
CA LYS C 342 -31.68 18.15 13.02
C LYS C 342 -30.27 18.17 12.58
N HIS C 343 -29.37 18.14 13.53
CA HIS C 343 -27.94 18.25 13.33
C HIS C 343 -27.26 16.88 13.22
N LEU C 344 -27.82 15.87 13.82
CA LEU C 344 -27.29 14.56 13.63
C LEU C 344 -27.72 14.17 12.24
N GLY C 345 -28.94 14.44 11.82
CA GLY C 345 -29.36 14.06 10.48
C GLY C 345 -28.59 14.80 9.39
N ALA C 346 -28.24 16.03 9.63
CA ALA C 346 -27.50 16.75 8.62
C ALA C 346 -26.07 16.29 8.54
N LYS C 347 -25.63 15.54 9.53
CA LYS C 347 -24.30 14.97 9.56
C LYS C 347 -24.42 13.66 8.85
N LEU C 348 -25.49 12.93 9.08
CA LEU C 348 -25.72 11.68 8.36
C LEU C 348 -25.86 11.90 6.87
N LYS C 349 -26.30 13.07 6.45
CA LYS C 349 -26.45 13.36 5.04
C LYS C 349 -25.14 13.50 4.37
N ASP C 350 -24.15 14.09 5.00
CA ASP C 350 -22.84 14.26 4.40
C ASP C 350 -22.10 12.99 4.20
N ILE C 351 -22.02 12.27 5.29
CA ILE C 351 -21.35 11.02 5.48
C ILE C 351 -21.99 9.84 4.79
N LEU C 352 -23.28 9.69 4.75
CA LEU C 352 -23.68 8.54 4.00
C LEU C 352 -24.09 8.91 2.62
N GLY C 353 -24.28 10.17 2.38
CA GLY C 353 -24.67 10.60 1.07
C GLY C 353 -26.09 10.25 0.80
N VAL C 354 -26.94 10.40 1.79
CA VAL C 354 -28.33 10.11 1.63
C VAL C 354 -28.96 11.45 1.50
N ALA C 355 -30.19 11.53 1.05
CA ALA C 355 -30.86 12.82 0.92
C ALA C 355 -31.62 13.13 2.16
N ASP C 356 -32.12 12.12 2.85
CA ASP C 356 -32.85 12.33 4.09
C ASP C 356 -32.81 11.12 4.97
N THR C 357 -33.29 11.28 6.21
CA THR C 357 -33.30 10.22 7.21
C THR C 357 -34.52 10.24 8.10
N SER C 358 -35.07 9.07 8.38
CA SER C 358 -36.21 8.99 9.28
C SER C 358 -35.85 9.54 10.65
N LEU C 359 -36.84 10.00 11.36
CA LEU C 359 -36.60 10.45 12.68
C LEU C 359 -36.32 9.21 13.50
N GLU C 360 -36.87 8.10 13.06
CA GLU C 360 -36.68 6.80 13.68
C GLU C 360 -35.26 6.34 13.57
N ALA C 361 -34.71 6.53 12.39
CA ALA C 361 -33.33 6.17 12.08
C ALA C 361 -32.35 7.05 12.85
N ARG C 362 -32.67 8.33 13.01
CA ARG C 362 -31.80 9.24 13.75
C ARG C 362 -31.66 8.81 15.20
N TYR C 363 -32.75 8.32 15.80
CA TYR C 363 -32.68 7.91 17.20
C TYR C 363 -31.92 6.60 17.35
N ILE C 364 -32.06 5.69 16.38
CA ILE C 364 -31.24 4.49 16.37
C ILE C 364 -29.77 4.86 16.21
N THR C 365 -29.47 5.79 15.31
CA THR C 365 -28.11 6.29 15.16
C THR C 365 -27.60 6.88 16.47
N LEU C 366 -28.43 7.70 17.12
CA LEU C 366 -28.03 8.27 18.40
C LEU C 366 -27.84 7.19 19.46
N HIS C 367 -28.66 6.13 19.41
CA HIS C 367 -28.54 5.06 20.39
C HIS C 367 -27.27 4.25 20.17
N VAL C 368 -26.88 4.03 18.92
CA VAL C 368 -25.66 3.30 18.63
C VAL C 368 -24.45 4.10 19.09
N CYS C 369 -24.42 5.39 18.86
CA CYS C 369 -23.32 6.19 19.36
C CYS C 369 -23.25 6.12 20.85
N ASP C 370 -24.39 6.04 21.50
CA ASP C 370 -24.43 6.01 22.93
C ASP C 370 -23.88 4.72 23.45
N LEU C 371 -24.19 3.62 22.83
CA LEU C 371 -23.66 2.37 23.29
C LEU C 371 -22.22 2.20 23.02
N VAL C 372 -21.75 2.70 21.90
CA VAL C 372 -20.32 2.56 21.58
C VAL C 372 -19.48 3.45 22.47
N ALA C 373 -19.87 4.72 22.59
CA ALA C 373 -19.12 5.65 23.44
C ALA C 373 -19.16 5.21 24.90
N GLU C 374 -20.24 4.62 25.33
CA GLU C 374 -20.40 4.17 26.68
C GLU C 374 -19.49 3.04 27.07
N ARG C 375 -19.40 2.04 26.23
CA ARG C 375 -18.51 0.91 26.49
C ARG C 375 -17.05 1.37 26.51
N GLY C 376 -16.67 2.23 25.57
CA GLY C 376 -15.32 2.75 25.56
C GLY C 376 -14.97 3.52 26.82
N ALA C 377 -15.89 4.39 27.27
CA ALA C 377 -15.60 5.20 28.45
C ALA C 377 -15.58 4.37 29.72
N ARG C 378 -16.36 3.33 29.80
CA ARG C 378 -16.36 2.51 30.98
C ARG C 378 -15.14 1.66 31.05
N LEU C 379 -14.75 1.09 29.94
CA LEU C 379 -13.58 0.25 29.88
C LEU C 379 -12.31 1.02 30.15
N ALA C 380 -12.29 2.25 29.75
CA ALA C 380 -11.16 3.12 30.08
C ALA C 380 -11.14 3.44 31.58
N ALA C 381 -12.32 3.66 32.17
CA ALA C 381 -12.38 3.91 33.60
C ALA C 381 -11.93 2.70 34.40
N ALA C 382 -12.27 1.50 33.92
CA ALA C 382 -11.80 0.29 34.59
C ALA C 382 -10.28 0.17 34.51
N GLY C 383 -9.68 0.70 33.44
CA GLY C 383 -8.23 0.68 33.35
C GLY C 383 -7.57 1.63 34.33
N ILE C 384 -8.09 2.86 34.43
CA ILE C 384 -7.59 3.81 35.42
C ILE C 384 -7.73 3.23 36.82
N TYR C 385 -8.81 2.56 37.09
CA TYR C 385 -9.02 1.95 38.38
C TYR C 385 -7.94 0.92 38.61
N GLY C 386 -7.67 0.11 37.63
CA GLY C 386 -6.60 -0.86 37.79
C GLY C 386 -5.27 -0.22 38.17
N ILE C 387 -4.97 0.93 37.56
CA ILE C 387 -3.76 1.67 37.93
C ILE C 387 -3.83 2.08 39.40
N LEU C 388 -4.95 2.66 39.82
CA LEU C 388 -5.11 3.07 41.21
C LEU C 388 -4.98 1.88 42.15
N LYS C 389 -5.43 0.72 41.73
CA LYS C 389 -5.30 -0.49 42.49
C LYS C 389 -3.85 -0.86 42.59
N LYS C 390 -3.08 -0.64 41.54
CA LYS C 390 -1.67 -0.97 41.54
C LYS C 390 -0.91 -0.12 42.50
N LEU C 391 -1.28 1.13 42.55
CA LEU C 391 -0.65 2.04 43.45
C LEU C 391 -1.24 1.98 44.83
N GLY C 392 -2.21 1.13 45.03
CA GLY C 392 -2.89 1.03 46.32
C GLY C 392 -3.67 2.26 46.71
N ARG C 393 -4.26 2.92 45.74
CA ARG C 393 -5.04 4.10 45.98
C ARG C 393 -6.50 3.92 45.75
N ASP C 394 -6.90 2.68 45.61
CA ASP C 394 -8.29 2.37 45.41
C ASP C 394 -9.00 2.33 46.73
N ARG C 395 -8.25 2.42 47.80
CA ARG C 395 -8.82 2.36 49.11
C ARG C 395 -8.06 3.28 49.95
N VAL C 396 -8.75 3.94 50.86
CA VAL C 396 -8.15 4.90 51.76
C VAL C 396 -8.84 4.77 53.09
N PRO C 397 -8.11 4.47 54.25
CA PRO C 397 -6.66 4.28 54.09
C PRO C 397 -6.32 2.95 53.45
N SER C 398 -5.89 1.93 54.16
CA SER C 398 -5.64 1.82 55.60
C SER C 398 -4.41 0.96 55.80
N ASP C 399 -4.09 0.67 57.06
CA ASP C 399 -4.86 1.22 58.18
C ASP C 399 -4.08 2.43 58.63
N GLY C 400 -4.76 3.54 58.90
CA GLY C 400 -4.08 4.79 59.21
C GLY C 400 -3.58 5.23 57.84
N SER C 401 -3.73 6.48 57.44
CA SER C 401 -4.23 7.56 58.25
C SER C 401 -5.22 8.53 57.61
N GLN C 402 -4.77 9.21 56.56
CA GLN C 402 -5.57 10.23 55.88
C GLN C 402 -5.53 10.20 54.36
N LYS C 403 -6.51 10.87 53.77
CA LYS C 403 -6.69 10.97 52.33
C LYS C 403 -5.46 11.45 51.59
N GLN C 404 -4.79 10.54 50.89
CA GLN C 404 -3.63 10.93 50.13
C GLN C 404 -4.06 11.34 48.75
N ARG C 405 -4.11 12.61 48.48
CA ARG C 405 -4.49 13.10 47.17
C ARG C 405 -3.73 12.38 46.12
N THR C 406 -4.43 11.89 45.11
CA THR C 406 -3.75 11.20 44.04
C THR C 406 -4.29 11.86 42.81
N VAL C 407 -3.41 12.29 41.92
CA VAL C 407 -3.82 12.96 40.70
C VAL C 407 -3.54 12.14 39.49
N ILE C 408 -4.35 12.28 38.46
CA ILE C 408 -4.13 11.57 37.21
C ILE C 408 -4.27 12.56 36.07
N ALA C 409 -3.17 12.77 35.34
CA ALA C 409 -3.17 13.72 34.22
C ALA C 409 -3.76 13.05 32.98
N LEU C 410 -4.67 13.74 32.31
CA LEU C 410 -5.32 13.22 31.12
C LEU C 410 -5.06 14.13 29.92
N ASP C 411 -4.83 13.51 28.77
CA ASP C 411 -4.46 14.21 27.55
C ASP C 411 -5.05 13.45 26.36
N GLY C 412 -5.37 14.18 25.31
CA GLY C 412 -5.91 13.57 24.10
C GLY C 412 -7.21 14.21 23.64
N GLY C 413 -7.42 14.18 22.33
CA GLY C 413 -8.60 14.82 21.76
C GLY C 413 -9.89 14.14 22.13
N LEU C 414 -9.88 12.81 22.23
CA LEU C 414 -11.05 12.09 22.72
C LEU C 414 -11.53 12.65 24.05
N TYR C 415 -10.70 12.60 25.07
CA TYR C 415 -11.08 13.08 26.37
C TYR C 415 -11.40 14.56 26.37
N GLU C 416 -10.59 15.33 25.71
CA GLU C 416 -10.79 16.72 25.72
C GLU C 416 -11.99 17.26 24.99
N HIS C 417 -12.38 16.62 23.92
CA HIS C 417 -13.39 17.15 23.02
C HIS C 417 -14.65 16.29 22.90
N TYR C 418 -14.69 15.15 23.50
CA TYR C 418 -15.88 14.37 23.42
C TYR C 418 -16.46 14.46 24.79
N LYS C 419 -17.35 15.39 25.04
CA LYS C 419 -17.92 15.58 26.38
C LYS C 419 -18.61 14.41 26.98
N LYS C 420 -19.54 13.83 26.26
CA LYS C 420 -20.24 12.68 26.76
C LYS C 420 -19.31 11.60 27.18
N PHE C 421 -18.25 11.40 26.43
CA PHE C 421 -17.25 10.39 26.77
C PHE C 421 -16.53 10.75 28.06
N ARG C 422 -16.18 12.00 28.23
CA ARG C 422 -15.48 12.39 29.43
C ARG C 422 -16.29 12.23 30.68
N THR C 423 -17.48 12.77 30.70
CA THR C 423 -18.31 12.69 31.90
C THR C 423 -18.67 11.24 32.24
N CYS C 424 -18.84 10.39 31.23
CA CYS C 424 -19.07 8.97 31.51
C CYS C 424 -17.81 8.32 32.04
N LEU C 425 -16.65 8.73 31.54
CA LEU C 425 -15.37 8.23 32.06
C LEU C 425 -15.24 8.56 33.54
N GLU C 426 -15.43 9.82 33.88
CA GLU C 426 -15.28 10.29 35.24
C GLU C 426 -16.37 9.87 36.17
N ALA C 427 -17.50 9.52 35.64
CA ALA C 427 -18.60 9.10 36.46
C ALA C 427 -18.36 7.68 36.89
N THR C 428 -17.88 6.88 35.99
CA THR C 428 -17.60 5.52 36.25
C THR C 428 -16.42 5.37 37.16
N LEU C 429 -15.42 6.21 36.97
CA LEU C 429 -14.24 6.13 37.80
C LEU C 429 -14.67 6.39 39.22
N ALA C 430 -15.50 7.42 39.40
CA ALA C 430 -16.05 7.72 40.72
C ALA C 430 -16.94 6.59 41.22
N ASP C 431 -17.67 5.94 40.36
CA ASP C 431 -18.50 4.88 40.83
C ASP C 431 -17.64 3.66 41.14
N LEU C 432 -16.65 3.43 40.31
CA LEU C 432 -15.76 2.32 40.48
C LEU C 432 -15.03 2.53 41.76
N LEU C 433 -14.53 3.72 41.96
CA LEU C 433 -13.83 4.06 43.18
C LEU C 433 -15.01 4.23 44.04
N GLY C 434 -14.86 4.12 45.34
CA GLY C 434 -16.00 4.31 46.20
C GLY C 434 -16.21 5.80 46.30
N GLU C 435 -17.00 6.23 47.27
CA GLU C 435 -17.24 7.64 47.48
C GLU C 435 -16.23 8.14 48.50
N GLU C 436 -15.76 7.21 49.30
CA GLU C 436 -14.77 7.47 50.30
C GLU C 436 -13.50 7.86 49.60
N ALA C 437 -13.17 7.10 48.58
CA ALA C 437 -11.97 7.30 47.83
C ALA C 437 -12.14 8.22 46.65
N ALA C 438 -13.31 8.28 46.06
CA ALA C 438 -13.39 9.17 44.90
C ALA C 438 -13.05 10.61 45.28
N SER C 439 -13.37 11.03 46.50
CA SER C 439 -13.04 12.38 46.94
C SER C 439 -11.54 12.61 47.09
N SER C 440 -10.71 11.61 46.81
CA SER C 440 -9.27 11.72 46.93
C SER C 440 -8.55 11.63 45.59
N VAL C 441 -9.26 11.34 44.50
CA VAL C 441 -8.63 11.21 43.20
C VAL C 441 -9.01 12.38 42.33
N VAL C 442 -8.04 12.97 41.65
CA VAL C 442 -8.28 14.13 40.82
C VAL C 442 -7.88 13.87 39.40
N VAL C 443 -8.80 14.07 38.45
CA VAL C 443 -8.58 13.84 37.04
C VAL C 443 -8.25 15.20 36.43
N LYS C 444 -6.98 15.51 36.30
CA LYS C 444 -6.59 16.82 35.79
C LYS C 444 -6.27 16.79 34.31
N LEU C 445 -6.78 17.75 33.54
CA LEU C 445 -6.57 17.90 32.11
C LEU C 445 -5.19 18.50 31.87
N ALA C 446 -4.34 17.78 31.14
CA ALA C 446 -3.00 18.24 30.78
C ALA C 446 -2.79 18.06 29.28
N ASN C 447 -3.60 18.73 28.49
CA ASN C 447 -3.50 18.59 27.07
C ASN C 447 -2.10 18.79 26.60
N ASP C 448 -1.68 18.02 25.62
CA ASP C 448 -0.36 18.15 25.02
C ASP C 448 0.70 18.45 26.07
N GLY C 449 0.61 17.76 27.21
CA GLY C 449 1.56 17.92 28.27
C GLY C 449 2.86 17.18 28.09
N SER C 450 2.98 16.39 27.02
CA SER C 450 4.24 15.74 26.71
C SER C 450 5.22 16.68 26.04
N GLY C 451 4.77 17.77 25.49
CA GLY C 451 5.69 18.68 24.85
C GLY C 451 6.61 19.39 25.82
N ILE C 452 6.07 19.80 26.93
CA ILE C 452 6.85 20.46 27.93
C ILE C 452 7.56 19.40 28.72
N GLY C 453 6.85 18.31 28.95
CA GLY C 453 7.33 17.18 29.68
C GLY C 453 8.58 16.64 29.10
N ALA C 454 8.68 16.63 27.80
CA ALA C 454 9.92 16.17 27.18
C ALA C 454 11.01 17.21 27.27
N ALA C 455 10.64 18.50 27.19
CA ALA C 455 11.64 19.55 27.35
C ALA C 455 12.17 19.59 28.77
N LEU C 456 11.31 19.34 29.75
CA LEU C 456 11.74 19.32 31.15
C LEU C 456 12.70 18.16 31.42
N LEU C 457 12.39 16.98 30.88
CA LEU C 457 13.27 15.84 31.08
C LEU C 457 14.56 15.97 30.28
N ALA C 458 14.50 16.68 29.14
CA ALA C 458 15.73 17.00 28.43
C ALA C 458 16.59 17.97 29.24
N ALA C 459 15.96 18.89 29.97
CA ALA C 459 16.69 19.81 30.83
C ALA C 459 17.44 19.05 31.92
N SER C 460 16.72 18.22 32.69
CA SER C 460 17.34 17.44 33.76
C SER C 460 18.29 16.36 33.23
N HIS C 461 18.57 16.30 31.92
CA HIS C 461 19.52 15.35 31.36
C HIS C 461 20.39 16.04 30.33
N SER C 462 20.74 17.30 30.59
CA SER C 462 21.56 18.09 29.68
C SER C 462 22.99 17.55 29.68
N GLN C 463 23.88 18.28 28.99
CA GLN C 463 25.29 17.87 28.79
C GLN C 463 26.37 18.36 29.71
N TYR C 464 26.43 19.65 30.05
CA TYR C 464 25.57 20.64 29.45
C TYR C 464 26.23 21.43 28.34
N ALA C 465 25.47 22.22 27.64
CA ALA C 465 25.86 22.78 26.35
C ALA C 465 25.75 21.75 25.23
PB ADP D . -6.67 -21.08 -0.56
O1B ADP D . -6.52 -21.47 -1.95
O2B ADP D . -5.53 -21.48 0.21
O3B ADP D . -7.07 -19.71 -0.49
PA ADP D . -8.91 -22.88 -0.11
O1A ADP D . -8.35 -24.07 -0.67
O2A ADP D . -9.58 -23.29 1.08
O3A ADP D . -7.81 -21.80 0.22
O5' ADP D . -10.02 -22.27 -1.00
C5' ADP D . -10.63 -21.02 -0.82
C4' ADP D . -10.94 -20.46 -2.18
O4' ADP D . -11.95 -21.25 -2.71
C3' ADP D . -11.53 -19.12 -2.10
O3' ADP D . -10.54 -18.20 -2.38
C2' ADP D . -12.51 -19.07 -3.20
O2' ADP D . -11.90 -18.43 -4.27
C1' ADP D . -12.85 -20.49 -3.46
N9 ADP D . -14.20 -20.77 -2.97
C8 ADP D . -14.56 -20.98 -1.72
N7 ADP D . -15.85 -21.19 -1.65
C5 ADP D . -16.30 -21.13 -2.88
C6 ADP D . -17.58 -21.22 -3.46
N6 ADP D . -18.59 -21.47 -2.65
N1 ADP D . -17.69 -21.07 -4.77
C2 ADP D . -16.66 -20.81 -5.49
N3 ADP D . -15.46 -20.69 -5.01
C4 ADP D . -15.23 -20.84 -3.73
P PO4 E . -4.54 -25.73 1.13
O1 PO4 E . -4.61 -27.16 1.60
O2 PO4 E . -4.22 -24.83 2.30
O3 PO4 E . -5.86 -25.32 0.54
O4 PO4 E . -3.46 -25.60 0.09
MG MG F . -10.59 -24.55 2.74
C2 BGC G . 0.79 -20.91 -6.01
C3 BGC G . 1.22 -22.27 -5.62
C4 BGC G . 0.12 -23.05 -4.96
C5 BGC G . -1.16 -23.05 -5.80
C6 BGC G . -2.25 -23.71 -5.00
C1 BGC G . -0.49 -20.92 -6.84
O1 BGC G . -0.91 -19.64 -7.03
O2 BGC G . 1.83 -20.28 -6.78
O3 BGC G . 2.34 -22.16 -4.70
O4 BGC G . 0.56 -24.38 -4.77
O5 BGC G . -1.59 -21.69 -6.17
O6 BGC G . -2.77 -22.78 -4.08
PB ADP H . 4.80 10.31 -19.19
O1B ADP H . 6.03 9.57 -19.34
O2B ADP H . 5.00 11.71 -18.98
O3B ADP H . 3.92 9.74 -18.23
PA ADP H . 3.95 11.04 -21.70
O1A ADP H . 3.75 10.29 -22.90
O2A ADP H . 5.06 11.95 -21.63
O3A ADP H . 4.03 10.10 -20.51
O5' ADP H . 2.61 11.75 -21.44
C5' ADP H . 1.46 11.13 -20.95
C4' ADP H . 0.76 12.19 -20.13
O4' ADP H . 0.34 13.23 -20.94
C3' ADP H . -0.46 11.65 -19.51
O3' ADP H . -0.26 11.60 -18.15
C2' ADP H . -1.36 12.81 -19.54
O2' ADP H . -1.28 13.27 -18.23
C1' ADP H . -0.85 13.79 -20.51
N9 ADP H . -1.84 13.61 -21.56
C8 ADP H . -1.88 12.57 -22.33
N7 ADP H . -2.89 12.69 -23.15
C5 ADP H . -3.52 13.80 -22.87
C6 ADP H . -4.70 14.49 -23.36
N6 ADP H . -5.42 13.99 -24.34
N1 ADP H . -5.04 15.61 -22.77
C2 ADP H . -4.35 16.11 -21.79
N3 ADP H . -3.29 15.55 -21.29
C4 ADP H . -2.84 14.40 -21.80
P PO4 I . 8.91 10.85 -22.01
O1 PO4 I . 8.75 9.45 -21.46
O2 PO4 I . 9.26 11.80 -20.90
O3 PO4 I . 10.01 10.86 -23.05
O4 PO4 I . 7.60 11.28 -22.66
MG MG J . 3.92 9.02 -25.00
C2 BGC K . 10.40 14.08 -12.68
C3 BGC K . 11.55 14.47 -13.50
C4 BGC K . 11.35 14.42 -14.98
C5 BGC K . 9.97 14.93 -15.35
C6 BGC K . 9.55 14.35 -16.61
C1 BGC K . 9.37 15.07 -13.08
O1 BGC K . 8.32 14.97 -12.32
O2 BGC K . 10.64 14.00 -11.28
O3 BGC K . 12.66 13.64 -13.26
O4 BGC K . 12.21 15.40 -15.47
O5 BGC K . 9.00 14.53 -14.37
O6 BGC K . 8.50 13.51 -16.43
PB ADP L . -3.34 12.16 18.48
O1B ADP L . -3.70 11.47 17.19
O2B ADP L . -1.87 12.42 18.66
O3B ADP L . -4.03 11.59 19.69
PA ADP L . -4.50 14.44 19.61
O1A ADP L . -3.80 13.87 20.83
O2A ADP L . -4.41 15.92 19.30
O3A ADP L . -3.99 13.63 18.32
O5' ADP L . -6.06 14.04 19.68
C5' ADP L . -6.85 14.03 18.50
C4' ADP L . -7.64 12.73 18.43
O4' ADP L . -8.82 12.84 19.24
C3' ADP L . -8.09 12.42 17.01
O3' ADP L . -7.55 11.17 16.59
C2' ADP L . -9.60 12.36 17.04
O2' ADP L . -10.04 11.06 16.64
C1' ADP L . -10.01 12.63 18.48
N9 ADP L . -10.86 13.83 18.54
C8 ADP L . -10.46 15.10 18.29
N7 ADP L . -11.48 15.98 18.43
C5 ADP L . -12.57 15.27 18.79
C6 ADP L . -13.99 15.58 19.10
N6 ADP L . -14.45 16.86 19.07
N1 ADP L . -14.80 14.55 19.43
C2 ADP L . -14.35 13.28 19.48
N3 ADP L . -13.08 12.93 19.21
C4 ADP L . -12.16 13.87 18.86
P PO4 M . 0.05 13.84 22.33
O1 PO4 M . 0.80 12.82 23.16
O2 PO4 M . 0.82 14.13 21.07
O3 PO4 M . -1.31 13.30 21.98
O4 PO4 M . -0.12 15.11 23.12
MG MG N . -3.49 18.59 19.55
C2 BGC O . 0.56 3.93 21.39
C3 BGC O . 1.13 4.49 22.64
C4 BGC O . 0.65 5.89 22.89
C5 BGC O . -0.87 6.01 22.80
C6 BGC O . -1.25 7.45 22.84
C1 BGC O . -0.94 3.97 21.45
O1 BGC O . -1.48 3.44 20.32
O2 BGC O . 0.98 2.55 21.26
O3 BGC O . 2.59 4.49 22.51
O4 BGC O . 1.06 6.26 24.20
O5 BGC O . -1.42 5.39 21.59
O6 BGC O . -1.55 7.92 21.54
#